data_5XA3
#
_entry.id   5XA3
#
_cell.length_a   126.234
_cell.length_b   58.522
_cell.length_c   145.952
_cell.angle_alpha   90.00
_cell.angle_beta   90.02
_cell.angle_gamma   90.00
#
_symmetry.space_group_name_H-M   'P 1 21 1'
#
loop_
_entity.id
_entity.type
_entity.pdbx_description
1 polymer 'Bifunctional cytochrome P450/NADPH-P450 reductase'
2 non-polymer 'PROTOPORPHYRIN IX CONTAINING FE'
3 non-polymer 'DIMETHYL SULFOXIDE'
4 non-polymer PROLINE
5 non-polymer PHENYLALANINE
6 non-polymer 'benzyl chlorocarbonate'
7 water water
#
_entity_poly.entity_id   1
_entity_poly.type   'polypeptide(L)'
_entity_poly.pdbx_seq_one_letter_code
;MTIKEMPQPKTFGELKNLPLLNTDKPVQALMKIADELGEIFKFEAPGRVTRYLSSQRLIKEACDESRFDKNLSQALKFVR
DFAGDGLFTSWTHEKNWKKAHNILLPSFSQQAMKGYHAMMVDIAVQLVQKWERLNADEHIEVPEDMTRLTLDTIGLCGFN
YRFNSFYRDQPHPFITSMVRALDEAMNKLQRANPDDPAYDENKRQFQEDIKVMNDLVDKIIADRKASGEQSDDLLTHMLN
GKDPETGEPLDDENIRYQIITFLIAGHETTSGLLSFALYFLVKNPHVLQKAAEEAARVLVDPVPSYKQVKQLKYVGMVLN
EALRLWPTAPAFSLYAKEDTVLGGEYPLEKGDELMVLIPQLHRDKTIWGDDVEEFRPERFENPSAIPQHAFKPFGNGQRA
CIGQQFALHEATLVLGMMLKHFDFEDHTNYELDIKETLTLKPEGFVVKAKSKKIPL
;
_entity_poly.pdbx_strand_id   A,B,C,D
#
# COMPACT_ATOMS: atom_id res chain seq x y z
N LYS A 4 -5.43 36.85 13.60
CA LYS A 4 -5.47 36.58 12.12
C LYS A 4 -6.91 36.56 11.60
N GLU A 5 -7.13 37.22 10.46
CA GLU A 5 -8.48 37.33 9.87
C GLU A 5 -8.83 36.01 9.18
N MET A 6 -9.99 35.44 9.53
CA MET A 6 -10.42 34.14 9.03
C MET A 6 -10.92 34.27 7.59
N PRO A 7 -10.43 33.41 6.68
CA PRO A 7 -10.98 33.36 5.31
C PRO A 7 -12.49 33.11 5.27
N GLN A 8 -13.17 33.70 4.29
CA GLN A 8 -14.61 33.55 4.14
C GLN A 8 -14.97 33.61 2.64
N PRO A 9 -15.87 32.72 2.18
CA PRO A 9 -16.26 32.75 0.77
C PRO A 9 -17.17 33.93 0.43
N LYS A 10 -17.49 34.05 -0.85
CA LYS A 10 -18.28 35.17 -1.38
C LYS A 10 -19.64 35.35 -0.72
N THR A 11 -19.97 36.60 -0.39
CA THR A 11 -21.23 36.94 0.28
C THR A 11 -22.27 37.46 -0.71
N PHE A 12 -23.53 37.44 -0.28
CA PHE A 12 -24.67 37.82 -1.10
C PHE A 12 -25.50 38.89 -0.35
N GLY A 13 -24.82 39.96 0.06
CA GLY A 13 -25.45 41.05 0.81
C GLY A 13 -26.00 40.61 2.16
N GLU A 14 -27.26 40.95 2.42
CA GLU A 14 -27.95 40.57 3.67
C GLU A 14 -28.11 39.05 3.89
N LEU A 15 -28.19 38.28 2.80
CA LEU A 15 -28.25 36.81 2.89
C LEU A 15 -26.92 36.13 3.25
N LYS A 16 -25.81 36.89 3.23
CA LYS A 16 -24.50 36.42 3.67
C LYS A 16 -24.00 35.28 2.75
N ASN A 17 -23.55 34.15 3.31
CA ASN A 17 -23.07 33.02 2.50
C ASN A 17 -24.17 31.98 2.17
N LEU A 18 -25.39 32.19 2.65
CA LEU A 18 -26.45 31.18 2.57
C LEU A 18 -26.81 30.71 1.14
N PRO A 19 -26.80 31.63 0.15
CA PRO A 19 -27.05 31.19 -1.23
C PRO A 19 -26.01 30.23 -1.84
N LEU A 20 -24.84 30.09 -1.23
CA LEU A 20 -23.86 29.07 -1.63
C LEU A 20 -24.40 27.65 -1.45
N LEU A 21 -25.21 27.44 -0.41
CA LEU A 21 -25.86 26.15 -0.17
C LEU A 21 -27.10 25.90 -1.04
N ASN A 22 -27.66 26.94 -1.64
CA ASN A 22 -28.75 26.81 -2.62
C ASN A 22 -28.22 26.18 -3.92
N THR A 23 -28.03 24.87 -3.85
CA THR A 23 -27.42 24.06 -4.90
C THR A 23 -27.67 22.61 -4.52
N ASP A 24 -27.78 21.72 -5.51
CA ASP A 24 -28.04 20.29 -5.22
C ASP A 24 -26.77 19.50 -4.83
N LYS A 25 -25.60 20.14 -4.80
CA LYS A 25 -24.36 19.53 -4.30
C LYS A 25 -23.62 20.46 -3.32
N PRO A 26 -24.19 20.70 -2.12
CA PRO A 26 -23.60 21.63 -1.14
C PRO A 26 -22.27 21.19 -0.53
N VAL A 27 -22.15 19.90 -0.18
CA VAL A 27 -20.89 19.36 0.38
C VAL A 27 -19.74 19.52 -0.62
N GLN A 28 -19.98 19.16 -1.87
CA GLN A 28 -18.97 19.30 -2.94
C GLN A 28 -18.61 20.76 -3.23
N ALA A 29 -19.58 21.67 -3.10
CA ALA A 29 -19.31 23.11 -3.17
C ALA A 29 -18.42 23.57 -2.01
N LEU A 30 -18.78 23.13 -0.80
CA LEU A 30 -17.97 23.40 0.40
C LEU A 30 -16.55 22.82 0.32
N MET A 31 -16.42 21.67 -0.33
CA MET A 31 -15.10 21.07 -0.61
C MET A 31 -14.26 21.95 -1.55
N LYS A 32 -14.89 22.47 -2.59
CA LYS A 32 -14.24 23.40 -3.53
C LYS A 32 -13.83 24.71 -2.85
N ILE A 33 -14.71 25.25 -2.00
CA ILE A 33 -14.38 26.44 -1.18
C ILE A 33 -13.20 26.16 -0.25
N ALA A 34 -13.15 24.98 0.34
CA ALA A 34 -12.05 24.57 1.22
C ALA A 34 -10.71 24.49 0.49
N ASP A 35 -10.71 23.99 -0.76
CA ASP A 35 -9.51 24.00 -1.60
C ASP A 35 -8.99 25.43 -1.84
N GLU A 36 -9.91 26.36 -2.08
CA GLU A 36 -9.56 27.75 -2.35
C GLU A 36 -9.08 28.52 -1.12
N LEU A 37 -9.76 28.34 0.01
CA LEU A 37 -9.50 29.12 1.24
C LEU A 37 -8.61 28.43 2.27
N GLY A 38 -8.55 27.10 2.27
CA GLY A 38 -7.62 26.34 3.11
C GLY A 38 -8.26 25.62 4.28
N GLU A 39 -7.48 25.46 5.34
CA GLU A 39 -7.84 24.59 6.48
C GLU A 39 -9.07 25.02 7.30
N ILE A 40 -9.36 26.31 7.31
CA ILE A 40 -10.52 26.85 8.02
C ILE A 40 -11.14 28.01 7.24
N PHE A 41 -12.47 28.06 7.21
CA PHE A 41 -13.16 29.24 6.73
C PHE A 41 -14.47 29.49 7.48
N LYS A 42 -14.80 30.77 7.63
CA LYS A 42 -16.04 31.20 8.28
C LYS A 42 -17.19 31.03 7.30
N PHE A 43 -18.37 30.72 7.84
CA PHE A 43 -19.59 30.62 7.04
C PHE A 43 -20.75 31.21 7.85
N GLU A 44 -21.41 32.20 7.26
CA GLU A 44 -22.47 32.97 7.92
C GLU A 44 -23.76 32.89 7.11
N ALA A 45 -24.87 32.76 7.83
CA ALA A 45 -26.21 32.92 7.27
C ALA A 45 -26.94 33.94 8.15
N PRO A 46 -28.15 34.37 7.75
CA PRO A 46 -28.88 35.28 8.64
C PRO A 46 -29.12 34.68 10.03
N GLY A 47 -28.56 35.32 11.05
CA GLY A 47 -28.73 34.91 12.44
C GLY A 47 -28.00 33.66 12.89
N ARG A 48 -26.92 33.28 12.18
CA ARG A 48 -26.10 32.13 12.57
C ARG A 48 -24.73 32.10 11.88
N VAL A 49 -23.77 31.46 12.54
CA VAL A 49 -22.39 31.36 12.03
C VAL A 49 -21.78 30.00 12.39
N THR A 50 -20.91 29.51 11.51
CA THR A 50 -20.07 28.34 11.81
C THR A 50 -18.73 28.46 11.10
N ARG A 51 -17.83 27.54 11.43
CA ARG A 51 -16.48 27.49 10.88
C ARG A 51 -16.21 26.09 10.34
N TYR A 52 -15.90 25.99 9.04
CA TYR A 52 -15.65 24.70 8.39
C TYR A 52 -14.18 24.33 8.48
N LEU A 53 -13.89 23.15 9.04
CA LEU A 53 -12.52 22.67 9.23
C LEU A 53 -12.17 21.57 8.24
N SER A 54 -10.97 21.65 7.66
CA SER A 54 -10.52 20.74 6.59
C SER A 54 -9.16 20.04 6.81
N SER A 55 -8.41 20.43 7.85
CA SER A 55 -7.07 19.88 8.10
C SER A 55 -7.06 19.01 9.35
N GLN A 56 -6.20 17.98 9.35
CA GLN A 56 -6.01 17.12 10.51
C GLN A 56 -5.53 17.92 11.73
N ARG A 57 -4.69 18.93 11.50
CA ARG A 57 -4.12 19.77 12.57
C ARG A 57 -5.20 20.44 13.43
N LEU A 58 -6.21 21.01 12.79
CA LEU A 58 -7.31 21.68 13.50
C LEU A 58 -8.39 20.71 13.98
N ILE A 59 -8.68 19.69 13.16
CA ILE A 59 -9.73 18.71 13.47
C ILE A 59 -9.35 17.82 14.67
N LYS A 60 -8.06 17.51 14.85
CA LYS A 60 -7.62 16.74 16.03
C LYS A 60 -7.92 17.49 17.34
N GLU A 61 -7.75 18.82 17.34
CA GLU A 61 -8.17 19.66 18.47
C GLU A 61 -9.69 19.71 18.63
N ALA A 62 -10.40 19.85 17.51
CA ALA A 62 -11.88 19.82 17.51
C ALA A 62 -12.44 18.50 18.06
N CYS A 63 -11.70 17.42 17.85
CA CYS A 63 -12.07 16.09 18.37
C CYS A 63 -11.67 15.84 19.85
N ASP A 64 -11.09 16.83 20.52
CA ASP A 64 -10.84 16.78 21.96
C ASP A 64 -12.17 16.94 22.71
N GLU A 65 -12.63 15.85 23.32
CA GLU A 65 -13.94 15.80 23.95
C GLU A 65 -14.07 16.66 25.21
N SER A 66 -12.95 16.98 25.86
CA SER A 66 -12.95 17.91 26.99
C SER A 66 -13.24 19.36 26.59
N ARG A 67 -12.95 19.71 25.32
CA ARG A 67 -13.14 21.06 24.78
C ARG A 67 -14.36 21.24 23.87
N PHE A 68 -14.71 20.20 23.10
CA PHE A 68 -15.82 20.27 22.15
C PHE A 68 -16.74 19.05 22.28
N ASP A 69 -18.02 19.26 21.98
CA ASP A 69 -19.05 18.23 22.07
C ASP A 69 -19.87 18.27 20.78
N LYS A 70 -20.57 17.17 20.46
CA LYS A 70 -21.43 17.12 19.27
C LYS A 70 -22.49 18.23 19.30
N ASN A 71 -22.60 18.93 18.17
CA ASN A 71 -23.65 19.91 17.92
C ASN A 71 -24.62 19.31 16.91
N LEU A 72 -25.89 19.63 17.05
CA LEU A 72 -26.89 19.34 16.03
C LEU A 72 -26.83 20.46 15.01
N SER A 73 -26.43 20.13 13.78
CA SER A 73 -26.45 21.07 12.67
C SER A 73 -27.90 21.47 12.36
N GLN A 74 -28.07 22.47 11.51
CA GLN A 74 -29.41 22.88 11.08
C GLN A 74 -30.17 21.75 10.40
N ALA A 75 -29.48 20.93 9.61
CA ALA A 75 -30.07 19.77 8.96
C ALA A 75 -30.54 18.71 9.96
N LEU A 76 -29.68 18.41 10.94
CA LEU A 76 -30.03 17.45 12.01
C LEU A 76 -31.17 17.93 12.90
N LYS A 77 -31.25 19.24 13.15
CA LYS A 77 -32.39 19.82 13.88
C LYS A 77 -33.73 19.61 13.18
N PHE A 78 -33.71 19.69 11.85
CA PHE A 78 -34.90 19.35 11.05
C PHE A 78 -35.18 17.85 11.04
N VAL A 79 -34.12 17.04 10.96
CA VAL A 79 -34.25 15.57 11.04
C VAL A 79 -34.76 15.13 12.43
N ARG A 80 -34.42 15.90 13.47
CA ARG A 80 -34.90 15.67 14.84
C ARG A 80 -36.44 15.68 14.97
N ASP A 81 -37.13 16.37 14.06
CA ASP A 81 -38.61 16.36 14.04
C ASP A 81 -39.22 14.98 13.74
N PHE A 82 -38.47 14.06 13.14
CA PHE A 82 -38.89 12.65 13.02
C PHE A 82 -37.94 11.61 13.65
N ALA A 83 -36.67 11.95 13.84
CA ALA A 83 -35.74 11.09 14.57
C ALA A 83 -35.74 11.34 16.09
N GLY A 84 -36.44 12.38 16.55
CA GLY A 84 -36.62 12.68 17.97
C GLY A 84 -35.33 12.73 18.78
N ASP A 85 -35.36 12.18 19.98
CA ASP A 85 -34.16 12.06 20.82
C ASP A 85 -33.54 10.65 20.73
N GLY A 86 -33.55 10.06 19.52
CA GLY A 86 -32.73 8.89 19.23
C GLY A 86 -31.26 9.26 19.28
N LEU A 87 -30.40 8.25 19.19
CA LEU A 87 -28.94 8.43 19.35
C LEU A 87 -28.34 9.48 18.42
N PHE A 88 -28.83 9.53 17.18
CA PHE A 88 -28.26 10.37 16.12
C PHE A 88 -28.61 11.85 16.27
N THR A 89 -29.85 12.15 16.70
CA THR A 89 -30.35 13.53 16.79
C THR A 89 -30.52 14.06 18.22
N SER A 90 -29.97 13.35 19.22
CA SER A 90 -30.02 13.80 20.61
C SER A 90 -28.72 14.48 21.03
N TRP A 91 -28.84 15.42 21.97
CA TRP A 91 -27.67 16.09 22.55
C TRP A 91 -27.05 15.15 23.58
N THR A 92 -25.73 15.26 23.75
CA THR A 92 -24.98 14.44 24.73
C THR A 92 -25.53 14.55 26.16
N HIS A 93 -25.95 15.75 26.52
CA HIS A 93 -26.48 16.06 27.87
C HIS A 93 -27.95 15.65 28.09
N GLU A 94 -28.66 15.21 27.04
CA GLU A 94 -30.00 14.65 27.20
C GLU A 94 -29.90 13.27 27.83
N LYS A 95 -30.76 13.01 28.81
CA LYS A 95 -30.77 11.75 29.57
C LYS A 95 -30.88 10.52 28.66
N ASN A 96 -31.75 10.61 27.64
CA ASN A 96 -31.97 9.49 26.71
C ASN A 96 -30.78 9.13 25.82
N TRP A 97 -29.81 10.05 25.61
CA TRP A 97 -28.64 9.70 24.81
C TRP A 97 -27.80 8.65 25.52
N LYS A 98 -27.36 8.99 26.74
CA LYS A 98 -26.50 8.09 27.53
C LYS A 98 -27.21 6.77 27.84
N LYS A 99 -28.52 6.84 28.16
CA LYS A 99 -29.34 5.63 28.38
C LYS A 99 -29.30 4.69 27.18
N ALA A 100 -29.67 5.22 26.02
CA ALA A 100 -29.70 4.43 24.79
C ALA A 100 -28.31 3.94 24.39
N HIS A 101 -27.31 4.80 24.57
CA HIS A 101 -25.92 4.47 24.27
C HIS A 101 -25.41 3.26 25.07
N ASN A 102 -25.61 3.30 26.39
CA ASN A 102 -25.18 2.20 27.28
C ASN A 102 -25.95 0.91 27.00
N ILE A 103 -27.25 1.05 26.75
CA ILE A 103 -28.12 -0.09 26.42
C ILE A 103 -27.73 -0.75 25.09
N LEU A 104 -27.52 0.06 24.06
CA LEU A 104 -27.30 -0.44 22.69
C LEU A 104 -25.84 -0.80 22.31
N LEU A 105 -24.85 -0.28 23.04
CA LEU A 105 -23.43 -0.56 22.72
C LEU A 105 -23.09 -2.05 22.56
N PRO A 106 -23.48 -2.91 23.53
CA PRO A 106 -23.24 -4.35 23.40
C PRO A 106 -23.95 -5.02 22.21
N SER A 107 -25.11 -4.49 21.81
CA SER A 107 -25.83 -5.01 20.64
C SER A 107 -25.18 -4.65 19.30
N PHE A 108 -24.28 -3.66 19.29
CA PHE A 108 -23.57 -3.23 18.07
C PHE A 108 -22.07 -3.57 18.06
N SER A 109 -21.61 -4.36 19.05
CA SER A 109 -20.19 -4.71 19.17
C SER A 109 -19.75 -5.69 18.10
N GLN A 110 -18.44 -5.93 18.03
CA GLN A 110 -17.87 -6.92 17.11
C GLN A 110 -18.38 -8.35 17.43
N GLN A 111 -18.53 -8.67 18.71
CA GLN A 111 -19.09 -9.97 19.11
C GLN A 111 -20.54 -10.14 18.69
N ALA A 112 -21.33 -9.08 18.76
CA ALA A 112 -22.74 -9.12 18.35
C ALA A 112 -22.93 -9.43 16.86
N MET A 113 -21.92 -9.09 16.04
CA MET A 113 -21.93 -9.39 14.61
C MET A 113 -22.00 -10.89 14.28
N LYS A 114 -21.49 -11.73 15.18
CA LYS A 114 -21.65 -13.19 15.07
C LYS A 114 -23.13 -13.59 15.08
N GLY A 115 -23.93 -12.90 15.90
CA GLY A 115 -25.38 -13.11 15.95
C GLY A 115 -26.13 -12.70 14.69
N TYR A 116 -25.78 -11.54 14.14
CA TYR A 116 -26.46 -11.02 12.94
C TYR A 116 -26.04 -11.68 11.64
N HIS A 117 -24.88 -12.34 11.64
CA HIS A 117 -24.26 -12.87 10.42
C HIS A 117 -25.22 -13.70 9.56
N ALA A 118 -25.94 -14.62 10.19
CA ALA A 118 -26.86 -15.52 9.48
C ALA A 118 -27.88 -14.75 8.63
N MET A 119 -28.51 -13.76 9.26
N MET A 119 -28.52 -13.75 9.23
CA MET A 119 -29.50 -12.90 8.61
CA MET A 119 -29.53 -12.96 8.52
C MET A 119 -28.91 -11.97 7.55
C MET A 119 -28.92 -11.93 7.55
N MET A 120 -27.66 -11.54 7.75
CA MET A 120 -26.93 -10.73 6.75
C MET A 120 -26.66 -11.55 5.49
N VAL A 121 -26.29 -12.81 5.68
CA VAL A 121 -26.07 -13.73 4.57
C VAL A 121 -27.37 -13.98 3.79
N ASP A 122 -28.49 -14.12 4.51
CA ASP A 122 -29.83 -14.26 3.92
C ASP A 122 -30.06 -13.19 2.84
N ILE A 123 -29.83 -11.93 3.19
CA ILE A 123 -30.05 -10.80 2.25
C ILE A 123 -28.97 -10.77 1.18
N ALA A 124 -27.71 -11.03 1.56
CA ALA A 124 -26.59 -11.05 0.62
C ALA A 124 -26.76 -12.11 -0.47
N VAL A 125 -27.26 -13.29 -0.09
CA VAL A 125 -27.59 -14.35 -1.05
C VAL A 125 -28.69 -13.89 -2.01
N GLN A 126 -29.70 -13.17 -1.52
CA GLN A 126 -30.75 -12.60 -2.38
C GLN A 126 -30.20 -11.63 -3.44
N LEU A 127 -29.18 -10.84 -3.08
CA LEU A 127 -28.49 -9.98 -4.05
C LEU A 127 -27.76 -10.80 -5.11
N VAL A 128 -26.99 -11.79 -4.67
CA VAL A 128 -26.21 -12.62 -5.60
C VAL A 128 -27.16 -13.35 -6.56
N GLN A 129 -28.23 -13.95 -6.03
CA GLN A 129 -29.19 -14.66 -6.86
C GLN A 129 -29.92 -13.76 -7.85
N LYS A 130 -30.22 -12.51 -7.48
CA LYS A 130 -30.78 -11.53 -8.44
C LYS A 130 -29.85 -11.35 -9.63
N TRP A 131 -28.57 -11.11 -9.36
CA TRP A 131 -27.56 -10.86 -10.39
C TRP A 131 -27.25 -12.09 -11.22
N GLU A 132 -27.22 -13.26 -10.57
CA GLU A 132 -27.09 -14.56 -11.27
C GLU A 132 -28.22 -14.79 -12.28
N ARG A 133 -29.42 -14.33 -11.95
CA ARG A 133 -30.62 -14.55 -12.76
C ARG A 133 -30.87 -13.50 -13.85
N LEU A 134 -30.00 -12.48 -13.95
CA LEU A 134 -30.08 -11.53 -15.06
C LEU A 134 -29.71 -12.21 -16.38
N ASN A 135 -30.34 -11.75 -17.45
CA ASN A 135 -30.05 -12.25 -18.80
C ASN A 135 -28.82 -11.55 -19.35
N ALA A 136 -28.22 -12.11 -20.40
CA ALA A 136 -27.03 -11.53 -21.02
C ALA A 136 -27.32 -10.14 -21.57
N ASP A 137 -26.36 -9.23 -21.41
CA ASP A 137 -26.46 -7.81 -21.81
C ASP A 137 -27.46 -6.94 -21.00
N GLU A 138 -28.10 -7.50 -19.98
CA GLU A 138 -28.81 -6.69 -18.98
C GLU A 138 -27.79 -6.13 -18.01
N HIS A 139 -28.08 -4.97 -17.44
CA HIS A 139 -27.16 -4.30 -16.52
C HIS A 139 -27.75 -4.12 -15.13
N ILE A 140 -26.86 -3.80 -14.19
CA ILE A 140 -27.20 -3.58 -12.80
C ILE A 140 -27.24 -2.08 -12.52
N GLU A 141 -28.23 -1.65 -11.74
CA GLU A 141 -28.29 -0.29 -11.20
C GLU A 141 -27.74 -0.39 -9.78
N VAL A 142 -26.48 0.00 -9.60
CA VAL A 142 -25.70 -0.35 -8.39
C VAL A 142 -26.24 0.29 -7.09
N PRO A 143 -26.33 1.64 -7.02
CA PRO A 143 -26.86 2.26 -5.78
C PRO A 143 -28.24 1.74 -5.39
N GLU A 144 -29.10 1.55 -6.39
CA GLU A 144 -30.45 1.05 -6.19
C GLU A 144 -30.43 -0.36 -5.58
N ASP A 145 -29.61 -1.25 -6.14
CA ASP A 145 -29.49 -2.62 -5.62
C ASP A 145 -28.76 -2.72 -4.28
N MET A 146 -27.75 -1.89 -4.05
CA MET A 146 -27.08 -1.83 -2.74
C MET A 146 -28.04 -1.33 -1.65
N THR A 147 -28.89 -0.36 -2.00
CA THR A 147 -29.91 0.15 -1.07
C THR A 147 -30.95 -0.92 -0.71
N ARG A 148 -31.40 -1.70 -1.69
CA ARG A 148 -32.24 -2.87 -1.44
C ARG A 148 -31.64 -3.78 -0.37
N LEU A 149 -30.35 -4.07 -0.53
CA LEU A 149 -29.64 -4.96 0.38
C LEU A 149 -29.49 -4.38 1.78
N THR A 150 -29.01 -3.14 1.88
CA THR A 150 -28.72 -2.54 3.18
C THR A 150 -29.98 -2.25 3.99
N LEU A 151 -31.02 -1.75 3.33
CA LEU A 151 -32.34 -1.57 3.96
C LEU A 151 -32.91 -2.88 4.50
N ASP A 152 -32.85 -3.94 3.68
CA ASP A 152 -33.34 -5.26 4.09
C ASP A 152 -32.56 -5.83 5.27
N THR A 153 -31.24 -5.65 5.25
CA THR A 153 -30.37 -6.17 6.29
C THR A 153 -30.67 -5.57 7.67
N ILE A 154 -30.79 -4.24 7.73
CA ILE A 154 -31.13 -3.58 9.01
C ILE A 154 -32.54 -3.90 9.49
N GLY A 155 -33.50 -3.97 8.56
CA GLY A 155 -34.86 -4.39 8.88
C GLY A 155 -34.92 -5.79 9.48
N LEU A 156 -34.19 -6.71 8.86
CA LEU A 156 -34.20 -8.11 9.27
C LEU A 156 -33.39 -8.34 10.55
N CYS A 157 -32.14 -7.89 10.55
CA CYS A 157 -31.25 -8.04 11.71
C CYS A 157 -31.71 -7.23 12.92
N GLY A 158 -32.30 -6.06 12.67
CA GLY A 158 -32.68 -5.14 13.72
C GLY A 158 -33.99 -5.46 14.42
N PHE A 159 -35.03 -5.72 13.62
N PHE A 159 -35.07 -5.68 13.66
CA PHE A 159 -36.41 -5.86 14.11
CA PHE A 159 -36.37 -5.98 14.26
C PHE A 159 -37.18 -7.06 13.54
C PHE A 159 -37.18 -7.04 13.52
N ASN A 160 -36.47 -8.03 12.96
CA ASN A 160 -37.09 -9.20 12.31
C ASN A 160 -38.23 -8.87 11.33
N TYR A 161 -38.04 -7.81 10.56
CA TYR A 161 -39.01 -7.35 9.59
C TYR A 161 -38.39 -7.45 8.20
N ARG A 162 -39.12 -8.06 7.27
CA ARG A 162 -38.67 -8.21 5.90
C ARG A 162 -39.31 -7.15 5.00
N PHE A 163 -38.51 -6.17 4.61
CA PHE A 163 -38.93 -5.17 3.61
C PHE A 163 -39.13 -5.78 2.22
N ASN A 164 -38.46 -6.90 1.95
CA ASN A 164 -38.57 -7.63 0.67
C ASN A 164 -38.32 -6.71 -0.54
N SER A 165 -37.26 -5.92 -0.46
CA SER A 165 -36.90 -4.96 -1.50
C SER A 165 -36.51 -5.60 -2.83
N PHE A 166 -35.97 -6.81 -2.79
CA PHE A 166 -35.67 -7.57 -4.02
C PHE A 166 -36.91 -8.19 -4.69
N TYR A 167 -38.08 -8.05 -4.08
CA TYR A 167 -39.36 -8.41 -4.70
C TYR A 167 -40.16 -7.20 -5.22
N ARG A 168 -39.54 -6.01 -5.25
CA ARG A 168 -40.24 -4.76 -5.53
C ARG A 168 -39.46 -3.84 -6.47
N ASP A 169 -40.21 -3.03 -7.22
CA ASP A 169 -39.68 -1.83 -7.91
C ASP A 169 -39.96 -0.60 -7.07
N GLN A 170 -41.21 -0.45 -6.62
CA GLN A 170 -41.62 0.68 -5.77
C GLN A 170 -41.33 0.38 -4.30
N PRO A 171 -40.72 1.35 -3.59
CA PRO A 171 -40.29 1.08 -2.20
C PRO A 171 -41.42 0.98 -1.18
N HIS A 172 -41.07 0.54 0.01
CA HIS A 172 -42.00 0.37 1.13
C HIS A 172 -42.60 1.74 1.52
N PRO A 173 -43.91 1.79 1.89
CA PRO A 173 -44.52 3.07 2.28
C PRO A 173 -43.76 3.89 3.34
N PHE A 174 -43.14 3.21 4.30
CA PHE A 174 -42.23 3.84 5.26
C PHE A 174 -41.09 4.60 4.58
N ILE A 175 -40.49 3.99 3.55
CA ILE A 175 -39.32 4.55 2.88
C ILE A 175 -39.68 5.76 2.01
N THR A 176 -40.86 5.74 1.38
CA THR A 176 -41.33 6.90 0.59
C THR A 176 -41.52 8.12 1.48
N SER A 177 -42.05 7.91 2.68
CA SER A 177 -42.18 8.98 3.68
C SER A 177 -40.82 9.41 4.25
N MET A 178 -39.94 8.45 4.50
CA MET A 178 -38.61 8.72 5.06
C MET A 178 -37.72 9.50 4.09
N VAL A 179 -37.69 9.07 2.82
CA VAL A 179 -36.89 9.74 1.78
C VAL A 179 -37.39 11.18 1.56
N ARG A 180 -38.71 11.35 1.51
CA ARG A 180 -39.32 12.67 1.31
C ARG A 180 -39.13 13.59 2.53
N ALA A 181 -39.17 13.03 3.72
CA ALA A 181 -38.90 13.79 4.96
C ALA A 181 -37.45 14.29 5.01
N LEU A 182 -36.52 13.44 4.59
CA LEU A 182 -35.10 13.82 4.48
C LEU A 182 -34.87 14.90 3.41
N ASP A 183 -35.56 14.76 2.28
CA ASP A 183 -35.54 15.78 1.22
C ASP A 183 -36.08 17.11 1.73
N GLU A 184 -37.18 17.06 2.48
CA GLU A 184 -37.78 18.26 3.09
C GLU A 184 -36.89 18.89 4.16
N ALA A 185 -36.15 18.06 4.90
CA ALA A 185 -35.15 18.55 5.86
C ALA A 185 -33.99 19.26 5.16
N MET A 186 -33.53 18.69 4.04
CA MET A 186 -32.46 19.29 3.22
C MET A 186 -32.91 20.59 2.55
N ASN A 187 -34.13 20.60 2.01
CA ASN A 187 -34.68 21.78 1.32
C ASN A 187 -34.97 22.97 2.24
N LYS A 188 -35.24 22.72 3.52
CA LYS A 188 -35.44 23.80 4.50
C LYS A 188 -34.16 24.59 4.85
N LEU A 189 -32.99 24.03 4.52
CA LEU A 189 -31.72 24.75 4.64
C LEU A 189 -31.59 25.87 3.61
N GLN A 190 -32.10 25.63 2.41
CA GLN A 190 -32.00 26.56 1.27
C GLN A 190 -33.16 27.57 1.21
N ARG A 191 -34.03 27.58 2.23
CA ARG A 191 -35.29 28.31 2.21
C ARG A 191 -35.16 29.72 2.81
N ALA A 192 -36.14 30.58 2.49
CA ALA A 192 -36.17 31.96 2.98
C ALA A 192 -37.09 32.11 4.22
N ASN A 193 -38.40 32.12 4.01
CA ASN A 193 -39.39 32.36 5.09
C ASN A 193 -40.18 31.08 5.40
N PRO A 194 -40.35 30.75 6.70
CA PRO A 194 -40.98 29.47 7.06
C PRO A 194 -42.52 29.47 6.99
N ASP A 195 -43.18 30.40 7.69
CA ASP A 195 -44.64 30.38 7.83
C ASP A 195 -45.43 30.92 6.62
N ASP A 196 -44.72 31.37 5.59
CA ASP A 196 -45.30 31.68 4.27
C ASP A 196 -46.23 30.53 3.81
N PRO A 197 -47.55 30.80 3.64
CA PRO A 197 -48.48 29.73 3.23
C PRO A 197 -48.27 29.08 1.85
N ALA A 198 -47.31 29.56 1.06
CA ALA A 198 -46.84 28.86 -0.13
C ALA A 198 -46.25 27.47 0.17
N TYR A 199 -45.69 27.31 1.37
CA TYR A 199 -45.21 26.03 1.86
C TYR A 199 -46.23 25.31 2.79
N ASP A 200 -47.53 25.47 2.50
CA ASP A 200 -48.58 24.70 3.18
C ASP A 200 -48.54 23.22 2.79
N GLU A 201 -48.24 22.95 1.51
CA GLU A 201 -48.17 21.57 1.01
C GLU A 201 -46.91 20.86 1.51
N ASN A 202 -45.81 21.61 1.65
CA ASN A 202 -44.55 21.09 2.19
C ASN A 202 -44.70 20.63 3.65
N LYS A 203 -45.34 21.47 4.46
CA LYS A 203 -45.61 21.14 5.87
C LYS A 203 -46.65 20.02 6.04
N ARG A 204 -47.68 20.02 5.20
CA ARG A 204 -48.72 18.99 5.24
C ARG A 204 -48.16 17.60 4.90
N GLN A 205 -47.27 17.54 3.90
CA GLN A 205 -46.59 16.30 3.52
C GLN A 205 -45.61 15.81 4.59
N PHE A 206 -44.84 16.74 5.16
CA PHE A 206 -43.86 16.44 6.20
C PHE A 206 -44.52 15.85 7.46
N GLN A 207 -45.63 16.47 7.89
CA GLN A 207 -46.43 15.95 9.01
C GLN A 207 -47.10 14.61 8.69
N GLU A 208 -47.55 14.43 7.45
CA GLU A 208 -48.08 13.14 6.97
C GLU A 208 -46.98 12.07 6.98
N ASP A 209 -45.77 12.46 6.57
CA ASP A 209 -44.61 11.54 6.56
C ASP A 209 -44.13 11.17 7.96
N ILE A 210 -44.17 12.12 8.90
CA ILE A 210 -43.87 11.83 10.32
C ILE A 210 -44.85 10.79 10.85
N LYS A 211 -46.14 11.04 10.67
CA LYS A 211 -47.20 10.14 11.14
C LYS A 211 -47.11 8.74 10.53
N VAL A 212 -46.76 8.66 9.24
CA VAL A 212 -46.58 7.36 8.56
C VAL A 212 -45.43 6.56 9.20
N MET A 213 -44.29 7.20 9.42
CA MET A 213 -43.15 6.55 10.06
C MET A 213 -43.45 6.15 11.50
N ASN A 214 -44.06 7.06 12.26
CA ASN A 214 -44.42 6.81 13.67
C ASN A 214 -45.44 5.67 13.82
N ASP A 215 -46.53 5.71 13.05
CA ASP A 215 -47.59 4.70 13.12
C ASP A 215 -47.12 3.28 12.78
N LEU A 216 -46.36 3.17 11.69
CA LEU A 216 -45.83 1.87 11.24
C LEU A 216 -44.79 1.29 12.21
N VAL A 217 -43.94 2.15 12.75
CA VAL A 217 -42.92 1.74 13.72
C VAL A 217 -43.55 1.43 15.10
N ASP A 218 -44.48 2.28 15.55
CA ASP A 218 -45.20 2.03 16.82
C ASP A 218 -46.01 0.73 16.80
N LYS A 219 -46.58 0.41 15.63
CA LYS A 219 -47.26 -0.89 15.43
C LYS A 219 -46.28 -2.06 15.55
N ILE A 220 -45.07 -1.90 15.01
CA ILE A 220 -44.01 -2.92 15.15
C ILE A 220 -43.58 -3.12 16.61
N ILE A 221 -43.59 -2.06 17.42
CA ILE A 221 -43.28 -2.17 18.86
C ILE A 221 -44.38 -2.97 19.57
N ALA A 222 -45.62 -2.51 19.39
CA ALA A 222 -46.79 -3.11 20.05
C ALA A 222 -47.00 -4.58 19.65
N ASP A 223 -46.81 -4.89 18.36
CA ASP A 223 -46.89 -6.27 17.87
C ASP A 223 -45.86 -7.19 18.55
N ARG A 224 -44.64 -6.69 18.75
CA ARG A 224 -43.59 -7.45 19.43
C ARG A 224 -43.87 -7.61 20.93
N LYS A 225 -44.34 -6.55 21.58
CA LYS A 225 -44.76 -6.62 22.99
C LYS A 225 -45.87 -7.63 23.22
N ALA A 226 -46.91 -7.55 22.40
CA ALA A 226 -48.07 -8.44 22.49
C ALA A 226 -47.76 -9.89 22.12
N SER A 227 -46.78 -10.09 21.24
CA SER A 227 -46.34 -11.45 20.84
C SER A 227 -45.67 -12.20 21.99
N GLY A 228 -44.70 -11.55 22.61
CA GLY A 228 -43.88 -12.16 23.66
C GLY A 228 -42.68 -12.95 23.18
N GLU A 229 -42.61 -13.25 21.87
CA GLU A 229 -41.53 -14.05 21.30
C GLU A 229 -40.21 -13.30 21.33
N GLN A 230 -39.13 -14.03 21.57
CA GLN A 230 -37.84 -13.46 21.93
C GLN A 230 -36.80 -13.65 20.82
N SER A 231 -37.15 -13.21 19.61
CA SER A 231 -36.21 -13.23 18.49
C SER A 231 -35.07 -12.26 18.78
N ASP A 232 -33.85 -12.78 18.88
CA ASP A 232 -32.70 -12.01 19.34
C ASP A 232 -32.31 -10.95 18.30
N ASP A 233 -32.74 -9.72 18.56
CA ASP A 233 -32.49 -8.57 17.66
C ASP A 233 -32.53 -7.25 18.43
N LEU A 234 -32.29 -6.13 17.74
CA LEU A 234 -32.28 -4.80 18.36
C LEU A 234 -33.56 -4.46 19.14
N LEU A 235 -34.72 -4.81 18.58
CA LEU A 235 -36.00 -4.51 19.23
C LEU A 235 -36.20 -5.27 20.54
N THR A 236 -35.84 -6.55 20.56
CA THR A 236 -35.89 -7.36 21.78
C THR A 236 -34.93 -6.84 22.86
N HIS A 237 -33.72 -6.46 22.46
CA HIS A 237 -32.74 -5.88 23.39
C HIS A 237 -33.26 -4.57 24.00
N MET A 238 -33.96 -3.76 23.20
CA MET A 238 -34.50 -2.47 23.67
C MET A 238 -35.73 -2.62 24.58
N LEU A 239 -36.59 -3.61 24.29
CA LEU A 239 -37.75 -3.89 25.15
C LEU A 239 -37.37 -4.51 26.51
N ASN A 240 -36.30 -5.32 26.53
CA ASN A 240 -35.84 -5.99 27.75
C ASN A 240 -34.69 -5.29 28.47
N GLY A 241 -33.79 -4.67 27.72
CA GLY A 241 -32.55 -4.14 28.27
C GLY A 241 -32.72 -2.94 29.17
N LYS A 242 -31.82 -2.82 30.14
CA LYS A 242 -31.81 -1.72 31.10
C LYS A 242 -30.45 -1.07 31.09
N ASP A 243 -30.44 0.26 31.15
CA ASP A 243 -29.21 1.04 31.28
C ASP A 243 -28.54 0.68 32.62
N PRO A 244 -27.30 0.15 32.59
CA PRO A 244 -26.59 -0.18 33.85
C PRO A 244 -26.37 1.00 34.79
N GLU A 245 -26.26 2.21 34.23
CA GLU A 245 -26.02 3.43 34.99
C GLU A 245 -27.24 3.88 35.79
N THR A 246 -28.34 4.17 35.10
CA THR A 246 -29.59 4.63 35.73
C THR A 246 -30.51 3.50 36.21
N GLY A 247 -30.33 2.29 35.67
CA GLY A 247 -31.23 1.17 35.94
C GLY A 247 -32.55 1.18 35.17
N GLU A 248 -32.70 2.13 34.24
CA GLU A 248 -33.96 2.35 33.52
C GLU A 248 -33.91 1.75 32.12
N PRO A 249 -35.06 1.29 31.60
CA PRO A 249 -35.16 0.92 30.19
C PRO A 249 -35.55 2.12 29.33
N LEU A 250 -35.44 1.98 28.01
CA LEU A 250 -35.96 2.98 27.08
C LEU A 250 -37.48 2.82 27.02
N ASP A 251 -38.21 3.93 27.06
CA ASP A 251 -39.67 3.88 26.86
C ASP A 251 -40.01 3.72 25.37
N ASP A 252 -41.26 3.38 25.07
CA ASP A 252 -41.69 3.06 23.70
C ASP A 252 -41.53 4.20 22.69
N GLU A 253 -41.65 5.44 23.15
CA GLU A 253 -41.45 6.60 22.27
C GLU A 253 -40.00 6.71 21.79
N ASN A 254 -39.06 6.56 22.72
CA ASN A 254 -37.63 6.59 22.38
C ASN A 254 -37.25 5.40 21.50
N ILE A 255 -37.80 4.22 21.80
CA ILE A 255 -37.52 3.00 21.02
C ILE A 255 -37.87 3.22 19.55
N ARG A 256 -39.05 3.78 19.30
CA ARG A 256 -39.49 4.15 17.94
C ARG A 256 -38.47 5.03 17.25
N TYR A 257 -38.01 6.07 17.95
CA TYR A 257 -36.99 6.98 17.41
C TYR A 257 -35.68 6.27 17.07
N GLN A 258 -35.28 5.30 17.90
CA GLN A 258 -34.07 4.51 17.62
C GLN A 258 -34.24 3.66 16.35
N ILE A 259 -35.43 3.07 16.18
CA ILE A 259 -35.74 2.27 14.99
C ILE A 259 -35.74 3.14 13.74
N ILE A 260 -36.40 4.30 13.81
CA ILE A 260 -36.39 5.26 12.70
C ILE A 260 -34.95 5.67 12.38
N THR A 261 -34.14 5.92 13.42
CA THR A 261 -32.74 6.26 13.26
C THR A 261 -31.93 5.16 12.56
N PHE A 262 -32.13 3.91 12.97
CA PHE A 262 -31.43 2.78 12.34
C PHE A 262 -31.84 2.56 10.89
N LEU A 263 -33.11 2.79 10.57
CA LEU A 263 -33.60 2.68 9.19
C LEU A 263 -33.05 3.77 8.26
N ILE A 264 -32.94 5.00 8.77
CA ILE A 264 -32.27 6.08 8.04
C ILE A 264 -30.81 5.71 7.76
N ALA A 265 -30.13 5.23 8.79
CA ALA A 265 -28.72 4.85 8.72
C ALA A 265 -28.46 3.71 7.73
N GLY A 266 -29.19 2.62 7.92
CA GLY A 266 -29.05 1.43 7.08
C GLY A 266 -29.55 1.57 5.65
N HIS A 267 -30.30 2.64 5.36
CA HIS A 267 -30.71 2.96 4.00
C HIS A 267 -29.65 3.85 3.33
N GLU A 268 -29.35 4.97 3.99
CA GLU A 268 -28.60 6.05 3.37
C GLU A 268 -27.08 5.78 3.24
N THR A 269 -26.37 5.73 4.36
CA THR A 269 -24.90 5.69 4.35
C THR A 269 -24.28 4.39 3.86
N THR A 270 -24.84 3.26 4.27
CA THR A 270 -24.20 1.96 4.06
C THR A 270 -24.20 1.54 2.58
N SER A 271 -25.31 1.77 1.90
CA SER A 271 -25.40 1.48 0.45
C SER A 271 -24.40 2.31 -0.36
N GLY A 272 -24.18 3.55 0.08
CA GLY A 272 -23.22 4.44 -0.56
C GLY A 272 -21.80 3.91 -0.53
N LEU A 273 -21.40 3.36 0.62
CA LEU A 273 -20.08 2.75 0.77
C LEU A 273 -19.86 1.62 -0.24
N LEU A 274 -20.81 0.71 -0.33
CA LEU A 274 -20.74 -0.37 -1.33
C LEU A 274 -20.76 0.17 -2.77
N SER A 275 -21.54 1.21 -3.01
CA SER A 275 -21.64 1.82 -4.34
C SER A 275 -20.34 2.47 -4.77
N PHE A 276 -19.78 3.32 -3.90
CA PHE A 276 -18.48 3.93 -4.14
C PHE A 276 -17.37 2.89 -4.25
N ALA A 277 -17.42 1.85 -3.41
CA ALA A 277 -16.42 0.78 -3.43
C ALA A 277 -16.38 0.05 -4.76
N LEU A 278 -17.55 -0.33 -5.27
CA LEU A 278 -17.64 -1.00 -6.58
C LEU A 278 -17.23 -0.07 -7.72
N TYR A 279 -17.62 1.21 -7.64
CA TYR A 279 -17.16 2.23 -8.59
C TYR A 279 -15.64 2.26 -8.66
N PHE A 280 -14.99 2.40 -7.51
CA PHE A 280 -13.53 2.45 -7.46
C PHE A 280 -12.88 1.16 -7.95
N LEU A 281 -13.49 0.01 -7.65
CA LEU A 281 -12.97 -1.28 -8.13
C LEU A 281 -13.00 -1.39 -9.66
N VAL A 282 -14.11 -1.03 -10.29
CA VAL A 282 -14.21 -1.09 -11.77
C VAL A 282 -13.33 -0.03 -12.47
N LYS A 283 -13.07 1.08 -11.79
CA LYS A 283 -12.14 2.11 -12.30
C LYS A 283 -10.66 1.80 -12.04
N ASN A 284 -10.37 0.80 -11.20
CA ASN A 284 -9.00 0.39 -10.89
C ASN A 284 -8.86 -1.15 -10.98
N PRO A 285 -8.69 -1.69 -12.20
CA PRO A 285 -8.70 -3.15 -12.42
C PRO A 285 -7.66 -3.97 -11.64
N HIS A 286 -6.49 -3.38 -11.36
CA HIS A 286 -5.46 -4.06 -10.55
C HIS A 286 -5.93 -4.25 -9.09
N VAL A 287 -6.65 -3.26 -8.57
CA VAL A 287 -7.24 -3.34 -7.23
C VAL A 287 -8.40 -4.34 -7.21
N LEU A 288 -9.24 -4.30 -8.25
CA LEU A 288 -10.29 -5.30 -8.45
C LEU A 288 -9.73 -6.72 -8.46
N GLN A 289 -8.64 -6.92 -9.20
CA GLN A 289 -7.94 -8.21 -9.27
C GLN A 289 -7.51 -8.72 -7.90
N LYS A 290 -6.87 -7.86 -7.11
CA LYS A 290 -6.41 -8.24 -5.77
C LYS A 290 -7.56 -8.66 -4.85
N ALA A 291 -8.64 -7.86 -4.86
CA ALA A 291 -9.81 -8.14 -4.03
C ALA A 291 -10.55 -9.41 -4.46
N ALA A 292 -10.71 -9.60 -5.78
CA ALA A 292 -11.32 -10.82 -6.33
C ALA A 292 -10.50 -12.08 -6.02
N GLU A 293 -9.17 -11.96 -6.08
CA GLU A 293 -8.28 -13.05 -5.70
C GLU A 293 -8.48 -13.45 -4.24
N GLU A 294 -8.57 -12.46 -3.34
CA GLU A 294 -8.79 -12.72 -1.93
C GLU A 294 -10.12 -13.41 -1.68
N ALA A 295 -11.18 -12.92 -2.32
CA ALA A 295 -12.53 -13.47 -2.18
C ALA A 295 -12.59 -14.96 -2.57
N ALA A 296 -11.96 -15.32 -3.69
CA ALA A 296 -11.92 -16.72 -4.15
C ALA A 296 -11.12 -17.62 -3.21
N ARG A 297 -9.99 -17.11 -2.73
CA ARG A 297 -9.13 -17.82 -1.79
C ARG A 297 -9.77 -18.00 -0.40
N VAL A 298 -10.46 -16.97 0.07
CA VAL A 298 -11.00 -16.95 1.44
C VAL A 298 -12.40 -17.57 1.53
N LEU A 299 -13.30 -17.18 0.63
CA LEU A 299 -14.70 -17.62 0.69
C LEU A 299 -14.88 -18.97 -0.03
N VAL A 300 -14.38 -20.02 0.61
CA VAL A 300 -14.35 -21.37 0.03
C VAL A 300 -15.66 -22.16 0.13
N ASP A 301 -16.61 -21.66 0.93
CA ASP A 301 -17.92 -22.30 1.11
C ASP A 301 -19.02 -21.51 0.40
N PRO A 302 -20.12 -22.17 -0.01
CA PRO A 302 -21.25 -21.46 -0.62
C PRO A 302 -21.93 -20.44 0.31
N VAL A 303 -21.99 -20.76 1.61
CA VAL A 303 -22.48 -19.84 2.64
C VAL A 303 -21.26 -19.33 3.42
N PRO A 304 -20.89 -18.04 3.24
CA PRO A 304 -19.76 -17.49 4.02
C PRO A 304 -20.02 -17.46 5.53
N SER A 305 -19.00 -17.86 6.30
CA SER A 305 -19.05 -17.82 7.76
C SER A 305 -18.53 -16.49 8.28
N TYR A 306 -18.77 -16.24 9.57
CA TYR A 306 -18.27 -15.03 10.24
C TYR A 306 -16.74 -14.95 10.16
N LYS A 307 -16.06 -16.04 10.50
CA LYS A 307 -14.59 -16.13 10.47
C LYS A 307 -13.99 -15.78 9.10
N GLN A 308 -14.65 -16.24 8.03
CA GLN A 308 -14.21 -15.97 6.66
C GLN A 308 -14.35 -14.49 6.26
N VAL A 309 -15.38 -13.81 6.76
CA VAL A 309 -15.54 -12.37 6.52
C VAL A 309 -14.44 -11.56 7.23
N LYS A 310 -14.10 -11.95 8.47
CA LYS A 310 -12.98 -11.32 9.21
C LYS A 310 -11.63 -11.52 8.51
N GLN A 311 -11.50 -12.66 7.82
CA GLN A 311 -10.32 -13.02 7.04
C GLN A 311 -10.12 -12.15 5.77
N LEU A 312 -11.16 -11.48 5.29
CA LEU A 312 -11.08 -10.64 4.07
C LEU A 312 -10.41 -9.29 4.34
N LYS A 313 -9.09 -9.31 4.51
CA LYS A 313 -8.33 -8.13 4.92
C LYS A 313 -8.30 -7.06 3.83
N TYR A 314 -7.94 -7.48 2.61
CA TYR A 314 -7.88 -6.56 1.47
C TYR A 314 -9.22 -5.94 1.09
N VAL A 315 -10.31 -6.71 1.20
CA VAL A 315 -11.65 -6.16 0.97
C VAL A 315 -11.96 -5.08 2.01
N GLY A 316 -11.50 -5.28 3.24
CA GLY A 316 -11.56 -4.25 4.28
C GLY A 316 -10.78 -2.99 3.96
N MET A 317 -9.59 -3.17 3.40
CA MET A 317 -8.77 -2.04 2.92
C MET A 317 -9.43 -1.26 1.80
N VAL A 318 -10.06 -1.98 0.86
CA VAL A 318 -10.83 -1.36 -0.23
C VAL A 318 -11.97 -0.48 0.32
N LEU A 319 -12.70 -0.98 1.30
CA LEU A 319 -13.81 -0.24 1.90
C LEU A 319 -13.34 1.01 2.66
N ASN A 320 -12.26 0.90 3.41
CA ASN A 320 -11.67 2.07 4.10
C ASN A 320 -11.17 3.15 3.14
N GLU A 321 -10.64 2.75 1.99
CA GLU A 321 -10.21 3.71 0.95
C GLU A 321 -11.41 4.36 0.27
N ALA A 322 -12.49 3.62 0.09
CA ALA A 322 -13.76 4.21 -0.37
C ALA A 322 -14.33 5.20 0.66
N LEU A 323 -14.20 4.86 1.94
CA LEU A 323 -14.57 5.77 3.03
C LEU A 323 -13.65 6.99 3.11
N ARG A 324 -12.38 6.83 2.76
CA ARG A 324 -11.45 7.96 2.72
C ARG A 324 -11.87 8.99 1.69
N LEU A 325 -12.02 8.55 0.44
CA LEU A 325 -12.32 9.47 -0.67
C LEU A 325 -13.74 10.05 -0.63
N TRP A 326 -14.73 9.21 -0.33
CA TRP A 326 -16.13 9.65 -0.29
C TRP A 326 -16.84 9.08 0.95
N PRO A 327 -16.54 9.64 2.13
CA PRO A 327 -17.25 9.25 3.35
C PRO A 327 -18.71 9.63 3.24
N THR A 328 -19.61 8.64 3.32
CA THR A 328 -21.00 8.85 2.94
C THR A 328 -21.82 9.69 3.91
N ALA A 329 -21.34 9.91 5.13
CA ALA A 329 -21.91 10.90 6.05
C ALA A 329 -20.86 12.00 6.22
N PRO A 330 -20.73 12.88 5.21
CA PRO A 330 -19.50 13.64 4.98
C PRO A 330 -19.19 14.79 5.95
N ALA A 331 -20.16 15.20 6.76
CA ALA A 331 -19.93 16.29 7.72
C ALA A 331 -20.61 16.03 9.05
N PHE A 332 -19.98 16.49 10.14
CA PHE A 332 -20.60 16.55 11.45
C PHE A 332 -20.22 17.84 12.16
N SER A 333 -21.09 18.27 13.06
CA SER A 333 -20.99 19.57 13.71
C SER A 333 -20.57 19.43 15.17
N LEU A 334 -19.83 20.43 15.65
CA LEU A 334 -19.37 20.49 17.04
C LEU A 334 -19.62 21.89 17.61
N TYR A 335 -19.64 22.01 18.94
CA TYR A 335 -19.69 23.31 19.60
C TYR A 335 -18.65 23.37 20.73
N ALA A 336 -18.12 24.56 20.99
CA ALA A 336 -17.14 24.76 22.05
C ALA A 336 -17.83 24.70 23.42
N LYS A 337 -17.33 23.81 24.29
CA LYS A 337 -17.87 23.66 25.66
C LYS A 337 -17.55 24.88 26.53
N GLU A 338 -16.36 25.45 26.36
CA GLU A 338 -15.94 26.69 27.02
C GLU A 338 -15.19 27.58 26.01
N ASP A 339 -14.80 28.77 26.46
CA ASP A 339 -13.89 29.63 25.70
C ASP A 339 -12.57 28.89 25.49
N THR A 340 -12.06 28.91 24.26
CA THR A 340 -10.83 28.19 23.92
C THR A 340 -10.19 28.75 22.64
N VAL A 341 -8.92 28.41 22.43
CA VAL A 341 -8.15 28.87 21.27
C VAL A 341 -7.86 27.67 20.38
N LEU A 342 -8.31 27.73 19.13
CA LEU A 342 -8.13 26.65 18.16
C LEU A 342 -6.87 26.91 17.31
N GLY A 343 -5.93 25.96 17.36
CA GLY A 343 -4.71 26.01 16.55
C GLY A 343 -3.70 27.07 16.97
N GLY A 344 -3.82 27.59 18.19
CA GLY A 344 -2.99 28.70 18.67
C GLY A 344 -3.19 30.03 17.97
N GLU A 345 -4.32 30.22 17.28
CA GLU A 345 -4.57 31.47 16.52
C GLU A 345 -6.05 31.84 16.20
N TYR A 346 -7.02 30.96 16.48
CA TYR A 346 -8.44 31.25 16.24
C TYR A 346 -9.21 31.16 17.56
N PRO A 347 -9.40 32.31 18.26
CA PRO A 347 -10.06 32.27 19.55
C PRO A 347 -11.58 32.06 19.41
N LEU A 348 -12.09 31.07 20.14
CA LEU A 348 -13.51 30.71 20.10
C LEU A 348 -14.17 31.00 21.46
N GLU A 349 -15.42 31.45 21.41
CA GLU A 349 -16.24 31.64 22.60
C GLU A 349 -17.07 30.39 22.89
N LYS A 350 -17.56 30.27 24.12
CA LYS A 350 -18.47 29.19 24.52
C LYS A 350 -19.69 29.18 23.62
N GLY A 351 -20.01 28.01 23.06
CA GLY A 351 -21.14 27.84 22.15
C GLY A 351 -20.84 28.03 20.67
N ASP A 352 -19.65 28.54 20.32
CA ASP A 352 -19.26 28.71 18.92
C ASP A 352 -19.18 27.36 18.23
N GLU A 353 -19.68 27.30 17.00
CA GLU A 353 -19.85 26.05 16.28
C GLU A 353 -18.71 25.77 15.31
N LEU A 354 -18.49 24.49 15.04
CA LEU A 354 -17.51 24.02 14.06
C LEU A 354 -18.16 22.96 13.18
N MET A 355 -17.79 22.93 11.90
CA MET A 355 -18.16 21.84 11.00
C MET A 355 -16.88 21.13 10.57
N VAL A 356 -16.87 19.80 10.66
CA VAL A 356 -15.75 18.99 10.19
C VAL A 356 -16.11 18.46 8.80
N LEU A 357 -15.38 18.92 7.79
CA LEU A 357 -15.61 18.52 6.40
C LEU A 357 -14.75 17.30 6.13
N ILE A 358 -15.34 16.10 6.27
CA ILE A 358 -14.57 14.85 6.34
C ILE A 358 -13.83 14.52 5.02
N PRO A 359 -14.47 14.76 3.86
CA PRO A 359 -13.72 14.52 2.61
C PRO A 359 -12.44 15.35 2.46
N GLN A 360 -12.42 16.56 3.01
CA GLN A 360 -11.22 17.41 2.97
C GLN A 360 -10.15 16.98 3.97
N LEU A 361 -10.57 16.58 5.17
CA LEU A 361 -9.68 15.92 6.14
C LEU A 361 -8.96 14.73 5.50
N HIS A 362 -9.73 13.92 4.77
CA HIS A 362 -9.21 12.73 4.10
C HIS A 362 -8.32 13.01 2.87
N ARG A 363 -8.30 14.26 2.40
CA ARG A 363 -7.38 14.71 1.35
C ARG A 363 -6.26 15.63 1.89
N ASP A 364 -6.01 15.57 3.20
CA ASP A 364 -4.95 16.38 3.82
C ASP A 364 -3.58 15.84 3.40
N LYS A 365 -2.86 16.63 2.59
CA LYS A 365 -1.61 16.18 1.99
C LYS A 365 -0.44 16.02 2.98
N THR A 366 -0.48 16.75 4.10
CA THR A 366 0.54 16.61 5.15
C THR A 366 0.43 15.28 5.90
N ILE A 367 -0.75 14.67 5.87
CA ILE A 367 -0.98 13.33 6.43
C ILE A 367 -0.77 12.24 5.38
N TRP A 368 -1.46 12.39 4.25
CA TRP A 368 -1.61 11.29 3.28
C TRP A 368 -0.61 11.30 2.11
N GLY A 369 0.08 12.42 1.91
CA GLY A 369 0.97 12.60 0.76
C GLY A 369 0.30 13.36 -0.36
N ASP A 370 0.96 13.45 -1.51
CA ASP A 370 0.48 14.26 -2.63
C ASP A 370 -0.49 13.55 -3.58
N ASP A 371 -0.63 12.22 -3.45
CA ASP A 371 -1.48 11.42 -4.35
C ASP A 371 -2.90 11.16 -3.79
N VAL A 372 -3.46 12.16 -3.10
CA VAL A 372 -4.71 11.98 -2.32
C VAL A 372 -5.95 11.56 -3.13
N GLU A 373 -6.00 11.91 -4.41
CA GLU A 373 -7.13 11.56 -5.29
C GLU A 373 -7.08 10.14 -5.85
N GLU A 374 -5.94 9.46 -5.75
CA GLU A 374 -5.79 8.09 -6.25
C GLU A 374 -6.37 7.07 -5.27
N PHE A 375 -6.98 6.03 -5.81
CA PHE A 375 -7.56 4.93 -5.01
C PHE A 375 -6.52 3.85 -4.76
N ARG A 376 -5.91 3.89 -3.58
CA ARG A 376 -4.91 2.90 -3.16
C ARG A 376 -5.28 2.33 -1.78
N PRO A 377 -5.90 1.12 -1.76
CA PRO A 377 -6.21 0.44 -0.48
C PRO A 377 -4.99 0.16 0.41
N GLU A 378 -3.79 0.15 -0.18
CA GLU A 378 -2.54 -0.11 0.52
C GLU A 378 -2.24 0.93 1.62
N ARG A 379 -2.87 2.10 1.55
CA ARG A 379 -2.85 3.11 2.63
C ARG A 379 -3.31 2.54 3.99
N PHE A 380 -4.29 1.63 3.95
CA PHE A 380 -4.88 1.03 5.16
C PHE A 380 -4.37 -0.40 5.47
N GLU A 381 -3.21 -0.74 4.91
CA GLU A 381 -2.47 -1.97 5.22
C GLU A 381 -2.35 -2.17 6.73
N ASN A 382 -1.78 -1.17 7.40
CA ASN A 382 -1.57 -1.17 8.84
C ASN A 382 -2.46 -0.10 9.48
N PRO A 383 -3.50 -0.50 10.26
CA PRO A 383 -4.35 0.51 10.90
C PRO A 383 -3.64 1.42 11.92
N SER A 384 -2.62 0.89 12.61
CA SER A 384 -1.80 1.67 13.54
C SER A 384 -0.97 2.77 12.87
N ALA A 385 -0.68 2.62 11.57
CA ALA A 385 0.07 3.63 10.80
C ALA A 385 -0.69 4.94 10.55
N ILE A 386 -2.02 4.93 10.69
CA ILE A 386 -2.86 6.11 10.47
C ILE A 386 -2.86 6.95 11.76
N PRO A 387 -2.41 8.24 11.69
CA PRO A 387 -2.42 9.07 12.90
C PRO A 387 -3.82 9.32 13.48
N GLN A 388 -3.86 9.73 14.76
CA GLN A 388 -5.14 9.94 15.45
C GLN A 388 -5.90 11.12 14.84
N HIS A 389 -7.20 10.91 14.60
CA HIS A 389 -8.10 11.91 14.02
C HIS A 389 -7.80 12.30 12.56
N ALA A 390 -7.03 11.46 11.86
CA ALA A 390 -6.75 11.65 10.43
C ALA A 390 -7.81 10.99 9.56
N PHE A 391 -8.37 9.88 10.05
CA PHE A 391 -9.38 9.09 9.34
C PHE A 391 -10.62 8.98 10.22
N LYS A 392 -11.64 9.79 9.91
CA LYS A 392 -12.88 9.86 10.70
C LYS A 392 -14.17 9.71 9.88
N PRO A 393 -14.30 8.60 9.11
CA PRO A 393 -15.55 8.37 8.37
C PRO A 393 -16.76 8.02 9.24
N PHE A 394 -16.51 7.56 10.47
CA PHE A 394 -17.57 7.22 11.43
C PHE A 394 -17.66 8.20 12.62
N GLY A 395 -17.17 9.43 12.43
CA GLY A 395 -17.28 10.47 13.46
C GLY A 395 -16.25 10.31 14.57
N ASN A 396 -16.56 10.89 15.73
CA ASN A 396 -15.57 11.07 16.79
C ASN A 396 -16.07 10.69 18.19
N GLY A 397 -15.23 9.94 18.92
CA GLY A 397 -15.40 9.74 20.36
C GLY A 397 -16.66 9.02 20.75
N GLN A 398 -17.27 9.44 21.85
CA GLN A 398 -18.51 8.84 22.35
C GLN A 398 -19.71 9.06 21.42
N ARG A 399 -19.67 10.11 20.60
CA ARG A 399 -20.68 10.36 19.56
C ARG A 399 -20.30 9.83 18.18
N ALA A 400 -19.35 8.89 18.13
CA ALA A 400 -19.02 8.18 16.89
C ALA A 400 -20.14 7.22 16.52
N CYS A 401 -20.06 6.70 15.29
CA CYS A 401 -21.07 5.80 14.76
C CYS A 401 -21.19 4.52 15.57
N ILE A 402 -22.35 4.30 16.18
CA ILE A 402 -22.62 3.05 16.90
C ILE A 402 -22.73 1.86 15.93
N GLY A 403 -23.15 2.12 14.69
CA GLY A 403 -23.30 1.08 13.67
C GLY A 403 -22.08 0.76 12.82
N GLN A 404 -20.88 1.21 13.23
CA GLN A 404 -19.65 1.02 12.45
C GLN A 404 -19.35 -0.45 12.15
N GLN A 405 -19.42 -1.31 13.18
CA GLN A 405 -19.11 -2.74 13.03
C GLN A 405 -20.18 -3.46 12.21
N PHE A 406 -21.43 -3.03 12.37
CA PHE A 406 -22.56 -3.53 11.55
C PHE A 406 -22.35 -3.18 10.08
N ALA A 407 -22.12 -1.90 9.81
CA ALA A 407 -21.91 -1.41 8.45
C ALA A 407 -20.75 -2.12 7.74
N LEU A 408 -19.60 -2.23 8.44
CA LEU A 408 -18.40 -2.83 7.84
C LEU A 408 -18.50 -4.34 7.66
N HIS A 409 -19.13 -5.05 8.61
CA HIS A 409 -19.33 -6.50 8.47
C HIS A 409 -20.22 -6.80 7.27
N GLU A 410 -21.33 -6.06 7.19
CA GLU A 410 -22.26 -6.16 6.06
C GLU A 410 -21.59 -5.88 4.71
N ALA A 411 -20.87 -4.76 4.63
CA ALA A 411 -20.21 -4.35 3.39
C ALA A 411 -19.09 -5.31 2.97
N THR A 412 -18.36 -5.86 3.94
CA THR A 412 -17.27 -6.81 3.67
C THR A 412 -17.82 -8.17 3.22
N LEU A 413 -18.88 -8.65 3.87
CA LEU A 413 -19.57 -9.88 3.44
C LEU A 413 -20.08 -9.77 2.01
N VAL A 414 -20.82 -8.70 1.76
CA VAL A 414 -21.51 -8.51 0.48
C VAL A 414 -20.52 -8.27 -0.66
N LEU A 415 -19.54 -7.40 -0.43
CA LEU A 415 -18.52 -7.11 -1.45
C LEU A 415 -17.63 -8.32 -1.72
N GLY A 416 -17.33 -9.10 -0.67
CA GLY A 416 -16.63 -10.37 -0.82
C GLY A 416 -17.36 -11.35 -1.71
N MET A 417 -18.65 -11.55 -1.44
CA MET A 417 -19.50 -12.43 -2.25
C MET A 417 -19.65 -11.93 -3.69
N MET A 418 -19.86 -10.62 -3.87
CA MET A 418 -19.93 -10.00 -5.21
C MET A 418 -18.69 -10.28 -6.05
N LEU A 419 -17.51 -10.13 -5.44
CA LEU A 419 -16.23 -10.37 -6.13
C LEU A 419 -15.97 -11.86 -6.37
N LYS A 420 -16.46 -12.72 -5.47
CA LYS A 420 -16.37 -14.16 -5.66
C LYS A 420 -17.16 -14.64 -6.87
N HIS A 421 -18.41 -14.18 -6.99
CA HIS A 421 -19.38 -14.75 -7.93
C HIS A 421 -19.44 -14.08 -9.32
N PHE A 422 -18.85 -12.88 -9.47
CA PHE A 422 -18.96 -12.12 -10.73
C PHE A 422 -17.67 -11.42 -11.15
N ASP A 423 -17.50 -11.28 -12.45
CA ASP A 423 -16.60 -10.29 -13.04
C ASP A 423 -17.42 -9.07 -13.41
N PHE A 424 -16.84 -7.88 -13.28
CA PHE A 424 -17.57 -6.63 -13.47
C PHE A 424 -17.02 -5.82 -14.64
N GLU A 425 -17.95 -5.26 -15.43
CA GLU A 425 -17.61 -4.41 -16.57
C GLU A 425 -18.21 -3.03 -16.37
N ASP A 426 -17.39 -2.00 -16.52
CA ASP A 426 -17.83 -0.61 -16.57
C ASP A 426 -18.21 -0.33 -18.03
N HIS A 427 -19.35 -0.88 -18.43
CA HIS A 427 -19.77 -0.91 -19.84
C HIS A 427 -20.11 0.47 -20.44
N THR A 428 -20.54 1.41 -19.60
CA THR A 428 -20.86 2.77 -20.05
C THR A 428 -19.68 3.75 -19.93
N ASN A 429 -18.56 3.31 -19.35
CA ASN A 429 -17.47 4.20 -18.94
C ASN A 429 -18.04 5.34 -18.08
N TYR A 430 -18.71 4.93 -17.00
CA TYR A 430 -19.46 5.82 -16.12
C TYR A 430 -18.64 7.02 -15.61
N GLU A 431 -19.15 8.22 -15.85
CA GLU A 431 -18.55 9.45 -15.30
C GLU A 431 -19.17 9.70 -13.93
N LEU A 432 -18.32 9.87 -12.93
CA LEU A 432 -18.76 10.03 -11.54
C LEU A 432 -19.64 11.27 -11.38
N ASP A 433 -20.84 11.07 -10.84
CA ASP A 433 -21.80 12.14 -10.60
C ASP A 433 -22.44 11.88 -9.23
N ILE A 434 -22.01 12.67 -8.24
CA ILE A 434 -22.37 12.43 -6.84
C ILE A 434 -23.60 13.24 -6.43
N LYS A 435 -24.72 12.54 -6.25
CA LYS A 435 -25.97 13.15 -5.79
C LYS A 435 -25.93 13.23 -4.27
N GLU A 436 -26.34 14.38 -3.72
CA GLU A 436 -26.32 14.62 -2.28
C GLU A 436 -27.73 14.66 -1.69
N THR A 437 -27.91 13.96 -0.58
CA THR A 437 -29.12 14.04 0.25
C THR A 437 -28.60 14.24 1.69
N LEU A 438 -29.00 13.39 2.64
CA LEU A 438 -28.28 13.24 3.90
C LEU A 438 -26.85 12.75 3.58
N THR A 439 -26.76 11.82 2.63
CA THR A 439 -25.53 11.13 2.27
C THR A 439 -25.15 11.36 0.81
N LEU A 440 -24.02 10.78 0.40
CA LEU A 440 -23.50 10.84 -0.97
C LEU A 440 -23.74 9.51 -1.69
N LYS A 441 -24.08 9.59 -2.98
CA LYS A 441 -24.28 8.40 -3.83
C LYS A 441 -23.77 8.68 -5.25
N PRO A 442 -23.12 7.67 -5.89
CA PRO A 442 -22.79 7.83 -7.31
C PRO A 442 -24.02 7.60 -8.18
N GLU A 443 -24.74 8.68 -8.50
CA GLU A 443 -26.00 8.59 -9.25
C GLU A 443 -25.81 8.04 -10.66
N GLY A 444 -26.66 7.10 -11.04
CA GLY A 444 -26.62 6.48 -12.36
C GLY A 444 -25.47 5.53 -12.59
N PHE A 445 -24.81 5.07 -11.53
CA PHE A 445 -23.69 4.15 -11.65
C PHE A 445 -24.24 2.77 -12.01
N VAL A 446 -23.83 2.27 -13.18
CA VAL A 446 -24.30 1.00 -13.71
C VAL A 446 -23.12 0.13 -14.14
N VAL A 447 -23.30 -1.20 -14.03
CA VAL A 447 -22.31 -2.18 -14.48
C VAL A 447 -23.01 -3.41 -15.04
N LYS A 448 -22.25 -4.25 -15.74
CA LYS A 448 -22.68 -5.60 -16.09
C LYS A 448 -21.89 -6.58 -15.23
N ALA A 449 -22.59 -7.57 -14.68
CA ALA A 449 -21.98 -8.62 -13.88
C ALA A 449 -22.10 -9.94 -14.63
N LYS A 450 -20.98 -10.41 -15.17
CA LYS A 450 -20.93 -11.71 -15.84
C LYS A 450 -20.57 -12.77 -14.80
N SER A 451 -21.40 -13.81 -14.71
CA SER A 451 -21.25 -14.82 -13.67
C SER A 451 -20.02 -15.70 -13.89
N LYS A 452 -19.33 -15.99 -12.80
CA LYS A 452 -18.24 -16.98 -12.77
C LYS A 452 -18.78 -18.40 -12.48
N LYS A 453 -20.10 -18.52 -12.26
CA LYS A 453 -20.80 -19.81 -12.17
C LYS A 453 -20.30 -20.70 -11.03
N ILE A 454 -20.20 -20.11 -9.84
CA ILE A 454 -19.90 -20.82 -8.61
C ILE A 454 -21.23 -20.99 -7.85
N PRO A 455 -21.68 -22.24 -7.62
CA PRO A 455 -22.96 -22.46 -6.92
C PRO A 455 -23.04 -21.89 -5.50
N LEU A 456 -24.27 -21.54 -5.09
CA LEU A 456 -24.58 -21.12 -3.71
C LEU A 456 -25.07 -22.31 -2.89
N LYS B 4 0.47 -38.21 -1.75
CA LYS B 4 1.45 -37.11 -2.04
C LYS B 4 2.41 -36.88 -0.86
N GLU B 5 3.65 -37.34 -1.03
CA GLU B 5 4.73 -37.00 -0.10
C GLU B 5 5.42 -35.73 -0.58
N MET B 6 5.78 -34.86 0.36
CA MET B 6 6.41 -33.58 0.04
C MET B 6 7.86 -33.81 -0.42
N PRO B 7 8.30 -33.12 -1.49
CA PRO B 7 9.71 -33.21 -1.90
C PRO B 7 10.69 -32.82 -0.80
N GLN B 8 11.87 -33.44 -0.82
CA GLN B 8 12.88 -33.20 0.21
C GLN B 8 14.28 -33.43 -0.38
N PRO B 9 15.23 -32.51 -0.11
CA PRO B 9 16.59 -32.69 -0.64
C PRO B 9 17.36 -33.79 0.09
N LYS B 10 18.53 -34.12 -0.44
CA LYS B 10 19.38 -35.20 0.09
C LYS B 10 19.64 -35.10 1.60
N THR B 11 19.60 -36.24 2.28
CA THR B 11 19.79 -36.34 3.73
C THR B 11 21.17 -36.93 4.05
N PHE B 12 21.56 -36.79 5.32
CA PHE B 12 22.87 -37.18 5.82
C PHE B 12 22.71 -38.09 7.05
N GLY B 13 21.89 -39.12 6.92
CA GLY B 13 21.60 -40.04 8.01
C GLY B 13 20.92 -39.38 9.19
N GLU B 14 21.55 -39.49 10.37
CA GLU B 14 21.02 -38.92 11.62
C GLU B 14 20.94 -37.38 11.63
N LEU B 15 21.87 -36.72 10.94
CA LEU B 15 21.86 -35.26 10.82
C LEU B 15 20.82 -34.69 9.82
N LYS B 16 20.19 -35.57 9.05
CA LYS B 16 19.09 -35.20 8.14
C LYS B 16 19.58 -34.19 7.08
N ASN B 17 18.89 -33.05 6.90
CA ASN B 17 19.31 -32.05 5.90
C ASN B 17 20.27 -30.98 6.44
N LEU B 18 20.66 -31.05 7.71
CA LEU B 18 21.44 -29.98 8.36
C LEU B 18 22.80 -29.66 7.72
N PRO B 19 23.55 -30.70 7.29
CA PRO B 19 24.82 -30.43 6.58
C PRO B 19 24.71 -29.66 5.25
N LEU B 20 23.51 -29.58 4.66
CA LEU B 20 23.28 -28.70 3.50
C LEU B 20 23.50 -27.22 3.82
N LEU B 21 23.27 -26.83 5.09
CA LEU B 21 23.54 -25.45 5.53
C LEU B 21 24.99 -25.23 5.97
N ASN B 22 25.76 -26.30 6.16
CA ASN B 22 27.21 -26.19 6.41
C ASN B 22 27.94 -25.79 5.13
N THR B 23 27.80 -24.52 4.79
CA THR B 23 28.36 -23.94 3.56
C THR B 23 28.31 -22.43 3.74
N ASP B 24 29.21 -21.71 3.09
CA ASP B 24 29.25 -20.25 3.21
C ASP B 24 28.12 -19.52 2.43
N LYS B 25 27.43 -20.24 1.53
CA LYS B 25 26.32 -19.68 0.76
C LYS B 25 25.03 -20.52 0.92
N PRO B 26 24.43 -20.51 2.12
CA PRO B 26 23.26 -21.37 2.40
C PRO B 26 21.96 -20.98 1.67
N VAL B 27 21.67 -19.69 1.55
CA VAL B 27 20.46 -19.22 0.83
C VAL B 27 20.53 -19.61 -0.65
N GLN B 28 21.68 -19.38 -1.27
CA GLN B 28 21.89 -19.75 -2.68
C GLN B 28 21.83 -21.26 -2.92
N ALA B 29 22.26 -22.06 -1.93
CA ALA B 29 22.07 -23.51 -1.97
C ALA B 29 20.58 -23.86 -1.91
N LEU B 30 19.84 -23.22 -1.01
CA LEU B 30 18.40 -23.42 -0.88
C LEU B 30 17.62 -22.98 -2.13
N MET B 31 18.10 -21.93 -2.81
CA MET B 31 17.53 -21.50 -4.10
C MET B 31 17.71 -22.56 -5.17
N LYS B 32 18.90 -23.15 -5.23
CA LYS B 32 19.20 -24.23 -6.18
C LYS B 32 18.34 -25.48 -5.89
N ILE B 33 18.21 -25.83 -4.61
CA ILE B 33 17.31 -26.92 -4.20
C ILE B 33 15.86 -26.64 -4.62
N ALA B 34 15.43 -25.39 -4.48
CA ALA B 34 14.08 -24.98 -4.90
C ALA B 34 13.85 -25.11 -6.41
N ASP B 35 14.88 -24.79 -7.20
CA ASP B 35 14.83 -25.01 -8.66
C ASP B 35 14.69 -26.49 -9.02
N GLU B 36 15.37 -27.36 -8.28
CA GLU B 36 15.28 -28.80 -8.49
C GLU B 36 13.93 -29.39 -8.05
N LEU B 37 13.48 -29.02 -6.85
CA LEU B 37 12.31 -29.66 -6.22
C LEU B 37 10.99 -28.91 -6.40
N GLY B 38 11.04 -27.61 -6.69
CA GLY B 38 9.84 -26.83 -7.02
C GLY B 38 9.33 -25.95 -5.90
N GLU B 39 8.02 -25.71 -5.90
CA GLU B 39 7.38 -24.70 -5.05
C GLU B 39 7.43 -24.94 -3.55
N ILE B 40 7.61 -26.19 -3.13
CA ILE B 40 7.69 -26.53 -1.71
C ILE B 40 8.61 -27.72 -1.48
N PHE B 41 9.46 -27.63 -0.45
CA PHE B 41 10.22 -28.78 0.01
C PHE B 41 10.40 -28.79 1.53
N LYS B 42 10.33 -30.00 2.09
CA LYS B 42 10.54 -30.24 3.50
C LYS B 42 12.02 -30.13 3.82
N PHE B 43 12.36 -29.61 4.99
CA PHE B 43 13.74 -29.50 5.44
C PHE B 43 13.83 -29.86 6.93
N GLU B 44 14.61 -30.89 7.23
CA GLU B 44 14.73 -31.43 8.58
C GLU B 44 16.13 -31.29 9.14
N ALA B 45 16.21 -31.04 10.45
CA ALA B 45 17.45 -31.13 11.21
C ALA B 45 17.13 -31.96 12.46
N PRO B 46 18.17 -32.36 13.25
CA PRO B 46 17.87 -33.09 14.48
C PRO B 46 16.90 -32.32 15.40
N GLY B 47 15.72 -32.90 15.62
CA GLY B 47 14.71 -32.31 16.49
C GLY B 47 13.99 -31.07 15.98
N ARG B 48 13.94 -30.88 14.66
CA ARG B 48 13.18 -29.77 14.07
C ARG B 48 12.92 -29.93 12.56
N VAL B 49 11.86 -29.27 12.11
CA VAL B 49 11.40 -29.35 10.72
C VAL B 49 10.79 -28.03 10.26
N THR B 50 11.02 -27.69 9.00
CA THR B 50 10.36 -26.56 8.34
C THR B 50 10.16 -26.86 6.86
N ARG B 51 9.43 -25.98 6.18
CA ARG B 51 9.05 -26.16 4.79
C ARG B 51 9.36 -24.88 4.01
N TYR B 52 10.19 -24.99 2.98
CA TYR B 52 10.60 -23.83 2.17
C TYR B 52 9.63 -23.60 1.02
N LEU B 53 9.02 -22.41 1.00
CA LEU B 53 8.07 -22.03 -0.05
C LEU B 53 8.72 -21.11 -1.07
N SER B 54 8.44 -21.37 -2.36
CA SER B 54 9.04 -20.64 -3.48
C SER B 54 8.06 -20.04 -4.50
N SER B 55 6.79 -20.44 -4.50
CA SER B 55 5.81 -19.96 -5.48
C SER B 55 4.88 -18.93 -4.85
N GLN B 56 4.43 -17.99 -5.68
CA GLN B 56 3.41 -17.01 -5.30
C GLN B 56 2.12 -17.72 -4.87
N ARG B 57 1.78 -18.81 -5.56
CA ARG B 57 0.58 -19.62 -5.26
C ARG B 57 0.47 -20.05 -3.80
N LEU B 58 1.57 -20.53 -3.22
CA LEU B 58 1.59 -20.97 -1.83
C LEU B 58 1.93 -19.85 -0.84
N ILE B 59 2.80 -18.93 -1.26
CA ILE B 59 3.22 -17.81 -0.40
C ILE B 59 2.07 -16.84 -0.11
N LYS B 60 1.16 -16.64 -1.06
CA LYS B 60 -0.02 -15.80 -0.83
C LYS B 60 -0.93 -16.35 0.28
N GLU B 61 -0.97 -17.67 0.45
CA GLU B 61 -1.65 -18.30 1.59
C GLU B 61 -0.86 -18.13 2.89
N ALA B 62 0.45 -18.34 2.81
CA ALA B 62 1.35 -18.15 3.96
C ALA B 62 1.32 -16.72 4.51
N CYS B 63 1.07 -15.74 3.65
CA CYS B 63 0.98 -14.34 4.04
C CYS B 63 -0.38 -13.91 4.60
N ASP B 64 -1.34 -14.83 4.64
CA ASP B 64 -2.61 -14.63 5.32
C ASP B 64 -2.36 -14.57 6.83
N GLU B 65 -2.55 -13.39 7.42
CA GLU B 65 -2.25 -13.15 8.82
C GLU B 65 -3.20 -13.82 9.81
N SER B 66 -4.39 -14.22 9.35
CA SER B 66 -5.31 -15.02 10.18
C SER B 66 -4.83 -16.48 10.33
N ARG B 67 -4.07 -16.96 9.36
CA ARG B 67 -3.60 -18.36 9.33
C ARG B 67 -2.15 -18.55 9.79
N PHE B 68 -1.29 -17.57 9.52
CA PHE B 68 0.13 -17.65 9.89
C PHE B 68 0.63 -16.34 10.51
N ASP B 69 1.59 -16.46 11.41
CA ASP B 69 2.21 -15.34 12.11
C ASP B 69 3.72 -15.50 11.98
N LYS B 70 4.46 -14.41 12.17
CA LYS B 70 5.93 -14.46 12.13
C LYS B 70 6.48 -15.45 13.16
N ASN B 71 7.42 -16.27 12.69
CA ASN B 71 8.20 -17.16 13.53
C ASN B 71 9.61 -16.60 13.62
N LEU B 72 10.25 -16.78 14.78
CA LEU B 72 11.67 -16.55 14.91
C LEU B 72 12.35 -17.81 14.42
N SER B 73 13.06 -17.70 13.29
CA SER B 73 13.90 -18.78 12.80
C SER B 73 15.01 -19.07 13.82
N GLN B 74 15.72 -20.18 13.62
CA GLN B 74 16.83 -20.53 14.51
C GLN B 74 17.90 -19.42 14.54
N ALA B 75 18.15 -18.80 13.39
CA ALA B 75 19.10 -17.67 13.30
C ALA B 75 18.62 -16.47 14.11
N LEU B 76 17.34 -16.10 13.95
CA LEU B 76 16.76 -14.99 14.72
C LEU B 76 16.69 -15.26 16.22
N LYS B 77 16.51 -16.53 16.60
CA LYS B 77 16.57 -16.93 18.02
C LYS B 77 17.96 -16.67 18.61
N PHE B 78 19.01 -16.90 17.84
CA PHE B 78 20.38 -16.57 18.29
C PHE B 78 20.65 -15.06 18.26
N VAL B 79 20.09 -14.36 17.27
CA VAL B 79 20.21 -12.89 17.19
C VAL B 79 19.47 -12.22 18.37
N ARG B 80 18.39 -12.87 18.85
CA ARG B 80 17.64 -12.40 20.04
C ARG B 80 18.49 -12.31 21.33
N ASP B 81 19.60 -13.05 21.40
CA ASP B 81 20.54 -12.92 22.53
C ASP B 81 21.19 -11.54 22.66
N PHE B 82 21.27 -10.77 21.56
CA PHE B 82 21.73 -9.36 21.60
C PHE B 82 20.72 -8.31 21.13
N ALA B 83 19.75 -8.70 20.30
CA ALA B 83 18.67 -7.78 19.87
C ALA B 83 17.42 -7.88 20.75
N GLY B 84 17.39 -8.81 21.69
CA GLY B 84 16.33 -8.92 22.71
C GLY B 84 14.91 -8.93 22.14
N ASP B 85 14.01 -8.20 22.81
CA ASP B 85 12.62 -8.04 22.34
C ASP B 85 12.42 -6.72 21.60
N GLY B 86 13.39 -6.35 20.76
CA GLY B 86 13.21 -5.31 19.76
C GLY B 86 12.22 -5.78 18.71
N LEU B 87 11.83 -4.89 17.81
CA LEU B 87 10.80 -5.19 16.79
C LEU B 87 11.13 -6.40 15.92
N PHE B 88 12.41 -6.57 15.60
CA PHE B 88 12.87 -7.61 14.65
C PHE B 88 12.88 -9.01 15.26
N THR B 89 13.25 -9.13 16.54
CA THR B 89 13.40 -10.43 17.20
C THR B 89 12.38 -10.73 18.31
N SER B 90 11.27 -9.98 18.33
CA SER B 90 10.17 -10.23 19.26
C SER B 90 9.02 -10.93 18.57
N TRP B 91 8.25 -11.68 19.36
CA TRP B 91 7.05 -12.36 18.87
C TRP B 91 5.92 -11.33 18.82
N THR B 92 4.98 -11.54 17.90
CA THR B 92 3.81 -10.65 17.73
C THR B 92 2.99 -10.49 19.01
N HIS B 93 2.88 -11.59 19.77
CA HIS B 93 2.10 -11.64 21.02
C HIS B 93 2.82 -11.07 22.26
N GLU B 94 4.11 -10.77 22.16
CA GLU B 94 4.82 -10.09 23.26
C GLU B 94 4.36 -8.64 23.36
N LYS B 95 4.11 -8.19 24.59
CA LYS B 95 3.65 -6.83 24.88
C LYS B 95 4.53 -5.77 24.22
N ASN B 96 5.85 -5.94 24.33
CA ASN B 96 6.81 -4.98 23.78
C ASN B 96 6.84 -4.89 22.25
N TRP B 97 6.36 -5.91 21.53
CA TRP B 97 6.30 -5.79 20.06
C TRP B 97 5.27 -4.73 19.68
N LYS B 98 4.04 -4.95 20.12
CA LYS B 98 2.92 -4.08 19.78
C LYS B 98 3.12 -2.64 20.30
N LYS B 99 3.70 -2.51 21.51
CA LYS B 99 4.05 -1.20 22.06
C LYS B 99 5.02 -0.44 21.17
N ALA B 100 6.15 -1.07 20.86
CA ALA B 100 7.18 -0.46 20.02
C ALA B 100 6.67 -0.19 18.61
N HIS B 101 5.88 -1.13 18.08
CA HIS B 101 5.23 -1.02 16.77
C HIS B 101 4.40 0.26 16.67
N ASN B 102 3.47 0.45 17.62
CA ASN B 102 2.61 1.64 17.63
C ASN B 102 3.39 2.95 17.83
N ILE B 103 4.34 2.93 18.76
CA ILE B 103 5.17 4.11 19.07
C ILE B 103 6.03 4.54 17.86
N LEU B 104 6.66 3.57 17.19
CA LEU B 104 7.66 3.85 16.15
C LEU B 104 7.13 4.04 14.73
N LEU B 105 5.92 3.56 14.41
CA LEU B 105 5.36 3.71 13.05
C LEU B 105 5.30 5.16 12.55
N PRO B 106 4.90 6.12 13.41
CA PRO B 106 4.98 7.53 13.02
C PRO B 106 6.39 8.03 12.72
N SER B 107 7.40 7.51 13.44
CA SER B 107 8.80 7.88 13.20
C SER B 107 9.41 7.26 11.93
N PHE B 108 8.75 6.26 11.33
CA PHE B 108 9.26 5.58 10.13
C PHE B 108 8.42 5.79 8.87
N SER B 109 7.41 6.66 8.93
CA SER B 109 6.49 6.89 7.81
C SER B 109 7.16 7.69 6.68
N GLN B 110 6.49 7.73 5.53
CA GLN B 110 6.97 8.49 4.38
C GLN B 110 7.08 9.99 4.71
N GLN B 111 6.10 10.52 5.44
CA GLN B 111 6.12 11.92 5.87
C GLN B 111 7.27 12.25 6.82
N ALA B 112 7.59 11.32 7.70
CA ALA B 112 8.72 11.47 8.63
C ALA B 112 10.08 11.57 7.94
N MET B 113 10.19 11.05 6.70
CA MET B 113 11.43 11.13 5.91
C MET B 113 11.83 12.57 5.56
N LYS B 114 10.87 13.49 5.54
CA LYS B 114 11.15 14.93 5.41
C LYS B 114 12.05 15.42 6.55
N GLY B 115 11.81 14.92 7.76
CA GLY B 115 12.64 15.22 8.92
C GLY B 115 14.05 14.66 8.85
N TYR B 116 14.22 13.44 8.33
CA TYR B 116 15.54 12.81 8.23
C TYR B 116 16.36 13.25 7.03
N HIS B 117 15.69 13.84 6.01
CA HIS B 117 16.32 14.14 4.72
C HIS B 117 17.64 14.91 4.82
N ALA B 118 17.66 15.96 5.65
CA ALA B 118 18.87 16.80 5.78
C ALA B 118 20.10 15.99 6.22
N MET B 119 19.91 15.17 7.26
N MET B 119 19.93 15.16 7.26
CA MET B 119 20.98 14.30 7.80
CA MET B 119 21.05 14.35 7.75
C MET B 119 21.40 13.19 6.82
C MET B 119 21.40 13.16 6.84
N MET B 120 20.45 12.69 6.03
CA MET B 120 20.76 11.70 4.97
C MET B 120 21.67 12.32 3.89
N VAL B 121 21.43 13.60 3.58
CA VAL B 121 22.26 14.35 2.64
C VAL B 121 23.67 14.60 3.21
N ASP B 122 23.77 14.88 4.50
CA ASP B 122 25.07 15.00 5.19
C ASP B 122 25.99 13.82 4.87
N ILE B 123 25.48 12.60 4.99
CA ILE B 123 26.27 11.38 4.76
C ILE B 123 26.46 11.13 3.26
N ALA B 124 25.41 11.35 2.47
CA ALA B 124 25.49 11.19 1.01
C ALA B 124 26.54 12.10 0.38
N VAL B 125 26.63 13.34 0.87
CA VAL B 125 27.66 14.28 0.44
C VAL B 125 29.06 13.76 0.79
N GLN B 126 29.23 13.21 1.99
CA GLN B 126 30.51 12.59 2.38
C GLN B 126 30.96 11.46 1.44
N LEU B 127 30.01 10.65 0.96
CA LEU B 127 30.29 9.60 -0.03
C LEU B 127 30.74 10.20 -1.36
N VAL B 128 29.98 11.19 -1.84
CA VAL B 128 30.26 11.84 -3.12
C VAL B 128 31.64 12.52 -3.07
N GLN B 129 31.92 13.24 -1.99
CA GLN B 129 33.22 13.91 -1.82
C GLN B 129 34.41 12.94 -1.75
N LYS B 130 34.22 11.77 -1.12
CA LYS B 130 35.27 10.73 -1.11
C LYS B 130 35.63 10.31 -2.55
N TRP B 131 34.60 10.04 -3.36
CA TRP B 131 34.79 9.60 -4.73
C TRP B 131 35.34 10.71 -5.64
N GLU B 132 34.91 11.96 -5.39
CA GLU B 132 35.48 13.13 -6.08
C GLU B 132 36.99 13.28 -5.82
N ARG B 133 37.43 12.89 -4.62
CA ARG B 133 38.81 13.04 -4.18
C ARG B 133 39.74 11.86 -4.50
N LEU B 134 39.20 10.79 -5.09
CA LEU B 134 40.03 9.68 -5.56
C LEU B 134 40.91 10.14 -6.73
N ASN B 135 42.12 9.58 -6.80
CA ASN B 135 43.05 9.87 -7.89
C ASN B 135 42.65 9.11 -9.15
N ALA B 136 43.25 9.49 -10.27
CA ALA B 136 43.02 8.81 -11.54
C ALA B 136 43.48 7.36 -11.45
N ASP B 137 42.65 6.45 -11.96
CA ASP B 137 42.91 4.99 -11.92
C ASP B 137 42.87 4.32 -10.54
N GLU B 138 42.42 5.04 -9.50
CA GLU B 138 42.04 4.41 -8.24
C GLU B 138 40.61 3.92 -8.41
N HIS B 139 40.25 2.88 -7.66
CA HIS B 139 38.92 2.27 -7.75
C HIS B 139 38.16 2.39 -6.44
N ILE B 140 36.87 2.09 -6.53
CA ILE B 140 35.96 2.12 -5.41
C ILE B 140 35.64 0.68 -4.99
N GLU B 141 35.72 0.42 -3.69
CA GLU B 141 35.22 -0.82 -3.11
C GLU B 141 33.75 -0.57 -2.76
N VAL B 142 32.84 -1.08 -3.59
CA VAL B 142 31.43 -0.67 -3.58
C VAL B 142 30.69 -1.04 -2.28
N PRO B 143 30.56 -2.34 -1.96
CA PRO B 143 29.81 -2.66 -0.72
C PRO B 143 30.46 -2.12 0.56
N GLU B 144 31.79 -1.99 0.56
CA GLU B 144 32.50 -1.40 1.69
C GLU B 144 32.05 0.06 1.88
N ASP B 145 32.04 0.84 0.79
CA ASP B 145 31.61 2.25 0.84
C ASP B 145 30.10 2.44 1.06
N MET B 146 29.28 1.55 0.50
CA MET B 146 27.83 1.57 0.75
C MET B 146 27.52 1.28 2.21
N THR B 147 28.29 0.38 2.83
CA THR B 147 28.16 0.06 4.26
C THR B 147 28.55 1.26 5.15
N ARG B 148 29.61 1.98 4.77
CA ARG B 148 30.00 3.22 5.46
C ARG B 148 28.84 4.22 5.49
N LEU B 149 28.25 4.44 4.32
CA LEU B 149 27.12 5.36 4.17
C LEU B 149 25.90 4.95 5.01
N THR B 150 25.41 3.73 4.79
CA THR B 150 24.14 3.30 5.40
C THR B 150 24.24 3.17 6.92
N LEU B 151 25.40 2.75 7.43
CA LEU B 151 25.64 2.71 8.87
C LEU B 151 25.64 4.11 9.48
N ASP B 152 26.37 5.03 8.86
CA ASP B 152 26.43 6.41 9.34
C ASP B 152 25.09 7.12 9.29
N THR B 153 24.31 6.85 8.23
CA THR B 153 22.99 7.45 8.06
C THR B 153 22.04 7.07 9.20
N ILE B 154 21.98 5.77 9.53
CA ILE B 154 21.12 5.30 10.62
C ILE B 154 21.61 5.76 12.00
N GLY B 155 22.93 5.79 12.20
CA GLY B 155 23.52 6.32 13.43
C GLY B 155 23.13 7.78 13.67
N LEU B 156 23.26 8.59 12.62
CA LEU B 156 23.01 10.02 12.69
C LEU B 156 21.51 10.33 12.76
N CYS B 157 20.74 9.80 11.80
CA CYS B 157 19.28 9.99 11.78
C CYS B 157 18.58 9.35 12.96
N GLY B 158 19.12 8.24 13.46
CA GLY B 158 18.51 7.49 14.54
C GLY B 158 18.74 8.09 15.91
N PHE B 159 20.00 8.32 16.24
N PHE B 159 19.99 8.28 16.30
CA PHE B 159 20.42 8.68 17.61
CA PHE B 159 20.31 8.80 17.63
C PHE B 159 21.43 9.83 17.68
C PHE B 159 21.45 9.82 17.67
N ASN B 160 21.56 10.62 16.61
CA ASN B 160 22.53 11.74 16.54
C ASN B 160 23.99 11.36 16.88
N TYR B 161 24.39 10.14 16.51
CA TYR B 161 25.74 9.64 16.77
C TYR B 161 26.46 9.49 15.45
N ARG B 162 27.71 9.93 15.41
CA ARG B 162 28.53 9.86 14.21
C ARG B 162 29.56 8.74 14.33
N PHE B 163 29.32 7.65 13.62
CA PHE B 163 30.30 6.55 13.49
C PHE B 163 31.54 6.98 12.69
N ASN B 164 31.39 8.00 11.85
CA ASN B 164 32.49 8.57 11.07
C ASN B 164 33.24 7.49 10.28
N SER B 165 32.47 6.66 9.59
CA SER B 165 32.99 5.52 8.83
C SER B 165 33.87 5.94 7.65
N PHE B 166 33.56 7.09 7.05
CA PHE B 166 34.39 7.65 5.99
C PHE B 166 35.75 8.23 6.48
N TYR B 167 35.94 8.31 7.80
CA TYR B 167 37.23 8.70 8.40
C TYR B 167 38.11 7.52 8.85
N ARG B 168 37.80 6.29 8.43
CA ARG B 168 38.57 5.13 8.89
C ARG B 168 38.48 3.87 8.02
N ASP B 169 39.48 3.01 8.20
CA ASP B 169 39.54 1.67 7.61
C ASP B 169 39.09 0.63 8.64
N GLN B 170 39.67 0.71 9.84
CA GLN B 170 39.28 -0.16 10.97
C GLN B 170 37.92 0.35 11.49
N PRO B 171 36.88 -0.50 11.46
CA PRO B 171 35.54 -0.01 11.82
C PRO B 171 35.36 0.25 13.32
N HIS B 172 34.23 0.86 13.66
CA HIS B 172 33.90 1.25 15.05
C HIS B 172 33.88 0.00 15.96
N PRO B 173 34.33 0.13 17.23
CA PRO B 173 34.33 -1.03 18.15
C PRO B 173 32.98 -1.75 18.29
N PHE B 174 31.89 -0.98 18.30
CA PHE B 174 30.52 -1.52 18.25
C PHE B 174 30.29 -2.43 17.05
N ILE B 175 30.77 -2.00 15.88
CA ILE B 175 30.54 -2.73 14.62
C ILE B 175 31.33 -4.03 14.57
N THR B 176 32.56 -4.02 15.08
CA THR B 176 33.37 -5.26 15.15
C THR B 176 32.68 -6.31 16.01
N SER B 177 32.09 -5.89 17.12
CA SER B 177 31.31 -6.78 17.98
C SER B 177 29.99 -7.24 17.34
N MET B 178 29.28 -6.31 16.68
CA MET B 178 28.00 -6.62 16.03
C MET B 178 28.15 -7.63 14.88
N VAL B 179 29.13 -7.39 14.01
CA VAL B 179 29.41 -8.28 12.87
C VAL B 179 29.84 -9.68 13.37
N ARG B 180 30.70 -9.72 14.38
CA ARG B 180 31.17 -10.98 14.96
C ARG B 180 30.05 -11.73 15.72
N ALA B 181 29.15 -10.99 16.36
CA ALA B 181 27.96 -11.56 17.00
C ALA B 181 27.00 -12.18 15.98
N LEU B 182 26.80 -11.46 14.87
CA LEU B 182 25.99 -11.97 13.74
C LEU B 182 26.62 -13.20 13.08
N ASP B 183 27.94 -13.17 12.92
CA ASP B 183 28.70 -14.32 12.43
C ASP B 183 28.55 -15.53 13.37
N GLU B 184 28.60 -15.28 14.67
CA GLU B 184 28.44 -16.33 15.69
C GLU B 184 27.02 -16.92 15.73
N ALA B 185 26.01 -16.08 15.50
CA ALA B 185 24.63 -16.55 15.38
C ALA B 185 24.45 -17.43 14.14
N MET B 186 25.09 -17.03 13.04
CA MET B 186 25.07 -17.78 11.78
C MET B 186 25.79 -19.12 11.89
N ASN B 187 26.95 -19.14 12.56
CA ASN B 187 27.76 -20.36 12.71
C ASN B 187 27.16 -21.39 13.67
N LYS B 188 26.38 -20.95 14.65
CA LYS B 188 25.70 -21.89 15.59
C LYS B 188 24.60 -22.74 14.94
N LEU B 189 24.10 -22.33 13.78
CA LEU B 189 23.18 -23.15 12.98
C LEU B 189 23.80 -24.49 12.57
N GLN B 190 25.08 -24.46 12.18
CA GLN B 190 25.76 -25.61 11.59
C GLN B 190 26.54 -26.45 12.63
N ARG B 191 26.02 -26.51 13.86
CA ARG B 191 26.79 -26.95 15.03
C ARG B 191 26.08 -28.10 15.77
N ALA B 192 26.88 -28.93 16.45
CA ALA B 192 26.38 -30.15 17.10
C ALA B 192 26.17 -29.98 18.61
N ASN B 193 27.26 -29.91 19.38
CA ASN B 193 27.21 -29.83 20.85
C ASN B 193 27.60 -28.42 21.31
N PRO B 194 26.68 -27.67 21.92
CA PRO B 194 26.96 -26.29 22.32
C PRO B 194 27.89 -26.16 23.55
N ASP B 195 27.69 -27.03 24.55
CA ASP B 195 28.51 -27.03 25.77
C ASP B 195 29.85 -27.78 25.66
N ASP B 196 30.19 -28.25 24.44
CA ASP B 196 31.52 -28.80 24.15
C ASP B 196 32.61 -27.77 24.49
N PRO B 197 33.70 -28.19 25.17
CA PRO B 197 34.87 -27.33 25.44
C PRO B 197 35.46 -26.59 24.23
N ALA B 198 35.40 -27.21 23.05
CA ALA B 198 35.93 -26.62 21.80
C ALA B 198 35.30 -25.26 21.43
N TYR B 199 34.01 -25.08 21.74
CA TYR B 199 33.29 -23.83 21.44
C TYR B 199 33.14 -22.88 22.65
N ASP B 200 33.97 -23.06 23.68
CA ASP B 200 33.94 -22.18 24.86
C ASP B 200 34.50 -20.77 24.61
N GLU B 201 35.45 -20.66 23.69
CA GLU B 201 36.02 -19.34 23.33
C GLU B 201 35.02 -18.53 22.51
N ASN B 202 34.23 -19.22 21.66
CA ASN B 202 33.16 -18.58 20.89
C ASN B 202 32.09 -17.96 21.79
N LYS B 203 31.70 -18.67 22.87
CA LYS B 203 30.73 -18.16 23.84
C LYS B 203 31.27 -16.97 24.64
N ARG B 204 32.52 -17.08 25.09
CA ARG B 204 33.19 -16.00 25.83
C ARG B 204 33.34 -14.72 24.98
N GLN B 205 33.65 -14.90 23.70
CA GLN B 205 33.72 -13.78 22.74
C GLN B 205 32.33 -13.19 22.46
N PHE B 206 31.31 -14.05 22.39
CA PHE B 206 29.92 -13.63 22.19
C PHE B 206 29.39 -12.77 23.34
N GLN B 207 29.69 -13.18 24.57
CA GLN B 207 29.30 -12.41 25.76
C GLN B 207 30.04 -11.08 25.88
N GLU B 208 31.30 -11.04 25.42
CA GLU B 208 32.04 -9.77 25.32
C GLU B 208 31.40 -8.84 24.29
N ASP B 209 31.03 -9.39 23.15
CA ASP B 209 30.38 -8.63 22.07
C ASP B 209 28.99 -8.12 22.45
N ILE B 210 28.23 -8.92 23.21
CA ILE B 210 26.95 -8.46 23.78
C ILE B 210 27.18 -7.27 24.72
N LYS B 211 28.16 -7.41 25.61
CA LYS B 211 28.51 -6.34 26.57
C LYS B 211 28.97 -5.07 25.88
N VAL B 212 29.80 -5.20 24.85
CA VAL B 212 30.30 -4.05 24.08
C VAL B 212 29.15 -3.25 23.44
N MET B 213 28.19 -3.96 22.85
CA MET B 213 27.02 -3.33 22.23
C MET B 213 26.10 -2.70 23.28
N ASN B 214 25.83 -3.45 24.35
CA ASN B 214 25.01 -2.95 25.47
C ASN B 214 25.60 -1.72 26.15
N ASP B 215 26.92 -1.74 26.39
CA ASP B 215 27.62 -0.64 27.08
C ASP B 215 27.60 0.68 26.29
N LEU B 216 27.86 0.61 24.98
CA LEU B 216 27.81 1.81 24.13
C LEU B 216 26.40 2.36 24.03
N VAL B 217 25.42 1.49 23.77
CA VAL B 217 24.04 1.93 23.53
C VAL B 217 23.40 2.47 24.81
N ASP B 218 23.57 1.76 25.94
CA ASP B 218 23.06 2.24 27.24
C ASP B 218 23.65 3.58 27.66
N LYS B 219 24.94 3.79 27.37
CA LYS B 219 25.60 5.06 27.63
C LYS B 219 25.01 6.18 26.77
N ILE B 220 24.73 5.87 25.51
CA ILE B 220 24.09 6.83 24.59
C ILE B 220 22.65 7.16 25.03
N ILE B 221 21.94 6.18 25.59
CA ILE B 221 20.60 6.42 26.17
C ILE B 221 20.73 7.35 27.38
N ALA B 222 21.58 6.97 28.31
CA ALA B 222 21.80 7.71 29.57
C ALA B 222 22.25 9.16 29.35
N ASP B 223 23.20 9.36 28.43
CA ASP B 223 23.70 10.71 28.10
C ASP B 223 22.61 11.63 27.53
N ARG B 224 21.72 11.07 26.70
CA ARG B 224 20.59 11.83 26.15
C ARG B 224 19.58 12.22 27.23
N LYS B 225 19.32 11.31 28.18
CA LYS B 225 18.46 11.59 29.32
C LYS B 225 19.01 12.70 30.23
N ALA B 226 20.32 12.65 30.49
CA ALA B 226 21.00 13.63 31.35
C ALA B 226 20.94 15.04 30.76
N SER B 227 21.32 15.17 29.49
CA SER B 227 21.30 16.47 28.80
C SER B 227 19.90 17.04 28.61
N GLY B 228 18.93 16.18 28.36
CA GLY B 228 17.55 16.61 28.07
C GLY B 228 17.41 17.31 26.72
N GLU B 229 18.33 17.02 25.80
CA GLU B 229 18.37 17.67 24.49
C GLU B 229 17.32 17.04 23.59
N GLN B 230 16.56 17.88 22.90
CA GLN B 230 15.45 17.44 22.04
C GLN B 230 15.86 17.50 20.56
N SER B 231 16.89 16.74 20.22
CA SER B 231 17.29 16.55 18.82
C SER B 231 16.30 15.57 18.19
N ASP B 232 15.57 16.03 17.17
CA ASP B 232 14.43 15.28 16.64
C ASP B 232 14.89 14.06 15.83
N ASP B 233 14.99 12.92 16.52
CA ASP B 233 15.47 11.66 15.95
C ASP B 233 14.70 10.48 16.57
N LEU B 234 15.08 9.24 16.20
CA LEU B 234 14.45 8.02 16.77
C LEU B 234 14.53 7.94 18.29
N LEU B 235 15.71 8.26 18.85
CA LEU B 235 15.92 8.17 20.30
C LEU B 235 15.01 9.10 21.09
N THR B 236 14.89 10.35 20.64
CA THR B 236 13.97 11.33 21.26
C THR B 236 12.51 10.87 21.19
N HIS B 237 12.10 10.33 20.05
CA HIS B 237 10.73 9.82 19.87
C HIS B 237 10.45 8.61 20.78
N MET B 238 11.46 7.77 21.00
CA MET B 238 11.34 6.61 21.90
C MET B 238 11.35 6.99 23.38
N LEU B 239 12.15 7.98 23.76
CA LEU B 239 12.21 8.47 25.14
C LEU B 239 10.92 9.21 25.57
N ASN B 240 10.30 9.93 24.64
CA ASN B 240 9.10 10.74 24.92
C ASN B 240 7.79 10.05 24.52
N GLY B 241 7.82 9.23 23.46
CA GLY B 241 6.61 8.66 22.88
C GLY B 241 5.92 7.64 23.77
N LYS B 242 4.59 7.61 23.68
CA LYS B 242 3.76 6.69 24.43
C LYS B 242 2.85 5.94 23.48
N ASP B 243 2.69 4.65 23.72
CA ASP B 243 1.79 3.81 22.93
C ASP B 243 0.35 4.25 23.21
N PRO B 244 -0.41 4.64 22.14
CA PRO B 244 -1.82 5.01 22.32
C PRO B 244 -2.71 3.92 22.97
N GLU B 245 -2.38 2.66 22.71
CA GLU B 245 -3.15 1.53 23.24
C GLU B 245 -2.96 1.33 24.76
N THR B 246 -1.75 0.97 25.20
CA THR B 246 -1.46 0.78 26.63
C THR B 246 -1.35 2.10 27.41
N GLY B 247 -0.93 3.17 26.73
CA GLY B 247 -0.57 4.43 27.40
C GLY B 247 0.83 4.43 28.00
N GLU B 248 1.62 3.40 27.69
CA GLU B 248 2.95 3.24 28.28
C GLU B 248 4.03 3.63 27.27
N PRO B 249 5.19 4.12 27.78
CA PRO B 249 6.37 4.29 26.95
C PRO B 249 7.24 3.02 26.94
N LEU B 250 8.25 3.01 26.08
CA LEU B 250 9.26 1.94 26.09
C LEU B 250 10.23 2.22 27.24
N ASP B 251 10.62 1.18 27.98
CA ASP B 251 11.67 1.33 29.01
C ASP B 251 13.06 1.31 28.36
N ASP B 252 14.07 1.74 29.12
CA ASP B 252 15.44 1.93 28.57
C ASP B 252 16.07 0.64 28.02
N GLU B 253 15.72 -0.51 28.60
CA GLU B 253 16.22 -1.80 28.12
C GLU B 253 15.69 -2.10 26.71
N ASN B 254 14.39 -1.90 26.50
CA ASN B 254 13.79 -2.11 25.19
C ASN B 254 14.30 -1.11 24.17
N ILE B 255 14.51 0.15 24.59
CA ILE B 255 15.03 1.20 23.69
C ILE B 255 16.42 0.80 23.17
N ARG B 256 17.27 0.30 24.07
CA ARG B 256 18.58 -0.21 23.68
C ARG B 256 18.48 -1.30 22.61
N TYR B 257 17.56 -2.25 22.82
CA TYR B 257 17.33 -3.31 21.84
C TYR B 257 16.85 -2.77 20.50
N GLN B 258 15.96 -1.77 20.52
CA GLN B 258 15.50 -1.13 19.28
C GLN B 258 16.67 -0.49 18.54
N ILE B 259 17.55 0.19 19.28
CA ILE B 259 18.74 0.85 18.71
C ILE B 259 19.69 -0.17 18.09
N ILE B 260 19.99 -1.25 18.81
CA ILE B 260 20.84 -2.33 18.29
C ILE B 260 20.21 -2.89 17.01
N THR B 261 18.89 -3.10 17.03
CA THR B 261 18.15 -3.61 15.88
C THR B 261 18.26 -2.71 14.65
N PHE B 262 18.12 -1.40 14.84
CA PHE B 262 18.24 -0.45 13.72
C PHE B 262 19.65 -0.43 13.14
N LEU B 263 20.66 -0.50 14.00
CA LEU B 263 22.07 -0.54 13.57
C LEU B 263 22.40 -1.80 12.75
N ILE B 264 21.84 -2.94 13.13
CA ILE B 264 21.97 -4.18 12.35
C ILE B 264 21.38 -3.97 10.95
N ALA B 265 20.14 -3.47 10.92
CA ALA B 265 19.40 -3.28 9.67
C ALA B 265 20.06 -2.26 8.74
N GLY B 266 20.47 -1.12 9.30
CA GLY B 266 21.14 -0.08 8.55
C GLY B 266 22.51 -0.47 8.02
N HIS B 267 23.20 -1.36 8.74
CA HIS B 267 24.48 -1.89 8.31
C HIS B 267 24.30 -2.92 7.19
N GLU B 268 23.52 -3.96 7.50
CA GLU B 268 23.44 -5.16 6.66
C GLU B 268 22.63 -4.97 5.38
N THR B 269 21.32 -4.81 5.51
CA THR B 269 20.38 -4.90 4.39
C THR B 269 20.47 -3.78 3.36
N THR B 270 20.60 -2.53 3.84
CA THR B 270 20.47 -1.35 2.98
C THR B 270 21.67 -1.14 2.06
N SER B 271 22.89 -1.40 2.55
CA SER B 271 24.10 -1.28 1.72
C SER B 271 24.09 -2.29 0.57
N GLY B 272 23.58 -3.49 0.85
CA GLY B 272 23.43 -4.54 -0.16
C GLY B 272 22.58 -4.09 -1.34
N LEU B 273 21.44 -3.45 -1.05
CA LEU B 273 20.54 -2.91 -2.08
C LEU B 273 21.29 -1.97 -3.02
N LEU B 274 21.99 -0.99 -2.43
CA LEU B 274 22.77 -0.03 -3.20
C LEU B 274 23.88 -0.71 -4.01
N SER B 275 24.53 -1.70 -3.42
CA SER B 275 25.60 -2.45 -4.08
C SER B 275 25.08 -3.27 -5.26
N PHE B 276 24.01 -4.03 -5.03
CA PHE B 276 23.36 -4.81 -6.10
C PHE B 276 22.82 -3.90 -7.20
N ALA B 277 22.21 -2.78 -6.81
CA ALA B 277 21.68 -1.81 -7.77
C ALA B 277 22.78 -1.28 -8.70
N LEU B 278 23.89 -0.85 -8.13
CA LEU B 278 25.02 -0.35 -8.93
C LEU B 278 25.64 -1.45 -9.80
N TYR B 279 25.71 -2.69 -9.28
CA TYR B 279 26.14 -3.84 -10.07
C TYR B 279 25.28 -4.01 -11.33
N PHE B 280 23.97 -4.03 -11.15
CA PHE B 280 23.04 -4.18 -12.28
C PHE B 280 23.10 -3.01 -13.25
N LEU B 281 23.34 -1.80 -12.74
CA LEU B 281 23.48 -0.62 -13.60
C LEU B 281 24.72 -0.72 -14.52
N VAL B 282 25.88 -1.08 -13.97
CA VAL B 282 27.10 -1.21 -14.79
C VAL B 282 27.06 -2.41 -15.76
N LYS B 283 26.30 -3.45 -15.41
CA LYS B 283 26.08 -4.58 -16.31
C LYS B 283 25.00 -4.34 -17.37
N ASN B 284 24.23 -3.25 -17.24
CA ASN B 284 23.19 -2.89 -18.19
C ASN B 284 23.28 -1.40 -18.54
N PRO B 285 24.21 -1.03 -19.45
CA PRO B 285 24.51 0.37 -19.79
C PRO B 285 23.33 1.24 -20.22
N HIS B 286 22.38 0.67 -20.97
CA HIS B 286 21.18 1.42 -21.40
C HIS B 286 20.29 1.82 -20.21
N VAL B 287 20.25 0.96 -19.20
CA VAL B 287 19.50 1.24 -17.96
C VAL B 287 20.21 2.31 -17.13
N LEU B 288 21.54 2.19 -17.03
CA LEU B 288 22.39 3.20 -16.39
C LEU B 288 22.20 4.58 -17.01
N GLN B 289 22.24 4.64 -18.35
CA GLN B 289 22.03 5.90 -19.07
C GLN B 289 20.65 6.50 -18.76
N LYS B 290 19.61 5.67 -18.82
CA LYS B 290 18.23 6.10 -18.56
C LYS B 290 18.07 6.65 -17.15
N ALA B 291 18.69 5.98 -16.17
CA ALA B 291 18.68 6.42 -14.78
C ALA B 291 19.52 7.69 -14.58
N ALA B 292 20.65 7.78 -15.28
CA ALA B 292 21.51 8.97 -15.22
C ALA B 292 20.85 10.22 -15.82
N GLU B 293 20.10 10.02 -16.90
CA GLU B 293 19.32 11.10 -17.54
C GLU B 293 18.24 11.67 -16.61
N GLU B 294 17.56 10.79 -15.87
CA GLU B 294 16.56 11.20 -14.88
C GLU B 294 17.19 12.03 -13.75
N ALA B 295 18.31 11.54 -13.23
CA ALA B 295 19.05 12.22 -12.17
C ALA B 295 19.51 13.62 -12.58
N ALA B 296 19.96 13.76 -13.82
CA ALA B 296 20.38 15.07 -14.36
C ALA B 296 19.21 16.04 -14.52
N ARG B 297 18.08 15.52 -15.02
CA ARG B 297 16.86 16.31 -15.20
C ARG B 297 16.22 16.74 -13.88
N VAL B 298 16.13 15.81 -12.92
CA VAL B 298 15.43 16.05 -11.65
C VAL B 298 16.29 16.78 -10.63
N LEU B 299 17.53 16.32 -10.42
CA LEU B 299 18.40 16.88 -9.37
C LEU B 299 19.12 18.15 -9.86
N VAL B 300 18.36 19.23 -10.03
CA VAL B 300 18.88 20.49 -10.58
C VAL B 300 19.65 21.36 -9.58
N ASP B 301 19.51 21.08 -8.28
CA ASP B 301 20.19 21.84 -7.22
C ASP B 301 21.40 21.07 -6.68
N PRO B 302 22.41 21.79 -6.16
CA PRO B 302 23.59 21.13 -5.55
C PRO B 302 23.26 20.23 -4.36
N VAL B 303 22.33 20.68 -3.50
CA VAL B 303 21.79 19.90 -2.39
C VAL B 303 20.42 19.38 -2.84
N PRO B 304 20.25 18.04 -2.96
CA PRO B 304 18.92 17.51 -3.31
C PRO B 304 17.86 17.75 -2.23
N SER B 305 16.63 18.01 -2.67
CA SER B 305 15.49 18.21 -1.78
C SER B 305 14.67 16.93 -1.65
N TYR B 306 13.77 16.90 -0.68
CA TYR B 306 12.89 15.75 -0.45
C TYR B 306 12.03 15.45 -1.68
N LYS B 307 11.36 16.46 -2.22
CA LYS B 307 10.43 16.28 -3.35
C LYS B 307 11.14 15.75 -4.61
N GLN B 308 12.39 16.18 -4.81
CA GLN B 308 13.19 15.75 -5.95
C GLN B 308 13.50 14.26 -5.89
N VAL B 309 13.81 13.76 -4.69
CA VAL B 309 14.03 12.32 -4.46
C VAL B 309 12.76 11.52 -4.77
N LYS B 310 11.59 12.06 -4.41
CA LYS B 310 10.30 11.44 -4.75
C LYS B 310 10.05 11.42 -6.26
N GLN B 311 10.52 12.44 -6.98
CA GLN B 311 10.39 12.51 -8.44
C GLN B 311 11.35 11.60 -9.23
N LEU B 312 12.31 10.96 -8.55
CA LEU B 312 13.21 9.99 -9.21
C LEU B 312 12.52 8.63 -9.38
N LYS B 313 11.59 8.57 -10.34
CA LYS B 313 10.73 7.41 -10.55
C LYS B 313 11.51 6.20 -11.07
N TYR B 314 12.28 6.43 -12.14
CA TYR B 314 13.12 5.38 -12.73
C TYR B 314 14.22 4.85 -11.79
N VAL B 315 14.77 5.72 -10.94
CA VAL B 315 15.73 5.28 -9.92
C VAL B 315 15.03 4.34 -8.92
N GLY B 316 13.80 4.68 -8.54
CA GLY B 316 12.95 3.79 -7.72
C GLY B 316 12.68 2.44 -8.37
N MET B 317 12.43 2.46 -9.68
CA MET B 317 12.24 1.23 -10.46
C MET B 317 13.50 0.37 -10.49
N VAL B 318 14.66 1.02 -10.61
CA VAL B 318 15.97 0.34 -10.57
C VAL B 318 16.18 -0.38 -9.23
N LEU B 319 15.89 0.32 -8.13
CA LEU B 319 16.00 -0.26 -6.79
C LEU B 319 15.05 -1.44 -6.58
N ASN B 320 13.80 -1.29 -7.00
CA ASN B 320 12.81 -2.38 -6.89
C ASN B 320 13.21 -3.63 -7.68
N GLU B 321 13.76 -3.42 -8.87
CA GLU B 321 14.25 -4.54 -9.70
C GLU B 321 15.51 -5.19 -9.12
N ALA B 322 16.36 -4.41 -8.45
CA ALA B 322 17.48 -4.95 -7.68
C ALA B 322 16.96 -5.77 -6.49
N LEU B 323 15.93 -5.27 -5.81
CA LEU B 323 15.27 -5.99 -4.71
C LEU B 323 14.56 -7.26 -5.19
N ARG B 324 14.08 -7.27 -6.44
CA ARG B 324 13.46 -8.47 -7.01
C ARG B 324 14.49 -9.60 -7.11
N LEU B 325 15.56 -9.36 -7.84
CA LEU B 325 16.57 -10.40 -8.11
C LEU B 325 17.36 -10.82 -6.87
N TRP B 326 17.78 -9.85 -6.07
CA TRP B 326 18.59 -10.12 -4.87
C TRP B 326 18.08 -9.34 -3.65
N PRO B 327 16.93 -9.76 -3.09
CA PRO B 327 16.43 -9.14 -1.86
C PRO B 327 17.38 -9.43 -0.71
N THR B 328 17.89 -8.38 -0.08
CA THR B 328 19.02 -8.49 0.84
C THR B 328 18.71 -9.17 2.18
N ALA B 329 17.44 -9.21 2.58
CA ALA B 329 17.02 -10.04 3.71
C ALA B 329 16.18 -11.18 3.11
N PRO B 330 16.85 -12.22 2.58
CA PRO B 330 16.24 -13.10 1.58
C PRO B 330 15.25 -14.15 2.08
N ALA B 331 15.21 -14.42 3.38
CA ALA B 331 14.28 -15.40 3.93
C ALA B 331 13.62 -14.87 5.20
N PHE B 332 12.33 -15.18 5.38
CA PHE B 332 11.66 -15.01 6.67
C PHE B 332 10.81 -16.24 6.99
N SER B 333 10.54 -16.41 8.28
CA SER B 333 9.91 -17.60 8.81
C SER B 333 8.49 -17.32 9.30
N LEU B 334 7.63 -18.34 9.24
CA LEU B 334 6.24 -18.26 9.69
C LEU B 334 5.87 -19.52 10.46
N TYR B 335 4.81 -19.44 11.28
CA TYR B 335 4.21 -20.61 11.92
C TYR B 335 2.69 -20.59 11.78
N ALA B 336 2.09 -21.78 11.70
CA ALA B 336 0.64 -21.90 11.56
C ALA B 336 -0.04 -21.63 12.90
N LYS B 337 -0.92 -20.63 12.92
CA LYS B 337 -1.67 -20.27 14.13
C LYS B 337 -2.69 -21.35 14.52
N GLU B 338 -3.25 -22.04 13.52
CA GLU B 338 -4.15 -23.18 13.72
C GLU B 338 -3.87 -24.25 12.67
N ASP B 339 -4.53 -25.39 12.79
CA ASP B 339 -4.53 -26.42 11.74
C ASP B 339 -5.06 -25.80 10.44
N THR B 340 -4.38 -26.07 9.34
CA THR B 340 -4.79 -25.55 8.03
C THR B 340 -4.16 -26.37 6.91
N VAL B 341 -4.76 -26.29 5.73
CA VAL B 341 -4.27 -26.99 4.54
C VAL B 341 -3.70 -25.97 3.56
N LEU B 342 -2.44 -26.19 3.16
CA LEU B 342 -1.73 -25.29 2.25
C LEU B 342 -1.81 -25.79 0.81
N GLY B 343 -2.37 -24.96 -0.07
CA GLY B 343 -2.45 -25.27 -1.51
C GLY B 343 -3.45 -26.34 -1.88
N GLY B 344 -4.42 -26.61 -0.99
CA GLY B 344 -5.38 -27.70 -1.17
C GLY B 344 -4.77 -29.09 -1.22
N GLU B 345 -3.60 -29.27 -0.60
CA GLU B 345 -2.86 -30.56 -0.69
C GLU B 345 -1.80 -30.84 0.39
N TYR B 346 -1.22 -29.83 1.05
CA TYR B 346 -0.26 -30.03 2.14
C TYR B 346 -0.87 -29.63 3.49
N PRO B 347 -1.37 -30.61 4.26
CA PRO B 347 -1.95 -30.28 5.57
C PRO B 347 -0.88 -29.92 6.60
N LEU B 348 -1.16 -28.87 7.38
CA LEU B 348 -0.26 -28.40 8.44
C LEU B 348 -1.00 -28.42 9.78
N GLU B 349 -0.28 -28.80 10.83
CA GLU B 349 -0.78 -28.74 12.20
C GLU B 349 -0.43 -27.40 12.81
N LYS B 350 -1.12 -27.04 13.88
CA LYS B 350 -0.81 -25.82 14.65
C LYS B 350 0.64 -25.87 15.13
N GLY B 351 1.37 -24.77 14.88
CA GLY B 351 2.78 -24.68 15.25
C GLY B 351 3.78 -25.04 14.15
N ASP B 352 3.32 -25.69 13.09
CA ASP B 352 4.20 -26.08 11.97
C ASP B 352 4.80 -24.85 11.29
N GLU B 353 6.08 -24.95 10.92
CA GLU B 353 6.85 -23.81 10.43
C GLU B 353 6.95 -23.77 8.91
N LEU B 354 7.01 -22.56 8.37
CA LEU B 354 7.28 -22.30 6.96
C LEU B 354 8.43 -21.31 6.84
N MET B 355 9.23 -21.45 5.78
CA MET B 355 10.22 -20.44 5.38
C MET B 355 9.83 -19.91 4.00
N VAL B 356 9.80 -18.59 3.86
CA VAL B 356 9.55 -17.95 2.57
C VAL B 356 10.92 -17.62 1.96
N LEU B 357 11.19 -18.21 0.80
CA LEU B 357 12.46 -18.00 0.10
C LEU B 357 12.26 -16.89 -0.94
N ILE B 358 12.57 -15.66 -0.54
CA ILE B 358 12.13 -14.47 -1.29
C ILE B 358 12.74 -14.39 -2.71
N PRO B 359 14.03 -14.73 -2.86
CA PRO B 359 14.60 -14.76 -4.22
C PRO B 359 13.89 -15.71 -5.20
N GLN B 360 13.36 -16.83 -4.71
CA GLN B 360 12.62 -17.78 -5.57
C GLN B 360 11.21 -17.31 -5.90
N LEU B 361 10.51 -16.75 -4.91
CA LEU B 361 9.24 -16.04 -5.14
C LEU B 361 9.39 -15.02 -6.28
N HIS B 362 10.48 -14.26 -6.23
CA HIS B 362 10.77 -13.24 -7.23
C HIS B 362 11.20 -13.76 -8.61
N ARG B 363 11.46 -15.07 -8.72
CA ARG B 363 11.74 -15.74 -9.99
C ARG B 363 10.58 -16.67 -10.42
N ASP B 364 9.39 -16.49 -9.84
CA ASP B 364 8.21 -17.28 -10.21
C ASP B 364 7.78 -16.88 -11.63
N LYS B 365 8.00 -17.78 -12.58
CA LYS B 365 7.74 -17.50 -13.99
C LYS B 365 6.26 -17.28 -14.33
N THR B 366 5.35 -17.87 -13.54
CA THR B 366 3.91 -17.68 -13.74
C THR B 366 3.46 -16.23 -13.45
N ILE B 367 4.18 -15.55 -12.56
CA ILE B 367 3.94 -14.14 -12.25
C ILE B 367 4.69 -13.22 -13.20
N TRP B 368 6.00 -13.42 -13.33
CA TRP B 368 6.89 -12.44 -13.97
C TRP B 368 7.22 -12.70 -15.45
N GLY B 369 6.84 -13.87 -15.97
CA GLY B 369 7.25 -14.29 -17.32
C GLY B 369 8.52 -15.12 -17.28
N ASP B 370 8.97 -15.60 -18.44
CA ASP B 370 10.15 -16.49 -18.52
C ASP B 370 11.49 -15.79 -18.27
N ASP B 371 11.58 -14.49 -18.57
CA ASP B 371 12.83 -13.72 -18.48
C ASP B 371 13.22 -13.24 -17.06
N VAL B 372 12.97 -14.06 -16.04
CA VAL B 372 13.14 -13.65 -14.64
C VAL B 372 14.56 -13.25 -14.22
N GLU B 373 15.57 -13.81 -14.89
CA GLU B 373 16.97 -13.50 -14.59
C GLU B 373 17.46 -12.16 -15.16
N GLU B 374 16.74 -11.60 -16.13
CA GLU B 374 17.09 -10.30 -16.71
C GLU B 374 16.75 -9.14 -15.78
N PHE B 375 17.61 -8.12 -15.80
CA PHE B 375 17.40 -6.89 -15.04
C PHE B 375 16.65 -5.89 -15.94
N ARG B 376 15.35 -5.75 -15.69
CA ARG B 376 14.50 -4.81 -16.40
C ARG B 376 13.63 -4.01 -15.42
N PRO B 377 14.07 -2.77 -15.05
CA PRO B 377 13.28 -1.89 -14.18
C PRO B 377 11.88 -1.56 -14.68
N GLU B 378 11.64 -1.70 -15.99
CA GLU B 378 10.34 -1.42 -16.61
C GLU B 378 9.20 -2.34 -16.14
N ARG B 379 9.55 -3.47 -15.49
CA ARG B 379 8.56 -4.29 -14.76
C ARG B 379 7.75 -3.49 -13.73
N PHE B 380 8.41 -2.54 -13.07
CA PHE B 380 7.80 -1.68 -12.05
C PHE B 380 7.34 -0.32 -12.59
N GLU B 381 7.02 -0.24 -13.89
CA GLU B 381 6.45 0.97 -14.51
C GLU B 381 5.22 1.43 -13.73
N ASN B 382 4.30 0.49 -13.53
CA ASN B 382 3.16 0.66 -12.63
C ASN B 382 3.25 -0.44 -11.57
N PRO B 383 3.71 -0.08 -10.34
CA PRO B 383 3.83 -1.12 -9.31
C PRO B 383 2.49 -1.73 -8.84
N SER B 384 1.37 -1.05 -9.09
CA SER B 384 0.04 -1.61 -8.84
C SER B 384 -0.29 -2.86 -9.66
N ALA B 385 0.31 -2.99 -10.85
CA ALA B 385 0.10 -4.16 -11.71
C ALA B 385 0.61 -5.49 -11.15
N ILE B 386 1.55 -5.43 -10.19
CA ILE B 386 2.10 -6.61 -9.54
C ILE B 386 1.06 -7.24 -8.62
N PRO B 387 0.77 -8.55 -8.78
CA PRO B 387 -0.20 -9.22 -7.88
C PRO B 387 0.20 -9.20 -6.40
N GLN B 388 -0.75 -9.48 -5.52
CA GLN B 388 -0.51 -9.43 -4.08
C GLN B 388 0.39 -10.59 -3.64
N HIS B 389 1.35 -10.28 -2.79
CA HIS B 389 2.35 -11.24 -2.28
C HIS B 389 3.30 -11.82 -3.35
N ALA B 390 3.42 -11.14 -4.48
CA ALA B 390 4.35 -11.54 -5.55
C ALA B 390 5.73 -10.89 -5.36
N PHE B 391 5.74 -9.68 -4.80
CA PHE B 391 6.95 -8.89 -4.58
C PHE B 391 7.01 -8.54 -3.09
N LYS B 392 7.84 -9.27 -2.33
CA LYS B 392 7.93 -9.14 -0.87
C LYS B 392 9.35 -8.99 -0.30
N PRO B 393 10.14 -8.01 -0.82
CA PRO B 393 11.49 -7.79 -0.28
C PRO B 393 11.51 -7.20 1.15
N PHE B 394 10.39 -6.63 1.60
CA PHE B 394 10.27 -6.07 2.94
C PHE B 394 9.37 -6.89 3.88
N GLY B 395 9.16 -8.16 3.56
CA GLY B 395 8.37 -9.05 4.42
C GLY B 395 6.87 -8.85 4.27
N ASN B 396 6.12 -9.30 5.27
CA ASN B 396 4.65 -9.39 5.16
C ASN B 396 3.90 -8.71 6.31
N GLY B 397 2.86 -7.97 5.94
CA GLY B 397 1.84 -7.53 6.90
C GLY B 397 2.33 -6.61 8.00
N GLN B 398 1.78 -6.82 9.20
CA GLN B 398 2.19 -6.05 10.38
C GLN B 398 3.65 -6.31 10.80
N ARG B 399 4.18 -7.49 10.46
CA ARG B 399 5.60 -7.81 10.69
C ARG B 399 6.51 -7.52 9.48
N ALA B 400 6.05 -6.69 8.55
CA ALA B 400 6.89 -6.20 7.45
C ALA B 400 7.92 -5.21 7.96
N CYS B 401 8.87 -4.86 7.10
CA CYS B 401 9.94 -3.94 7.47
C CYS B 401 9.40 -2.57 7.87
N ILE B 402 9.65 -2.18 9.13
CA ILE B 402 9.30 -0.84 9.58
C ILE B 402 10.18 0.23 8.91
N GLY B 403 11.41 -0.14 8.53
CA GLY B 403 12.34 0.77 7.86
C GLY B 403 12.28 0.85 6.34
N GLN B 404 11.23 0.31 5.72
CA GLN B 404 11.09 0.31 4.25
C GLN B 404 11.23 1.70 3.63
N GLN B 405 10.53 2.67 4.20
CA GLN B 405 10.51 4.05 3.67
C GLN B 405 11.86 4.75 3.92
N PHE B 406 12.48 4.47 5.05
CA PHE B 406 13.82 4.95 5.38
C PHE B 406 14.85 4.41 4.39
N ALA B 407 14.84 3.10 4.19
CA ALA B 407 15.76 2.43 3.29
C ALA B 407 15.63 2.92 1.85
N LEU B 408 14.39 3.01 1.36
CA LEU B 408 14.13 3.43 -0.02
C LEU B 408 14.44 4.91 -0.27
N HIS B 409 14.20 5.78 0.72
CA HIS B 409 14.52 7.20 0.57
C HIS B 409 16.03 7.41 0.51
N GLU B 410 16.74 6.77 1.44
CA GLU B 410 18.19 6.79 1.47
C GLU B 410 18.81 6.24 0.19
N ALA B 411 18.34 5.07 -0.24
CA ALA B 411 18.83 4.42 -1.46
C ALA B 411 18.60 5.26 -2.70
N THR B 412 17.40 5.83 -2.83
CA THR B 412 17.04 6.68 -3.96
C THR B 412 17.81 8.00 -3.97
N LEU B 413 17.97 8.61 -2.79
CA LEU B 413 18.79 9.82 -2.63
C LEU B 413 20.21 9.59 -3.12
N VAL B 414 20.86 8.59 -2.52
CA VAL B 414 22.29 8.34 -2.75
C VAL B 414 22.56 7.88 -4.19
N LEU B 415 21.75 6.96 -4.69
CA LEU B 415 21.90 6.48 -6.08
C LEU B 415 21.65 7.60 -7.09
N GLY B 416 20.67 8.46 -6.81
CA GLY B 416 20.41 9.66 -7.61
C GLY B 416 21.63 10.57 -7.69
N MET B 417 22.24 10.84 -6.55
CA MET B 417 23.45 11.67 -6.47
C MET B 417 24.66 11.00 -7.14
N MET B 418 24.80 9.69 -6.97
CA MET B 418 25.87 8.92 -7.63
C MET B 418 25.81 9.02 -9.15
N LEU B 419 24.60 8.83 -9.69
CA LEU B 419 24.36 8.92 -11.13
C LEU B 419 24.48 10.34 -11.68
N LYS B 420 24.16 11.33 -10.85
CA LYS B 420 24.35 12.74 -11.21
C LYS B 420 25.82 13.08 -11.39
N HIS B 421 26.64 12.71 -10.40
CA HIS B 421 28.01 13.23 -10.28
C HIS B 421 29.12 12.41 -10.96
N PHE B 422 28.84 11.16 -11.32
CA PHE B 422 29.87 10.26 -11.89
C PHE B 422 29.35 9.38 -13.03
N ASP B 423 30.26 9.07 -13.98
CA ASP B 423 30.12 7.94 -14.88
C ASP B 423 30.83 6.76 -14.24
N PHE B 424 30.32 5.54 -14.45
CA PHE B 424 30.86 4.35 -13.80
C PHE B 424 31.40 3.35 -14.83
N GLU B 425 32.57 2.78 -14.52
CA GLU B 425 33.21 1.77 -15.35
C GLU B 425 33.36 0.46 -14.58
N ASP B 426 32.88 -0.63 -15.18
CA ASP B 426 33.08 -1.99 -14.68
C ASP B 426 34.45 -2.46 -15.20
N HIS B 427 35.51 -1.91 -14.60
CA HIS B 427 36.88 -2.03 -15.15
C HIS B 427 37.50 -3.43 -15.04
N THR B 428 37.08 -4.22 -14.03
CA THR B 428 37.53 -5.60 -13.88
C THR B 428 36.64 -6.64 -14.59
N ASN B 429 35.52 -6.20 -15.16
CA ASN B 429 34.46 -7.09 -15.66
C ASN B 429 34.04 -8.06 -14.55
N TYR B 430 33.55 -7.47 -13.46
CA TYR B 430 33.26 -8.18 -12.22
C TYR B 430 32.34 -9.39 -12.39
N GLU B 431 32.78 -10.54 -11.88
CA GLU B 431 31.95 -11.75 -11.85
C GLU B 431 31.23 -11.78 -10.50
N LEU B 432 29.89 -11.82 -10.57
CA LEU B 432 29.04 -11.80 -9.38
C LEU B 432 29.39 -12.93 -8.42
N ASP B 433 29.74 -12.56 -7.19
CA ASP B 433 30.06 -13.50 -6.11
C ASP B 433 29.37 -13.00 -4.85
N ILE B 434 28.29 -13.68 -4.46
CA ILE B 434 27.41 -13.23 -3.38
C ILE B 434 27.78 -13.88 -2.04
N LYS B 435 28.32 -13.06 -1.13
CA LYS B 435 28.68 -13.50 0.22
C LYS B 435 27.47 -13.37 1.13
N GLU B 436 27.33 -14.31 2.06
CA GLU B 436 26.15 -14.39 2.93
C GLU B 436 26.51 -14.24 4.40
N THR B 437 25.80 -13.35 5.09
CA THR B 437 25.79 -13.23 6.55
C THR B 437 24.30 -13.30 6.95
N LEU B 438 23.78 -12.35 7.72
CA LEU B 438 22.32 -12.11 7.79
C LEU B 438 21.79 -11.81 6.38
N THR B 439 22.56 -11.04 5.61
CA THR B 439 22.15 -10.50 4.33
C THR B 439 23.04 -10.95 3.17
N LEU B 440 22.69 -10.53 1.96
CA LEU B 440 23.44 -10.82 0.74
C LEU B 440 24.21 -9.59 0.29
N LYS B 441 25.42 -9.80 -0.22
CA LYS B 441 26.30 -8.73 -0.66
C LYS B 441 27.15 -9.20 -1.85
N PRO B 442 27.32 -8.35 -2.89
CA PRO B 442 28.22 -8.72 -3.98
C PRO B 442 29.69 -8.52 -3.58
N GLU B 443 30.33 -9.58 -3.06
CA GLU B 443 31.69 -9.49 -2.52
C GLU B 443 32.71 -9.16 -3.61
N GLY B 444 33.63 -8.26 -3.27
CA GLY B 444 34.68 -7.83 -4.20
C GLY B 444 34.21 -7.00 -5.40
N PHE B 445 32.99 -6.46 -5.33
CA PHE B 445 32.45 -5.64 -6.42
C PHE B 445 33.16 -4.29 -6.38
N VAL B 446 33.89 -4.01 -7.47
CA VAL B 446 34.65 -2.77 -7.59
C VAL B 446 34.29 -2.06 -8.89
N VAL B 447 34.34 -0.73 -8.86
CA VAL B 447 34.13 0.11 -10.03
C VAL B 447 35.13 1.26 -10.01
N LYS B 448 35.25 1.93 -11.15
CA LYS B 448 35.93 3.23 -11.25
C LYS B 448 34.88 4.29 -11.52
N ALA B 449 34.99 5.42 -10.81
CA ALA B 449 34.06 6.53 -10.96
C ALA B 449 34.81 7.74 -11.52
N LYS B 450 34.50 8.11 -12.77
CA LYS B 450 35.03 9.33 -13.36
C LYS B 450 34.02 10.45 -13.12
N SER B 451 34.48 11.53 -12.48
CA SER B 451 33.61 12.65 -12.12
C SER B 451 33.15 13.43 -13.36
N LYS B 452 31.91 13.89 -13.31
CA LYS B 452 31.36 14.81 -14.33
C LYS B 452 31.56 16.28 -13.95
N LYS B 453 32.24 16.54 -12.82
CA LYS B 453 32.65 17.88 -12.37
C LYS B 453 31.46 18.83 -12.13
N ILE B 454 30.46 18.33 -11.41
CA ILE B 454 29.30 19.12 -11.01
C ILE B 454 29.46 19.47 -9.53
N PRO B 455 29.35 20.77 -9.16
CA PRO B 455 29.60 21.15 -7.76
C PRO B 455 28.49 20.72 -6.79
N LEU B 456 28.87 20.57 -5.52
CA LEU B 456 27.93 20.23 -4.43
C LEU B 456 27.52 21.48 -3.64
N LYS C 4 -87.47 -27.54 -37.18
CA LYS C 4 -87.30 -27.05 -35.77
C LYS C 4 -86.49 -25.75 -35.73
N GLU C 5 -87.11 -24.68 -35.23
CA GLU C 5 -86.45 -23.38 -35.07
C GLU C 5 -85.44 -23.47 -33.91
N MET C 6 -84.19 -23.15 -34.19
CA MET C 6 -83.13 -23.19 -33.19
C MET C 6 -83.32 -22.04 -32.20
N PRO C 7 -83.19 -22.32 -30.87
CA PRO C 7 -83.25 -21.23 -29.89
C PRO C 7 -82.19 -20.14 -30.14
N GLN C 8 -82.54 -18.90 -29.77
CA GLN C 8 -81.65 -17.75 -29.98
C GLN C 8 -81.91 -16.70 -28.89
N PRO C 9 -80.84 -16.12 -28.31
CA PRO C 9 -81.06 -15.09 -27.28
C PRO C 9 -81.55 -13.77 -27.87
N LYS C 10 -81.89 -12.83 -26.99
CA LYS C 10 -82.45 -11.53 -27.39
C LYS C 10 -81.58 -10.78 -28.41
N THR C 11 -82.25 -10.15 -29.38
CA THR C 11 -81.58 -9.40 -30.45
C THR C 11 -81.71 -7.90 -30.22
N PHE C 12 -80.89 -7.14 -30.95
CA PHE C 12 -80.78 -5.69 -30.82
C PHE C 12 -80.97 -5.04 -32.19
N GLY C 13 -82.06 -5.40 -32.87
CA GLY C 13 -82.34 -4.91 -34.22
C GLY C 13 -81.29 -5.32 -35.24
N GLU C 14 -80.76 -4.34 -35.96
CA GLU C 14 -79.72 -4.56 -36.99
C GLU C 14 -78.41 -5.18 -36.46
N LEU C 15 -78.05 -4.87 -35.22
CA LEU C 15 -76.85 -5.45 -34.59
C LEU C 15 -77.02 -6.91 -34.11
N LYS C 16 -78.25 -7.42 -34.14
CA LYS C 16 -78.55 -8.83 -33.82
C LYS C 16 -78.11 -9.16 -32.39
N ASN C 17 -77.32 -10.22 -32.17
CA ASN C 17 -76.90 -10.59 -30.80
C ASN C 17 -75.57 -9.96 -30.35
N LEU C 18 -74.92 -9.17 -31.21
CA LEU C 18 -73.57 -8.65 -30.93
C LEU C 18 -73.45 -7.86 -29.62
N PRO C 19 -74.42 -6.96 -29.30
CA PRO C 19 -74.34 -6.23 -28.02
C PRO C 19 -74.38 -7.09 -26.74
N LEU C 20 -74.76 -8.37 -26.83
CA LEU C 20 -74.64 -9.29 -25.71
C LEU C 20 -73.17 -9.54 -25.28
N LEU C 21 -72.24 -9.43 -26.23
CA LEU C 21 -70.81 -9.55 -25.92
C LEU C 21 -70.19 -8.22 -25.46
N ASN C 22 -70.90 -7.11 -25.63
CA ASN C 22 -70.48 -5.81 -25.07
C ASN C 22 -70.67 -5.82 -23.55
N THR C 23 -69.76 -6.52 -22.90
CA THR C 23 -69.77 -6.72 -21.45
C THR C 23 -68.40 -7.27 -21.09
N ASP C 24 -67.95 -7.02 -19.87
CA ASP C 24 -66.62 -7.48 -19.43
C ASP C 24 -66.59 -8.98 -19.08
N LYS C 25 -67.75 -9.63 -18.96
CA LYS C 25 -67.82 -11.08 -18.70
C LYS C 25 -68.66 -11.82 -19.77
N PRO C 26 -68.17 -11.88 -21.02
CA PRO C 26 -68.96 -12.46 -22.13
C PRO C 26 -69.18 -13.98 -22.08
N VAL C 27 -68.17 -14.76 -21.65
CA VAL C 27 -68.31 -16.22 -21.50
C VAL C 27 -69.37 -16.55 -20.45
N GLN C 28 -69.29 -15.88 -19.31
CA GLN C 28 -70.28 -16.07 -18.23
C GLN C 28 -71.70 -15.66 -18.62
N ALA C 29 -71.83 -14.64 -19.48
CA ALA C 29 -73.13 -14.29 -20.07
C ALA C 29 -73.62 -15.41 -20.99
N LEU C 30 -72.72 -15.93 -21.83
CA LEU C 30 -73.05 -17.05 -22.73
C LEU C 30 -73.42 -18.33 -21.98
N MET C 31 -72.79 -18.55 -20.83
CA MET C 31 -73.17 -19.66 -19.92
C MET C 31 -74.59 -19.52 -19.38
N LYS C 32 -74.95 -18.31 -18.97
CA LYS C 32 -76.31 -18.00 -18.49
C LYS C 32 -77.34 -18.19 -19.61
N ILE C 33 -77.02 -17.73 -20.81
CA ILE C 33 -77.87 -17.94 -21.99
C ILE C 33 -78.07 -19.44 -22.25
N ALA C 34 -76.99 -20.21 -22.13
CA ALA C 34 -77.04 -21.67 -22.31
C ALA C 34 -77.92 -22.37 -21.26
N ASP C 35 -77.91 -21.89 -20.02
CA ASP C 35 -78.81 -22.39 -18.98
C ASP C 35 -80.27 -22.12 -19.34
N GLU C 36 -80.55 -20.93 -19.87
CA GLU C 36 -81.90 -20.55 -20.28
C GLU C 36 -82.39 -21.32 -21.52
N LEU C 37 -81.55 -21.39 -22.55
CA LEU C 37 -81.97 -21.94 -23.85
C LEU C 37 -81.60 -23.40 -24.10
N GLY C 38 -80.63 -23.95 -23.37
CA GLY C 38 -80.30 -25.37 -23.41
C GLY C 38 -79.07 -25.72 -24.22
N GLU C 39 -79.07 -26.94 -24.79
CA GLU C 39 -77.88 -27.53 -25.41
C GLU C 39 -77.32 -26.82 -26.65
N ILE C 40 -78.17 -26.08 -27.37
CA ILE C 40 -77.74 -25.36 -28.56
C ILE C 40 -78.51 -24.05 -28.72
N PHE C 41 -77.80 -22.99 -29.10
CA PHE C 41 -78.44 -21.75 -29.51
C PHE C 41 -77.67 -21.01 -30.60
N LYS C 42 -78.43 -20.40 -31.51
CA LYS C 42 -77.89 -19.62 -32.61
C LYS C 42 -77.41 -18.28 -32.08
N PHE C 43 -76.34 -17.74 -32.64
CA PHE C 43 -75.82 -16.43 -32.25
C PHE C 43 -75.36 -15.67 -33.49
N GLU C 44 -75.99 -14.52 -33.74
CA GLU C 44 -75.75 -13.72 -34.95
C GLU C 44 -75.13 -12.37 -34.63
N ALA C 45 -74.22 -11.93 -35.49
CA ALA C 45 -73.73 -10.55 -35.52
C ALA C 45 -73.85 -10.08 -36.97
N PRO C 46 -73.67 -8.76 -37.24
CA PRO C 46 -73.71 -8.30 -38.63
C PRO C 46 -72.71 -9.04 -39.52
N GLY C 47 -73.23 -9.76 -40.52
CA GLY C 47 -72.39 -10.50 -41.46
C GLY C 47 -71.78 -11.79 -40.96
N ARG C 48 -72.30 -12.37 -39.88
CA ARG C 48 -71.83 -13.67 -39.39
C ARG C 48 -72.77 -14.39 -38.42
N VAL C 49 -72.56 -15.69 -38.31
CA VAL C 49 -73.39 -16.55 -37.48
C VAL C 49 -72.57 -17.74 -36.95
N THR C 50 -72.87 -18.14 -35.71
CA THR C 50 -72.34 -19.36 -35.13
C THR C 50 -73.37 -19.98 -34.19
N ARG C 51 -73.08 -21.19 -33.71
CA ARG C 51 -73.99 -21.96 -32.88
C ARG C 51 -73.24 -22.43 -31.63
N TYR C 52 -73.74 -22.06 -30.46
CA TYR C 52 -73.09 -22.41 -29.19
C TYR C 52 -73.59 -23.75 -28.68
N LEU C 53 -72.67 -24.72 -28.51
CA LEU C 53 -73.00 -26.06 -28.03
C LEU C 53 -72.63 -26.22 -26.56
N SER C 54 -73.54 -26.83 -25.80
CA SER C 54 -73.38 -27.00 -24.35
C SER C 54 -73.53 -28.44 -23.81
N SER C 55 -74.06 -29.38 -24.61
CA SER C 55 -74.29 -30.75 -24.15
C SER C 55 -73.24 -31.70 -24.71
N GLN C 56 -72.89 -32.70 -23.91
CA GLN C 56 -72.03 -33.81 -24.35
C GLN C 56 -72.61 -34.50 -25.59
N ARG C 57 -73.94 -34.65 -25.62
CA ARG C 57 -74.66 -35.29 -26.73
C ARG C 57 -74.32 -34.69 -28.11
N LEU C 58 -74.31 -33.36 -28.20
CA LEU C 58 -73.98 -32.67 -29.46
C LEU C 58 -72.48 -32.46 -29.65
N ILE C 59 -71.76 -32.17 -28.56
CA ILE C 59 -70.33 -31.89 -28.61
C ILE C 59 -69.51 -33.11 -29.07
N LYS C 60 -69.96 -34.32 -28.71
CA LYS C 60 -69.30 -35.54 -29.17
C LYS C 60 -69.34 -35.70 -30.70
N GLU C 61 -70.41 -35.22 -31.34
CA GLU C 61 -70.49 -35.15 -32.80
C GLU C 61 -69.60 -34.05 -33.36
N ALA C 62 -69.62 -32.88 -32.72
CA ALA C 62 -68.75 -31.76 -33.10
C ALA C 62 -67.26 -32.11 -33.02
N CYS C 63 -66.90 -32.99 -32.09
CA CYS C 63 -65.52 -33.44 -31.91
C CYS C 63 -65.07 -34.56 -32.88
N ASP C 64 -65.99 -35.02 -33.73
CA ASP C 64 -65.65 -35.92 -34.84
C ASP C 64 -64.79 -35.15 -35.86
N GLU C 65 -63.52 -35.54 -35.96
CA GLU C 65 -62.57 -34.84 -36.83
C GLU C 65 -62.79 -35.05 -38.33
N SER C 66 -63.53 -36.10 -38.70
CA SER C 66 -63.93 -36.31 -40.09
C SER C 66 -65.03 -35.35 -40.54
N ARG C 67 -65.82 -34.84 -39.58
CA ARG C 67 -66.95 -33.95 -39.86
C ARG C 67 -66.68 -32.47 -39.58
N PHE C 68 -65.85 -32.17 -38.57
CA PHE C 68 -65.53 -30.80 -38.19
C PHE C 68 -64.04 -30.61 -37.94
N ASP C 69 -63.55 -29.41 -38.21
CA ASP C 69 -62.15 -29.03 -38.05
C ASP C 69 -62.10 -27.73 -37.24
N LYS C 70 -60.95 -27.42 -36.63
CA LYS C 70 -60.80 -26.17 -35.88
C LYS C 70 -61.06 -24.95 -36.77
N ASN C 71 -61.87 -24.03 -36.24
CA ASN C 71 -62.09 -22.73 -36.83
C ASN C 71 -61.36 -21.70 -35.98
N LEU C 72 -60.87 -20.65 -36.61
CA LEU C 72 -60.38 -19.48 -35.90
C LEU C 72 -61.60 -18.61 -35.64
N SER C 73 -61.97 -18.47 -34.37
CA SER C 73 -62.99 -17.52 -33.96
C SER C 73 -62.56 -16.10 -34.32
N GLN C 74 -63.49 -15.16 -34.25
CA GLN C 74 -63.19 -13.76 -34.53
C GLN C 74 -62.07 -13.22 -33.62
N ALA C 75 -62.08 -13.64 -32.37
CA ALA C 75 -61.02 -13.28 -31.41
C ALA C 75 -59.66 -13.85 -31.81
N LEU C 76 -59.63 -15.12 -32.20
CA LEU C 76 -58.38 -15.76 -32.68
C LEU C 76 -57.86 -15.16 -33.99
N LYS C 77 -58.77 -14.71 -34.85
CA LYS C 77 -58.37 -13.99 -36.07
C LYS C 77 -57.64 -12.69 -35.76
N PHE C 78 -58.08 -11.98 -34.71
CA PHE C 78 -57.36 -10.77 -34.26
C PHE C 78 -56.06 -11.12 -33.55
N VAL C 79 -56.04 -12.22 -32.79
CA VAL C 79 -54.81 -12.72 -32.14
C VAL C 79 -53.76 -13.16 -33.19
N ARG C 80 -54.22 -13.66 -34.33
CA ARG C 80 -53.36 -14.05 -35.46
C ARG C 80 -52.49 -12.89 -36.01
N ASP C 81 -52.92 -11.64 -35.79
CA ASP C 81 -52.09 -10.48 -36.16
C ASP C 81 -50.76 -10.39 -35.41
N PHE C 82 -50.67 -11.00 -34.22
CA PHE C 82 -49.38 -11.12 -33.49
C PHE C 82 -48.88 -12.54 -33.23
N ALA C 83 -49.76 -13.55 -33.24
CA ALA C 83 -49.36 -14.96 -33.11
C ALA C 83 -49.19 -15.67 -34.46
N GLY C 84 -49.52 -14.97 -35.56
CA GLY C 84 -49.23 -15.44 -36.92
C GLY C 84 -49.74 -16.84 -37.23
N ASP C 85 -48.91 -17.63 -37.90
CA ASP C 85 -49.22 -19.04 -38.19
C ASP C 85 -48.51 -20.00 -37.21
N GLY C 86 -48.44 -19.60 -35.93
CA GLY C 86 -48.09 -20.51 -34.86
C GLY C 86 -49.17 -21.57 -34.70
N LEU C 87 -48.90 -22.55 -33.85
CA LEU C 87 -49.82 -23.70 -33.67
C LEU C 87 -51.24 -23.30 -33.28
N PHE C 88 -51.37 -22.26 -32.46
CA PHE C 88 -52.66 -21.85 -31.87
C PHE C 88 -53.55 -21.07 -32.84
N THR C 89 -52.95 -20.28 -33.73
CA THR C 89 -53.70 -19.41 -34.64
C THR C 89 -53.56 -19.76 -36.13
N SER C 90 -53.06 -20.97 -36.42
CA SER C 90 -53.00 -21.48 -37.79
C SER C 90 -54.13 -22.45 -38.07
N TRP C 91 -54.51 -22.53 -39.34
CA TRP C 91 -55.52 -23.49 -39.79
C TRP C 91 -54.84 -24.85 -39.94
N THR C 92 -55.60 -25.92 -39.75
CA THR C 92 -55.10 -27.31 -39.87
C THR C 92 -54.45 -27.60 -41.22
N HIS C 93 -55.01 -27.01 -42.28
CA HIS C 93 -54.53 -27.19 -43.66
C HIS C 93 -53.33 -26.32 -44.07
N GLU C 94 -52.92 -25.39 -43.22
CA GLU C 94 -51.69 -24.62 -43.48
C GLU C 94 -50.46 -25.50 -43.24
N LYS C 95 -49.52 -25.45 -44.18
CA LYS C 95 -48.28 -26.25 -44.13
C LYS C 95 -47.55 -26.10 -42.79
N ASN C 96 -47.45 -24.87 -42.29
CA ASN C 96 -46.77 -24.59 -41.02
C ASN C 96 -47.45 -25.15 -39.77
N TRP C 97 -48.75 -25.46 -39.82
CA TRP C 97 -49.39 -26.12 -38.67
C TRP C 97 -48.84 -27.52 -38.51
N LYS C 98 -49.00 -28.32 -39.57
CA LYS C 98 -48.58 -29.72 -39.56
C LYS C 98 -47.08 -29.87 -39.32
N LYS C 99 -46.27 -29.00 -39.93
CA LYS C 99 -44.82 -28.97 -39.68
C LYS C 99 -44.49 -28.76 -38.20
N ALA C 100 -45.00 -27.67 -37.64
CA ALA C 100 -44.77 -27.32 -36.24
C ALA C 100 -45.31 -28.38 -35.28
N HIS C 101 -46.48 -28.92 -35.61
CA HIS C 101 -47.14 -30.00 -34.86
C HIS C 101 -46.21 -31.21 -34.73
N ASN C 102 -45.72 -31.72 -35.86
CA ASN C 102 -44.83 -32.88 -35.86
C ASN C 102 -43.50 -32.62 -35.15
N ILE C 103 -42.90 -31.45 -35.40
CA ILE C 103 -41.61 -31.08 -34.80
C ILE C 103 -41.70 -30.92 -33.28
N LEU C 104 -42.77 -30.31 -32.78
CA LEU C 104 -42.89 -29.94 -31.36
C LEU C 104 -43.54 -30.98 -30.43
N LEU C 105 -44.26 -31.96 -30.98
CA LEU C 105 -44.90 -32.99 -30.13
C LEU C 105 -43.92 -33.76 -29.23
N PRO C 106 -42.73 -34.14 -29.76
CA PRO C 106 -41.69 -34.73 -28.90
C PRO C 106 -41.22 -33.81 -27.77
N SER C 107 -41.17 -32.51 -28.02
CA SER C 107 -40.77 -31.53 -27.01
C SER C 107 -41.82 -31.27 -25.92
N PHE C 108 -43.08 -31.66 -26.17
CA PHE C 108 -44.18 -31.42 -25.21
C PHE C 108 -44.74 -32.70 -24.57
N SER C 109 -44.11 -33.85 -24.82
CA SER C 109 -44.60 -35.14 -24.32
C SER C 109 -44.41 -35.27 -22.81
N GLN C 110 -45.07 -36.27 -22.23
CA GLN C 110 -44.93 -36.56 -20.80
C GLN C 110 -43.48 -36.89 -20.44
N GLN C 111 -42.81 -37.68 -21.28
CA GLN C 111 -41.40 -38.02 -21.09
C GLN C 111 -40.47 -36.81 -21.14
N ALA C 112 -40.77 -35.85 -22.02
CA ALA C 112 -40.00 -34.61 -22.13
C ALA C 112 -40.06 -33.72 -20.87
N MET C 113 -41.10 -33.91 -20.05
CA MET C 113 -41.23 -33.18 -18.77
C MET C 113 -40.12 -33.50 -17.77
N LYS C 114 -39.50 -34.67 -17.90
CA LYS C 114 -38.30 -35.02 -17.13
C LYS C 114 -37.17 -34.01 -17.37
N GLY C 115 -37.03 -33.58 -18.63
CA GLY C 115 -36.05 -32.56 -19.01
C GLY C 115 -36.34 -31.17 -18.46
N TYR C 116 -37.60 -30.76 -18.44
CA TYR C 116 -37.98 -29.42 -17.94
C TYR C 116 -38.08 -29.33 -16.42
N HIS C 117 -38.18 -30.48 -15.74
CA HIS C 117 -38.48 -30.52 -14.30
C HIS C 117 -37.58 -29.62 -13.44
N ALA C 118 -36.28 -29.69 -13.66
CA ALA C 118 -35.31 -28.92 -12.85
C ALA C 118 -35.58 -27.42 -12.88
N MET C 119 -35.82 -26.90 -14.08
N MET C 119 -35.82 -26.87 -14.06
CA MET C 119 -36.13 -25.47 -14.30
CA MET C 119 -36.09 -25.43 -14.19
C MET C 119 -37.50 -25.06 -13.76
C MET C 119 -37.52 -25.04 -13.80
N MET C 120 -38.47 -25.98 -13.79
CA MET C 120 -39.79 -25.76 -13.18
C MET C 120 -39.67 -25.60 -11.67
N VAL C 121 -38.80 -26.41 -11.06
CA VAL C 121 -38.50 -26.33 -9.63
C VAL C 121 -37.80 -25.00 -9.27
N ASP C 122 -36.88 -24.54 -10.11
CA ASP C 122 -36.22 -23.24 -9.96
C ASP C 122 -37.23 -22.12 -9.70
N ILE C 123 -38.30 -22.08 -10.52
CA ILE C 123 -39.33 -21.04 -10.41
C ILE C 123 -40.27 -21.32 -9.23
N ALA C 124 -40.62 -22.59 -9.03
CA ALA C 124 -41.47 -22.98 -7.90
C ALA C 124 -40.85 -22.67 -6.54
N VAL C 125 -39.53 -22.87 -6.43
CA VAL C 125 -38.78 -22.50 -5.23
C VAL C 125 -38.84 -20.98 -5.00
N GLN C 126 -38.66 -20.19 -6.06
CA GLN C 126 -38.82 -18.72 -5.96
C GLN C 126 -40.20 -18.28 -5.44
N LEU C 127 -41.26 -18.98 -5.83
CA LEU C 127 -42.60 -18.71 -5.30
C LEU C 127 -42.68 -19.04 -3.81
N VAL C 128 -42.22 -20.24 -3.45
CA VAL C 128 -42.26 -20.69 -2.06
C VAL C 128 -41.44 -19.76 -1.16
N GLN C 129 -40.26 -19.36 -1.62
CA GLN C 129 -39.40 -18.44 -0.85
C GLN C 129 -40.01 -17.04 -0.67
N LYS C 130 -40.74 -16.54 -1.68
CA LYS C 130 -41.45 -15.26 -1.54
C LYS C 130 -42.44 -15.32 -0.39
N TRP C 131 -43.25 -16.38 -0.37
CA TRP C 131 -44.29 -16.56 0.65
C TRP C 131 -43.70 -16.85 2.04
N GLU C 132 -42.58 -17.56 2.10
CA GLU C 132 -41.83 -17.75 3.36
C GLU C 132 -41.36 -16.42 3.94
N ARG C 133 -41.00 -15.48 3.07
CA ARG C 133 -40.44 -14.19 3.46
C ARG C 133 -41.48 -13.08 3.73
N LEU C 134 -42.76 -13.36 3.54
CA LEU C 134 -43.82 -12.42 3.92
C LEU C 134 -43.89 -12.29 5.44
N ASN C 135 -44.17 -11.08 5.91
CA ASN C 135 -44.33 -10.80 7.34
C ASN C 135 -45.69 -11.29 7.82
N ALA C 136 -45.87 -11.37 9.13
CA ALA C 136 -47.14 -11.79 9.72
C ALA C 136 -48.23 -10.78 9.39
N ASP C 137 -49.42 -11.28 9.06
CA ASP C 137 -50.57 -10.47 8.62
C ASP C 137 -50.31 -9.67 7.32
N GLU C 138 -49.48 -10.23 6.44
CA GLU C 138 -49.42 -9.81 5.04
C GLU C 138 -50.11 -10.91 4.26
N HIS C 139 -50.75 -10.53 3.16
CA HIS C 139 -51.50 -11.48 2.34
C HIS C 139 -50.83 -11.71 0.99
N ILE C 140 -51.31 -12.74 0.30
CA ILE C 140 -50.86 -13.13 -1.02
C ILE C 140 -51.92 -12.70 -2.03
N GLU C 141 -51.47 -12.07 -3.11
CA GLU C 141 -52.31 -11.82 -4.28
C GLU C 141 -52.15 -13.04 -5.20
N VAL C 142 -53.15 -13.92 -5.18
CA VAL C 142 -53.00 -15.27 -5.75
C VAL C 142 -52.79 -15.28 -7.27
N PRO C 143 -53.76 -14.78 -8.07
CA PRO C 143 -53.54 -14.83 -9.52
C PRO C 143 -52.32 -14.04 -10.01
N GLU C 144 -52.00 -12.94 -9.31
CA GLU C 144 -50.81 -12.15 -9.62
C GLU C 144 -49.54 -13.01 -9.45
N ASP C 145 -49.42 -13.70 -8.32
CA ASP C 145 -48.26 -14.57 -8.04
C ASP C 145 -48.22 -15.84 -8.88
N MET C 146 -49.39 -16.42 -9.17
CA MET C 146 -49.45 -17.59 -10.06
C MET C 146 -49.02 -17.20 -11.49
N THR C 147 -49.38 -15.99 -11.92
CA THR C 147 -48.95 -15.46 -13.22
C THR C 147 -47.44 -15.19 -13.27
N ARG C 148 -46.86 -14.69 -12.18
CA ARG C 148 -45.40 -14.57 -12.07
C ARG C 148 -44.71 -15.92 -12.29
N LEU C 149 -45.23 -16.95 -11.62
CA LEU C 149 -44.65 -18.29 -11.72
C LEU C 149 -44.77 -18.89 -13.12
N THR C 150 -45.99 -18.92 -13.66
CA THR C 150 -46.23 -19.61 -14.93
C THR C 150 -45.56 -18.94 -16.12
N LEU C 151 -45.52 -17.62 -16.10
CA LEU C 151 -44.79 -16.86 -17.13
C LEU C 151 -43.30 -17.14 -17.09
N ASP C 152 -42.71 -17.10 -15.89
CA ASP C 152 -41.28 -17.37 -15.71
C ASP C 152 -40.92 -18.81 -16.08
N THR C 153 -41.81 -19.76 -15.78
CA THR C 153 -41.58 -21.16 -16.09
C THR C 153 -41.49 -21.39 -17.60
N ILE C 154 -42.44 -20.86 -18.36
CA ILE C 154 -42.42 -21.00 -19.83
C ILE C 154 -41.28 -20.25 -20.49
N GLY C 155 -40.94 -19.06 -19.97
CA GLY C 155 -39.79 -18.30 -20.45
C GLY C 155 -38.48 -19.06 -20.29
N LEU C 156 -38.30 -19.66 -19.11
CA LEU C 156 -37.08 -20.37 -18.77
C LEU C 156 -37.00 -21.74 -19.45
N CYS C 157 -38.04 -22.55 -19.26
CA CYS C 157 -38.10 -23.88 -19.88
C CYS C 157 -38.14 -23.82 -21.41
N GLY C 158 -38.78 -22.79 -21.95
CA GLY C 158 -38.96 -22.64 -23.37
C GLY C 158 -37.73 -22.15 -24.11
N PHE C 159 -37.17 -21.04 -23.64
N PHE C 159 -37.18 -21.01 -23.71
CA PHE C 159 -36.13 -20.28 -24.37
CA PHE C 159 -36.03 -20.42 -24.40
C PHE C 159 -34.96 -19.82 -23.50
C PHE C 159 -34.98 -19.79 -23.48
N ASN C 160 -34.80 -20.39 -22.30
CA ASN C 160 -33.74 -19.99 -21.34
C ASN C 160 -33.67 -18.48 -21.03
N TYR C 161 -34.83 -17.83 -21.00
CA TYR C 161 -34.92 -16.40 -20.72
C TYR C 161 -35.61 -16.22 -19.37
N ARG C 162 -35.00 -15.42 -18.50
CA ARG C 162 -35.56 -15.13 -17.19
C ARG C 162 -36.30 -13.80 -17.19
N PHE C 163 -37.63 -13.86 -17.18
CA PHE C 163 -38.47 -12.68 -17.01
C PHE C 163 -38.34 -12.06 -15.61
N ASN C 164 -37.92 -12.86 -14.63
CA ASN C 164 -37.67 -12.39 -13.26
C ASN C 164 -38.87 -11.63 -12.68
N SER C 165 -40.05 -12.23 -12.85
CA SER C 165 -41.32 -11.63 -12.40
C SER C 165 -41.39 -11.47 -10.88
N PHE C 166 -40.75 -12.38 -10.15
CA PHE C 166 -40.67 -12.26 -8.68
C PHE C 166 -39.72 -11.16 -8.18
N TYR C 167 -38.99 -10.50 -9.09
CA TYR C 167 -38.15 -9.33 -8.76
C TYR C 167 -38.79 -7.98 -9.11
N ARG C 168 -40.11 -7.93 -9.36
CA ARG C 168 -40.76 -6.67 -9.77
C ARG C 168 -42.28 -6.62 -9.62
N ASP C 169 -42.78 -5.40 -9.56
CA ASP C 169 -44.21 -5.07 -9.61
C ASP C 169 -44.60 -4.71 -11.04
N GLN C 170 -43.85 -3.78 -11.64
CA GLN C 170 -44.06 -3.35 -13.03
C GLN C 170 -43.58 -4.48 -13.94
N PRO C 171 -44.50 -5.10 -14.73
CA PRO C 171 -44.11 -6.29 -15.49
C PRO C 171 -43.19 -5.99 -16.67
N HIS C 172 -42.68 -7.06 -17.28
CA HIS C 172 -41.71 -6.98 -18.38
C HIS C 172 -42.31 -6.20 -19.58
N PRO C 173 -41.48 -5.41 -20.30
CA PRO C 173 -41.98 -4.66 -21.47
C PRO C 173 -42.73 -5.49 -22.51
N PHE C 174 -42.25 -6.71 -22.77
CA PHE C 174 -42.95 -7.68 -23.61
C PHE C 174 -44.37 -7.97 -23.13
N ILE C 175 -44.53 -8.16 -21.81
CA ILE C 175 -45.81 -8.56 -21.21
C ILE C 175 -46.85 -7.44 -21.28
N THR C 176 -46.42 -6.20 -21.02
CA THR C 176 -47.32 -5.05 -21.12
C THR C 176 -47.88 -4.91 -22.55
N SER C 177 -47.04 -5.17 -23.54
CA SER C 177 -47.47 -5.19 -24.94
C SER C 177 -48.37 -6.38 -25.27
N MET C 178 -48.03 -7.56 -24.76
CA MET C 178 -48.81 -8.78 -25.01
C MET C 178 -50.22 -8.71 -24.42
N VAL C 179 -50.30 -8.27 -23.15
CA VAL C 179 -51.59 -8.10 -22.44
C VAL C 179 -52.48 -7.07 -23.15
N ARG C 180 -51.89 -5.94 -23.54
CA ARG C 180 -52.62 -4.87 -24.23
C ARG C 180 -53.03 -5.27 -25.66
N ALA C 181 -52.22 -6.11 -26.31
CA ALA C 181 -52.57 -6.68 -27.62
C ALA C 181 -53.76 -7.65 -27.52
N LEU C 182 -53.75 -8.49 -26.49
CA LEU C 182 -54.88 -9.40 -26.20
C LEU C 182 -56.15 -8.63 -25.80
N ASP C 183 -55.98 -7.57 -25.03
CA ASP C 183 -57.08 -6.66 -24.68
C ASP C 183 -57.66 -6.01 -25.95
N GLU C 184 -56.78 -5.57 -26.85
CA GLU C 184 -57.19 -4.93 -28.11
C GLU C 184 -57.89 -5.91 -29.07
N ALA C 185 -57.49 -7.18 -29.06
CA ALA C 185 -58.18 -8.22 -29.83
C ALA C 185 -59.59 -8.48 -29.28
N MET C 186 -59.71 -8.49 -27.96
CA MET C 186 -60.98 -8.68 -27.26
C MET C 186 -61.95 -7.52 -27.50
N ASN C 187 -61.43 -6.29 -27.42
CA ASN C 187 -62.24 -5.07 -27.63
C ASN C 187 -62.70 -4.89 -29.08
N LYS C 188 -61.91 -5.37 -30.04
CA LYS C 188 -62.28 -5.26 -31.47
C LYS C 188 -63.49 -6.09 -31.90
N LEU C 189 -63.92 -7.03 -31.06
CA LEU C 189 -65.18 -7.76 -31.25
C LEU C 189 -66.38 -6.80 -31.33
N GLN C 190 -66.37 -5.79 -30.44
CA GLN C 190 -67.39 -4.73 -30.43
C GLN C 190 -66.88 -3.48 -31.14
N ARG C 191 -67.05 -3.44 -32.46
CA ARG C 191 -66.55 -2.32 -33.26
C ARG C 191 -67.25 -2.27 -34.62
N ALA C 192 -68.05 -1.23 -34.85
CA ALA C 192 -68.83 -1.09 -36.08
C ALA C 192 -67.94 -0.71 -37.27
N ASN C 193 -67.25 0.42 -37.14
CA ASN C 193 -66.37 0.95 -38.18
C ASN C 193 -64.92 0.95 -37.68
N PRO C 194 -64.06 0.06 -38.23
CA PRO C 194 -62.67 -0.04 -37.74
C PRO C 194 -61.78 1.14 -38.17
N ASP C 195 -61.96 1.64 -39.39
CA ASP C 195 -61.21 2.80 -39.90
C ASP C 195 -61.70 4.17 -39.37
N ASP C 196 -62.77 4.17 -38.57
CA ASP C 196 -63.23 5.36 -37.84
C ASP C 196 -62.07 6.03 -37.08
N PRO C 197 -61.85 7.36 -37.27
CA PRO C 197 -60.81 8.12 -36.56
C PRO C 197 -60.75 7.97 -35.03
N ALA C 198 -61.88 7.68 -34.38
CA ALA C 198 -61.93 7.45 -32.93
C ALA C 198 -61.08 6.27 -32.43
N TYR C 199 -60.91 5.24 -33.28
CA TYR C 199 -60.11 4.06 -32.95
C TYR C 199 -58.73 4.03 -33.63
N ASP C 200 -58.22 5.19 -34.07
CA ASP C 200 -56.89 5.28 -34.69
C ASP C 200 -55.74 5.17 -33.69
N GLU C 201 -55.97 5.61 -32.44
CA GLU C 201 -54.95 5.52 -31.38
C GLU C 201 -54.76 4.06 -30.94
N ASN C 202 -55.84 3.28 -30.98
CA ASN C 202 -55.80 1.85 -30.69
C ASN C 202 -54.95 1.08 -31.69
N LYS C 203 -55.09 1.41 -32.98
CA LYS C 203 -54.30 0.78 -34.04
C LYS C 203 -52.80 1.10 -33.96
N ARG C 204 -52.47 2.35 -33.63
CA ARG C 204 -51.06 2.76 -33.45
C ARG C 204 -50.42 2.00 -32.29
N GLN C 205 -51.16 1.86 -31.19
CA GLN C 205 -50.73 1.12 -30.01
C GLN C 205 -50.59 -0.40 -30.30
N PHE C 206 -51.50 -0.93 -31.10
CA PHE C 206 -51.48 -2.35 -31.49
C PHE C 206 -50.26 -2.69 -32.34
N GLN C 207 -49.96 -1.83 -33.33
CA GLN C 207 -48.79 -2.00 -34.19
C GLN C 207 -47.48 -1.81 -33.43
N GLU C 208 -47.48 -0.91 -32.45
CA GLU C 208 -46.34 -0.74 -31.54
C GLU C 208 -46.13 -1.99 -30.68
N ASP C 209 -47.22 -2.54 -30.16
CA ASP C 209 -47.17 -3.75 -29.33
C ASP C 209 -46.76 -5.00 -30.12
N ILE C 210 -47.20 -5.09 -31.37
CA ILE C 210 -46.73 -6.14 -32.29
C ILE C 210 -45.21 -6.03 -32.49
N LYS C 211 -44.74 -4.81 -32.76
CA LYS C 211 -43.32 -4.54 -32.96
C LYS C 211 -42.47 -4.85 -31.73
N VAL C 212 -42.98 -4.50 -30.54
CA VAL C 212 -42.29 -4.79 -29.28
C VAL C 212 -42.08 -6.30 -29.08
N MET C 213 -43.13 -7.08 -29.34
CA MET C 213 -43.06 -8.55 -29.21
C MET C 213 -42.13 -9.17 -30.25
N ASN C 214 -42.26 -8.73 -31.51
CA ASN C 214 -41.40 -9.21 -32.61
C ASN C 214 -39.92 -8.90 -32.36
N ASP C 215 -39.63 -7.65 -32.01
CA ASP C 215 -38.25 -7.19 -31.78
C ASP C 215 -37.53 -7.99 -30.70
N LEU C 216 -38.19 -8.21 -29.56
CA LEU C 216 -37.58 -8.96 -28.46
C LEU C 216 -37.43 -10.45 -28.77
N VAL C 217 -38.45 -11.06 -29.40
CA VAL C 217 -38.41 -12.49 -29.72
C VAL C 217 -37.40 -12.78 -30.84
N ASP C 218 -37.43 -11.99 -31.92
CA ASP C 218 -36.46 -12.13 -33.03
C ASP C 218 -35.01 -11.97 -32.57
N LYS C 219 -34.78 -11.04 -31.64
CA LYS C 219 -33.46 -10.85 -31.05
C LYS C 219 -33.02 -12.09 -30.27
N ILE C 220 -33.93 -12.65 -29.50
CA ILE C 220 -33.67 -13.89 -28.73
C ILE C 220 -33.38 -15.09 -29.66
N ILE C 221 -34.03 -15.14 -30.82
CA ILE C 221 -33.73 -16.16 -31.83
C ILE C 221 -32.30 -15.96 -32.33
N ALA C 222 -32.02 -14.75 -32.82
CA ALA C 222 -30.73 -14.40 -33.42
C ALA C 222 -29.54 -14.59 -32.46
N ASP C 223 -29.73 -14.24 -31.19
CA ASP C 223 -28.68 -14.44 -30.17
C ASP C 223 -28.35 -15.91 -29.96
N ARG C 224 -29.36 -16.78 -29.98
CA ARG C 224 -29.16 -18.22 -29.85
C ARG C 224 -28.45 -18.80 -31.07
N LYS C 225 -28.83 -18.36 -32.27
CA LYS C 225 -28.20 -18.79 -33.52
C LYS C 225 -26.72 -18.38 -33.60
N ALA C 226 -26.43 -17.15 -33.16
CA ALA C 226 -25.06 -16.62 -33.17
C ALA C 226 -24.15 -17.35 -32.18
N SER C 227 -24.61 -17.53 -30.94
CA SER C 227 -23.82 -18.18 -29.88
C SER C 227 -23.54 -19.66 -30.13
N GLY C 228 -24.50 -20.36 -30.74
CA GLY C 228 -24.41 -21.82 -30.90
C GLY C 228 -24.57 -22.56 -29.58
N GLU C 229 -25.27 -21.94 -28.63
CA GLU C 229 -25.53 -22.52 -27.31
C GLU C 229 -26.54 -23.64 -27.49
N GLN C 230 -26.23 -24.83 -26.97
CA GLN C 230 -27.09 -26.00 -27.13
C GLN C 230 -27.78 -26.35 -25.79
N SER C 231 -28.42 -25.34 -25.21
CA SER C 231 -29.20 -25.52 -23.98
C SER C 231 -30.50 -26.23 -24.33
N ASP C 232 -30.84 -27.27 -23.57
CA ASP C 232 -31.96 -28.15 -23.94
C ASP C 232 -33.30 -27.50 -23.57
N ASP C 233 -33.91 -26.86 -24.56
CA ASP C 233 -35.19 -26.14 -24.39
C ASP C 233 -35.98 -26.10 -25.71
N LEU C 234 -37.17 -25.51 -25.70
CA LEU C 234 -38.02 -25.43 -26.90
C LEU C 234 -37.33 -24.76 -28.10
N LEU C 235 -36.62 -23.66 -27.85
CA LEU C 235 -35.95 -22.90 -28.92
C LEU C 235 -34.91 -23.74 -29.66
N THR C 236 -34.09 -24.46 -28.91
CA THR C 236 -33.08 -25.38 -29.48
C THR C 236 -33.73 -26.48 -30.33
N HIS C 237 -34.82 -27.08 -29.84
CA HIS C 237 -35.53 -28.12 -30.59
C HIS C 237 -36.14 -27.58 -31.88
N MET C 238 -36.61 -26.33 -31.86
CA MET C 238 -37.15 -25.66 -33.05
C MET C 238 -36.07 -25.26 -34.05
N LEU C 239 -34.92 -24.80 -33.56
CA LEU C 239 -33.79 -24.44 -34.44
C LEU C 239 -33.16 -25.66 -35.15
N ASN C 240 -33.12 -26.79 -34.47
CA ASN C 240 -32.48 -28.02 -34.99
C ASN C 240 -33.46 -29.03 -35.59
N GLY C 241 -34.70 -29.06 -35.09
CA GLY C 241 -35.65 -30.12 -35.43
C GLY C 241 -36.15 -30.06 -36.87
N LYS C 242 -36.35 -31.23 -37.45
CA LYS C 242 -36.88 -31.38 -38.80
C LYS C 242 -38.20 -32.14 -38.71
N ASP C 243 -39.18 -31.69 -39.49
CA ASP C 243 -40.45 -32.40 -39.66
C ASP C 243 -40.16 -33.70 -40.42
N PRO C 244 -40.46 -34.88 -39.83
CA PRO C 244 -40.24 -36.15 -40.55
C PRO C 244 -41.00 -36.27 -41.88
N GLU C 245 -42.17 -35.64 -41.97
CA GLU C 245 -43.01 -35.69 -43.18
C GLU C 245 -42.41 -34.92 -44.37
N THR C 246 -42.27 -33.60 -44.23
CA THR C 246 -41.70 -32.75 -45.30
C THR C 246 -40.17 -32.80 -45.36
N GLY C 247 -39.53 -33.09 -44.23
CA GLY C 247 -38.07 -33.01 -44.11
C GLY C 247 -37.55 -31.59 -43.86
N GLU C 248 -38.46 -30.64 -43.62
CA GLU C 248 -38.11 -29.23 -43.46
C GLU C 248 -38.11 -28.85 -41.99
N PRO C 249 -37.26 -27.87 -41.60
CA PRO C 249 -37.38 -27.23 -40.29
C PRO C 249 -38.30 -26.00 -40.35
N LEU C 250 -38.60 -25.44 -39.19
CA LEU C 250 -39.33 -24.18 -39.10
C LEU C 250 -38.37 -23.04 -39.43
N ASP C 251 -38.82 -22.05 -40.20
CA ASP C 251 -38.04 -20.83 -40.41
C ASP C 251 -38.16 -19.89 -39.21
N ASP C 252 -37.28 -18.90 -39.14
CA ASP C 252 -37.18 -18.02 -37.96
C ASP C 252 -38.45 -17.20 -37.68
N GLU C 253 -39.18 -16.84 -38.73
CA GLU C 253 -40.45 -16.11 -38.56
C GLU C 253 -41.49 -16.97 -37.82
N ASN C 254 -41.65 -18.21 -38.26
CA ASN C 254 -42.58 -19.14 -37.62
C ASN C 254 -42.15 -19.49 -36.19
N ILE C 255 -40.84 -19.60 -35.97
CA ILE C 255 -40.30 -19.88 -34.62
C ILE C 255 -40.69 -18.75 -33.65
N ARG C 256 -40.55 -17.49 -34.08
CA ARG C 256 -40.99 -16.34 -33.31
C ARG C 256 -42.47 -16.44 -32.95
N TYR C 257 -43.30 -16.81 -33.93
CA TYR C 257 -44.73 -16.98 -33.70
C TYR C 257 -45.04 -18.10 -32.69
N GLN C 258 -44.29 -19.20 -32.73
CA GLN C 258 -44.43 -20.25 -31.74
C GLN C 258 -44.09 -19.74 -30.33
N ILE C 259 -43.01 -18.96 -30.24
CA ILE C 259 -42.55 -18.40 -28.97
C ILE C 259 -43.60 -17.45 -28.39
N ILE C 260 -44.12 -16.54 -29.21
CA ILE C 260 -45.18 -15.63 -28.79
C ILE C 260 -46.40 -16.44 -28.31
N THR C 261 -46.74 -17.50 -29.05
CA THR C 261 -47.85 -18.39 -28.71
C THR C 261 -47.68 -19.06 -27.35
N PHE C 262 -46.48 -19.58 -27.08
CA PHE C 262 -46.20 -20.23 -25.78
C PHE C 262 -46.25 -19.25 -24.60
N LEU C 263 -45.76 -18.02 -24.82
CA LEU C 263 -45.80 -16.97 -23.79
C LEU C 263 -47.23 -16.53 -23.43
N ILE C 264 -48.09 -16.40 -24.44
CA ILE C 264 -49.52 -16.15 -24.24
C ILE C 264 -50.14 -17.27 -23.39
N ALA C 265 -49.85 -18.50 -23.80
CA ALA C 265 -50.35 -19.71 -23.12
C ALA C 265 -49.91 -19.83 -21.66
N GLY C 266 -48.61 -19.68 -21.43
CA GLY C 266 -48.02 -19.77 -20.10
C GLY C 266 -48.49 -18.67 -19.15
N HIS C 267 -48.65 -17.47 -19.67
CA HIS C 267 -49.15 -16.33 -18.90
C HIS C 267 -50.61 -16.55 -18.47
N GLU C 268 -51.47 -16.77 -19.45
CA GLU C 268 -52.91 -16.64 -19.27
C GLU C 268 -53.58 -17.86 -18.63
N THR C 269 -53.59 -18.99 -19.35
CA THR C 269 -54.37 -20.16 -18.94
C THR C 269 -53.86 -20.90 -17.70
N THR C 270 -52.55 -21.09 -17.61
CA THR C 270 -51.97 -21.95 -16.58
C THR C 270 -52.05 -21.35 -15.18
N SER C 271 -51.83 -20.04 -15.06
CA SER C 271 -51.98 -19.34 -13.77
C SER C 271 -53.43 -19.39 -13.27
N GLY C 272 -54.38 -19.30 -14.20
CA GLY C 272 -55.80 -19.42 -13.88
C GLY C 272 -56.14 -20.73 -13.20
N LEU C 273 -55.63 -21.83 -13.74
CA LEU C 273 -55.82 -23.17 -13.17
C LEU C 273 -55.37 -23.21 -11.70
N LEU C 274 -54.13 -22.78 -11.47
CA LEU C 274 -53.57 -22.74 -10.12
C LEU C 274 -54.38 -21.85 -9.17
N SER C 275 -54.86 -20.71 -9.68
CA SER C 275 -55.66 -19.78 -8.88
C SER C 275 -57.02 -20.35 -8.52
N PHE C 276 -57.72 -20.90 -9.52
CA PHE C 276 -59.01 -21.57 -9.28
C PHE C 276 -58.85 -22.78 -8.36
N ALA C 277 -57.77 -23.55 -8.56
CA ALA C 277 -57.50 -24.72 -7.71
C ALA C 277 -57.36 -24.33 -6.24
N LEU C 278 -56.53 -23.32 -5.96
CA LEU C 278 -56.36 -22.83 -4.59
C LEU C 278 -57.64 -22.20 -4.03
N TYR C 279 -58.41 -21.54 -4.89
CA TYR C 279 -59.74 -21.02 -4.48
C TYR C 279 -60.65 -22.14 -3.99
N PHE C 280 -60.79 -23.20 -4.77
CA PHE C 280 -61.62 -24.34 -4.37
C PHE C 280 -61.09 -25.07 -3.13
N LEU C 281 -59.76 -25.12 -2.98
CA LEU C 281 -59.16 -25.77 -1.81
C LEU C 281 -59.50 -25.03 -0.50
N VAL C 282 -59.37 -23.71 -0.48
CA VAL C 282 -59.70 -22.92 0.73
C VAL C 282 -61.21 -22.84 1.01
N LYS C 283 -62.04 -23.00 -0.02
CA LYS C 283 -63.49 -23.10 0.16
C LYS C 283 -63.98 -24.51 0.55
N ASN C 284 -63.09 -25.51 0.44
CA ASN C 284 -63.41 -26.89 0.82
C ASN C 284 -62.28 -27.47 1.68
N PRO C 285 -62.28 -27.15 3.00
CA PRO C 285 -61.20 -27.53 3.92
C PRO C 285 -60.87 -29.03 4.01
N HIS C 286 -61.88 -29.90 3.91
CA HIS C 286 -61.64 -31.35 3.91
C HIS C 286 -60.84 -31.80 2.68
N VAL C 287 -61.09 -31.16 1.54
CA VAL C 287 -60.36 -31.45 0.29
C VAL C 287 -58.92 -30.95 0.41
N LEU C 288 -58.76 -29.73 0.94
CA LEU C 288 -57.44 -29.15 1.23
C LEU C 288 -56.59 -30.06 2.12
N GLN C 289 -57.17 -30.50 3.23
CA GLN C 289 -56.49 -31.42 4.17
C GLN C 289 -56.04 -32.70 3.47
N LYS C 290 -56.96 -33.31 2.72
CA LYS C 290 -56.69 -34.55 1.98
C LYS C 290 -55.53 -34.37 0.98
N ALA C 291 -55.52 -33.24 0.28
CA ALA C 291 -54.45 -32.90 -0.67
C ALA C 291 -53.12 -32.60 0.03
N ALA C 292 -53.18 -31.89 1.16
CA ALA C 292 -51.99 -31.57 1.96
C ALA C 292 -51.35 -32.80 2.59
N GLU C 293 -52.19 -33.75 3.03
CA GLU C 293 -51.72 -35.05 3.54
C GLU C 293 -50.98 -35.86 2.47
N GLU C 294 -51.47 -35.83 1.24
CA GLU C 294 -50.78 -36.48 0.11
C GLU C 294 -49.43 -35.81 -0.16
N ALA C 295 -49.43 -34.48 -0.20
CA ALA C 295 -48.20 -33.71 -0.42
C ALA C 295 -47.13 -33.98 0.64
N ALA C 296 -47.55 -34.13 1.90
CA ALA C 296 -46.63 -34.44 3.00
C ALA C 296 -46.05 -35.85 2.92
N ARG C 297 -46.89 -36.82 2.54
CA ARG C 297 -46.46 -38.23 2.41
C ARG C 297 -45.56 -38.47 1.19
N VAL C 298 -45.89 -37.85 0.06
CA VAL C 298 -45.17 -38.08 -1.19
C VAL C 298 -43.90 -37.23 -1.29
N LEU C 299 -44.03 -35.92 -1.07
CA LEU C 299 -42.90 -34.99 -1.24
C LEU C 299 -41.96 -35.01 -0.02
N VAL C 300 -41.21 -36.10 0.12
CA VAL C 300 -40.34 -36.32 1.30
C VAL C 300 -38.96 -35.65 1.22
N ASP C 301 -38.59 -35.14 0.04
CA ASP C 301 -37.30 -34.46 -0.17
C ASP C 301 -37.50 -32.95 -0.25
N PRO C 302 -36.45 -32.16 0.11
CA PRO C 302 -36.50 -30.69 -0.05
C PRO C 302 -36.79 -30.23 -1.48
N VAL C 303 -36.14 -30.86 -2.45
CA VAL C 303 -36.39 -30.64 -3.88
C VAL C 303 -37.27 -31.78 -4.38
N PRO C 304 -38.49 -31.48 -4.86
CA PRO C 304 -39.29 -32.53 -5.49
C PRO C 304 -38.64 -33.10 -6.77
N SER C 305 -38.81 -34.40 -6.98
CA SER C 305 -38.35 -35.08 -8.19
C SER C 305 -39.53 -35.29 -9.13
N TYR C 306 -39.21 -35.65 -10.38
CA TYR C 306 -40.23 -35.95 -11.40
C TYR C 306 -41.20 -37.04 -10.94
N LYS C 307 -40.66 -38.15 -10.44
CA LYS C 307 -41.47 -39.33 -10.04
C LYS C 307 -42.49 -38.99 -8.94
N GLN C 308 -42.09 -38.11 -8.01
CA GLN C 308 -42.92 -37.74 -6.87
C GLN C 308 -44.13 -36.92 -7.31
N VAL C 309 -43.92 -36.03 -8.29
CA VAL C 309 -45.01 -35.25 -8.90
C VAL C 309 -46.03 -36.16 -9.57
N LYS C 310 -45.56 -37.21 -10.24
CA LYS C 310 -46.46 -38.23 -10.83
C LYS C 310 -47.27 -38.99 -9.78
N GLN C 311 -46.66 -39.21 -8.61
CA GLN C 311 -47.36 -39.85 -7.46
C GLN C 311 -48.42 -38.98 -6.78
N LEU C 312 -48.45 -37.67 -7.03
CA LEU C 312 -49.47 -36.77 -6.45
C LEU C 312 -50.81 -36.94 -7.16
N LYS C 313 -51.49 -38.05 -6.87
CA LYS C 313 -52.71 -38.46 -7.57
C LYS C 313 -53.89 -37.56 -7.22
N TYR C 314 -54.13 -37.39 -5.92
CA TYR C 314 -55.18 -36.49 -5.43
C TYR C 314 -54.99 -35.02 -5.82
N VAL C 315 -53.75 -34.55 -5.87
CA VAL C 315 -53.47 -33.18 -6.36
C VAL C 315 -53.87 -33.06 -7.84
N GLY C 316 -53.58 -34.10 -8.63
CA GLY C 316 -54.04 -34.19 -10.02
C GLY C 316 -55.55 -34.17 -10.16
N MET C 317 -56.23 -34.88 -9.26
CA MET C 317 -57.71 -34.88 -9.20
C MET C 317 -58.28 -33.51 -8.85
N VAL C 318 -57.60 -32.80 -7.95
CA VAL C 318 -57.98 -31.43 -7.58
C VAL C 318 -57.90 -30.48 -8.79
N LEU C 319 -56.81 -30.58 -9.54
CA LEU C 319 -56.63 -29.76 -10.75
C LEU C 319 -57.66 -30.07 -11.84
N ASN C 320 -57.94 -31.35 -12.08
CA ASN C 320 -58.95 -31.74 -13.08
C ASN C 320 -60.35 -31.25 -12.71
N GLU C 321 -60.68 -31.27 -11.42
CA GLU C 321 -61.97 -30.74 -10.92
C GLU C 321 -62.04 -29.21 -11.01
N ALA C 322 -60.92 -28.53 -10.79
CA ALA C 322 -60.82 -27.09 -11.06
C ALA C 322 -61.00 -26.80 -12.55
N LEU C 323 -60.39 -27.61 -13.40
CA LEU C 323 -60.56 -27.52 -14.85
C LEU C 323 -61.98 -27.86 -15.31
N ARG C 324 -62.68 -28.74 -14.57
CA ARG C 324 -64.07 -29.03 -14.88
C ARG C 324 -64.94 -27.78 -14.69
N LEU C 325 -64.90 -27.21 -13.49
CA LEU C 325 -65.78 -26.08 -13.16
C LEU C 325 -65.42 -24.78 -13.90
N TRP C 326 -64.13 -24.46 -13.96
CA TRP C 326 -63.66 -23.23 -14.60
C TRP C 326 -62.45 -23.49 -15.51
N PRO C 327 -62.69 -24.11 -16.69
CA PRO C 327 -61.63 -24.32 -17.67
C PRO C 327 -61.16 -22.98 -18.22
N THR C 328 -59.87 -22.69 -18.07
CA THR C 328 -59.35 -21.35 -18.28
C THR C 328 -59.28 -20.87 -19.74
N ALA C 329 -59.39 -21.79 -20.71
CA ALA C 329 -59.60 -21.42 -22.11
C ALA C 329 -60.98 -21.93 -22.48
N PRO C 330 -62.04 -21.21 -22.06
CA PRO C 330 -63.38 -21.81 -21.93
C PRO C 330 -64.17 -22.07 -23.21
N ALA C 331 -63.76 -21.51 -24.34
CA ALA C 331 -64.46 -21.74 -25.60
C ALA C 331 -63.48 -22.01 -26.74
N PHE C 332 -63.85 -22.93 -27.64
CA PHE C 332 -63.17 -23.08 -28.92
C PHE C 332 -64.17 -23.25 -30.06
N SER C 333 -63.70 -22.97 -31.27
CA SER C 333 -64.55 -22.87 -32.45
C SER C 333 -64.26 -23.99 -33.44
N LEU C 334 -65.28 -24.39 -34.18
CA LEU C 334 -65.20 -25.46 -35.19
C LEU C 334 -65.97 -25.04 -36.45
N TYR C 335 -65.63 -25.65 -37.59
CA TYR C 335 -66.41 -25.47 -38.83
C TYR C 335 -66.70 -26.83 -39.47
N ALA C 336 -67.86 -26.94 -40.12
CA ALA C 336 -68.27 -28.18 -40.78
C ALA C 336 -67.46 -28.37 -42.06
N LYS C 337 -66.75 -29.49 -42.16
CA LYS C 337 -65.95 -29.81 -43.35
C LYS C 337 -66.82 -30.13 -44.56
N GLU C 338 -67.99 -30.73 -44.31
CA GLU C 338 -68.99 -30.99 -45.34
C GLU C 338 -70.38 -30.72 -44.76
N ASP C 339 -71.41 -30.84 -45.61
CA ASP C 339 -72.80 -30.84 -45.15
C ASP C 339 -73.00 -31.99 -44.18
N THR C 340 -73.69 -31.73 -43.07
CA THR C 340 -73.96 -32.76 -42.07
C THR C 340 -75.12 -32.35 -41.18
N VAL C 341 -75.72 -33.33 -40.51
CA VAL C 341 -76.83 -33.10 -39.59
C VAL C 341 -76.36 -33.33 -38.17
N LEU C 342 -76.54 -32.33 -37.32
CA LEU C 342 -76.13 -32.38 -35.91
C LEU C 342 -77.30 -32.81 -35.02
N GLY C 343 -77.08 -33.88 -34.24
CA GLY C 343 -78.07 -34.37 -33.28
C GLY C 343 -79.33 -34.98 -33.88
N GLY C 344 -79.26 -35.39 -35.14
CA GLY C 344 -80.43 -35.89 -35.87
C GLY C 344 -81.55 -34.89 -36.10
N GLU C 345 -81.23 -33.59 -36.05
CA GLU C 345 -82.26 -32.53 -36.14
C GLU C 345 -81.82 -31.13 -36.58
N TYR C 346 -80.54 -30.76 -36.40
CA TYR C 346 -80.02 -29.45 -36.85
C TYR C 346 -79.10 -29.61 -38.07
N PRO C 347 -79.63 -29.38 -39.30
CA PRO C 347 -78.78 -29.52 -40.49
C PRO C 347 -77.80 -28.37 -40.64
N LEU C 348 -76.56 -28.69 -40.99
CA LEU C 348 -75.49 -27.71 -41.19
C LEU C 348 -74.94 -27.82 -42.61
N GLU C 349 -74.67 -26.67 -43.22
CA GLU C 349 -74.03 -26.60 -44.54
C GLU C 349 -72.52 -26.60 -44.35
N LYS C 350 -71.79 -26.93 -45.43
CA LYS C 350 -70.34 -26.85 -45.44
C LYS C 350 -69.90 -25.43 -45.08
N GLY C 351 -68.98 -25.33 -44.10
CA GLY C 351 -68.47 -24.03 -43.64
C GLY C 351 -69.18 -23.43 -42.42
N ASP C 352 -70.34 -23.98 -42.03
CA ASP C 352 -71.09 -23.48 -40.87
C ASP C 352 -70.28 -23.66 -39.59
N GLU C 353 -70.34 -22.65 -38.72
CA GLU C 353 -69.50 -22.59 -37.53
C GLU C 353 -70.21 -23.06 -36.26
N LEU C 354 -69.42 -23.65 -35.36
CA LEU C 354 -69.87 -24.04 -34.02
C LEU C 354 -68.93 -23.45 -32.99
N MET C 355 -69.45 -23.13 -31.81
CA MET C 355 -68.65 -22.80 -30.63
C MET C 355 -68.95 -23.84 -29.55
N VAL C 356 -67.90 -24.42 -28.97
CA VAL C 356 -68.04 -25.34 -27.85
C VAL C 356 -67.84 -24.53 -26.57
N LEU C 357 -68.85 -24.53 -25.70
CA LEU C 357 -68.84 -23.77 -24.46
C LEU C 357 -68.45 -24.73 -23.32
N ILE C 358 -67.14 -24.78 -23.03
CA ILE C 358 -66.57 -25.87 -22.22
C ILE C 358 -67.12 -25.89 -20.78
N PRO C 359 -67.32 -24.71 -20.15
CA PRO C 359 -67.93 -24.71 -18.81
C PRO C 359 -69.34 -25.33 -18.75
N GLN C 360 -70.12 -25.20 -19.82
CA GLN C 360 -71.46 -25.79 -19.87
C GLN C 360 -71.43 -27.30 -20.15
N LEU C 361 -70.55 -27.72 -21.07
CA LEU C 361 -70.25 -29.15 -21.25
C LEU C 361 -69.95 -29.82 -19.91
N HIS C 362 -69.11 -29.15 -19.11
CA HIS C 362 -68.71 -29.64 -17.79
C HIS C 362 -69.78 -29.59 -16.69
N ARG C 363 -70.92 -28.94 -16.97
CA ARG C 363 -72.09 -28.94 -16.09
C ARG C 363 -73.28 -29.73 -16.69
N ASP C 364 -73.00 -30.59 -17.68
CA ASP C 364 -74.02 -31.46 -18.26
C ASP C 364 -74.44 -32.49 -17.22
N LYS C 365 -75.63 -32.34 -16.68
CA LYS C 365 -76.11 -33.18 -15.57
C LYS C 365 -76.35 -34.64 -15.95
N THR C 366 -76.60 -34.92 -17.23
CA THR C 366 -76.75 -36.30 -17.72
C THR C 366 -75.43 -37.09 -17.64
N ILE C 367 -74.30 -36.37 -17.71
CA ILE C 367 -72.97 -36.97 -17.57
C ILE C 367 -72.52 -37.02 -16.11
N TRP C 368 -72.58 -35.88 -15.43
CA TRP C 368 -71.94 -35.71 -14.11
C TRP C 368 -72.88 -35.88 -12.90
N GLY C 369 -74.19 -35.97 -13.13
CA GLY C 369 -75.19 -35.97 -12.05
C GLY C 369 -75.66 -34.56 -11.74
N ASP C 370 -76.59 -34.44 -10.79
CA ASP C 370 -77.19 -33.13 -10.46
C ASP C 370 -76.25 -32.16 -9.72
N ASP C 371 -75.29 -32.68 -8.98
CA ASP C 371 -74.38 -31.88 -8.13
C ASP C 371 -73.21 -31.20 -8.89
N VAL C 372 -73.47 -30.68 -10.10
CA VAL C 372 -72.41 -30.19 -10.98
C VAL C 372 -71.63 -28.98 -10.45
N GLU C 373 -72.26 -28.17 -9.61
CA GLU C 373 -71.62 -26.97 -9.03
C GLU C 373 -70.70 -27.27 -7.84
N GLU C 374 -70.80 -28.47 -7.26
CA GLU C 374 -69.94 -28.85 -6.14
C GLU C 374 -68.53 -29.23 -6.61
N PHE C 375 -67.54 -28.86 -5.80
CA PHE C 375 -66.15 -29.22 -6.04
C PHE C 375 -65.86 -30.54 -5.32
N ARG C 376 -65.80 -31.62 -6.09
CA ARG C 376 -65.47 -32.95 -5.58
C ARG C 376 -64.43 -33.62 -6.49
N PRO C 377 -63.13 -33.54 -6.13
CA PRO C 377 -62.06 -34.21 -6.90
C PRO C 377 -62.24 -35.72 -7.10
N GLU C 378 -63.02 -36.35 -6.23
CA GLU C 378 -63.29 -37.79 -6.28
C GLU C 378 -64.02 -38.25 -7.56
N ARG C 379 -64.63 -37.31 -8.30
CA ARG C 379 -65.11 -37.56 -9.67
C ARG C 379 -64.06 -38.16 -10.59
N PHE C 380 -62.81 -37.71 -10.43
CA PHE C 380 -61.66 -38.17 -11.23
C PHE C 380 -60.82 -39.26 -10.55
N GLU C 381 -61.44 -40.03 -9.65
CA GLU C 381 -60.80 -41.19 -8.99
C GLU C 381 -60.20 -42.11 -10.04
N ASN C 382 -61.03 -42.52 -11.00
CA ASN C 382 -60.59 -43.21 -12.21
C ASN C 382 -61.01 -42.34 -13.40
N PRO C 383 -60.05 -41.62 -14.02
CA PRO C 383 -60.41 -40.75 -15.15
C PRO C 383 -60.93 -41.50 -16.40
N SER C 384 -60.61 -42.79 -16.54
CA SER C 384 -61.16 -43.63 -17.61
C SER C 384 -62.68 -43.79 -17.60
N ALA C 385 -63.29 -43.65 -16.42
CA ALA C 385 -64.76 -43.74 -16.28
C ALA C 385 -65.53 -42.59 -16.94
N ILE C 386 -64.85 -41.47 -17.20
CA ILE C 386 -65.45 -40.31 -17.86
C ILE C 386 -65.68 -40.63 -19.34
N PRO C 387 -66.93 -40.45 -19.84
CA PRO C 387 -67.19 -40.71 -21.27
C PRO C 387 -66.38 -39.83 -22.22
N GLN C 388 -66.31 -40.24 -23.50
CA GLN C 388 -65.52 -39.51 -24.49
C GLN C 388 -66.18 -38.16 -24.78
N HIS C 389 -65.33 -37.14 -24.89
CA HIS C 389 -65.75 -35.75 -25.15
C HIS C 389 -66.65 -35.11 -24.07
N ALA C 390 -66.62 -35.67 -22.86
CA ALA C 390 -67.36 -35.12 -21.72
C ALA C 390 -66.51 -34.11 -20.93
N PHE C 391 -65.21 -34.35 -20.88
CA PHE C 391 -64.24 -33.51 -20.17
C PHE C 391 -63.21 -33.05 -21.20
N LYS C 392 -63.28 -31.78 -21.60
CA LYS C 392 -62.43 -31.22 -22.66
C LYS C 392 -61.81 -29.85 -22.34
N PRO C 393 -61.11 -29.73 -21.18
CA PRO C 393 -60.44 -28.46 -20.86
C PRO C 393 -59.24 -28.12 -21.75
N PHE C 394 -58.69 -29.11 -22.46
CA PHE C 394 -57.56 -28.91 -23.38
C PHE C 394 -57.95 -29.05 -24.87
N GLY C 395 -59.22 -28.85 -25.18
CA GLY C 395 -59.68 -28.90 -26.57
C GLY C 395 -59.83 -30.31 -27.10
N ASN C 396 -59.82 -30.45 -28.43
CA ASN C 396 -60.18 -31.70 -29.11
C ASN C 396 -59.14 -32.16 -30.13
N GLY C 397 -58.84 -33.46 -30.10
CA GLY C 397 -58.15 -34.15 -31.20
C GLY C 397 -56.75 -33.64 -31.49
N GLN C 398 -56.40 -33.59 -32.78
CA GLN C 398 -55.09 -33.11 -33.23
C GLN C 398 -54.87 -31.62 -32.92
N ARG C 399 -55.95 -30.84 -32.83
CA ARG C 399 -55.89 -29.43 -32.41
C ARG C 399 -56.11 -29.22 -30.91
N ALA C 400 -55.94 -30.28 -30.10
CA ALA C 400 -55.94 -30.14 -28.64
C ALA C 400 -54.68 -29.42 -28.18
N CYS C 401 -54.67 -29.04 -26.90
CA CYS C 401 -53.54 -28.32 -26.32
C CYS C 401 -52.25 -29.13 -26.39
N ILE C 402 -51.24 -28.60 -27.09
CA ILE C 402 -49.92 -29.22 -27.13
C ILE C 402 -49.21 -29.13 -25.76
N GLY C 403 -49.50 -28.06 -25.00
CA GLY C 403 -48.91 -27.85 -23.69
C GLY C 403 -49.63 -28.48 -22.49
N GLN C 404 -50.55 -29.43 -22.73
CA GLN C 404 -51.31 -30.09 -21.65
C GLN C 404 -50.41 -30.69 -20.58
N GLN C 405 -49.41 -31.45 -21.01
CA GLN C 405 -48.50 -32.16 -20.09
C GLN C 405 -47.58 -31.19 -19.35
N PHE C 406 -47.16 -30.14 -20.04
CA PHE C 406 -46.39 -29.04 -19.44
C PHE C 406 -47.20 -28.33 -18.36
N ALA C 407 -48.43 -27.95 -18.70
CA ALA C 407 -49.32 -27.26 -17.78
C ALA C 407 -49.62 -28.07 -16.52
N LEU C 408 -49.97 -29.34 -16.70
CA LEU C 408 -50.33 -30.20 -15.57
C LEU C 408 -49.13 -30.58 -14.68
N HIS C 409 -47.94 -30.73 -15.28
CA HIS C 409 -46.74 -31.03 -14.48
C HIS C 409 -46.35 -29.83 -13.62
N GLU C 410 -46.36 -28.66 -14.25
CA GLU C 410 -46.09 -27.40 -13.55
C GLU C 410 -47.10 -27.14 -12.44
N ALA C 411 -48.39 -27.28 -12.76
CA ALA C 411 -49.48 -27.07 -11.80
C ALA C 411 -49.41 -28.06 -10.62
N THR C 412 -49.16 -29.32 -10.92
CA THR C 412 -49.07 -30.37 -9.90
C THR C 412 -47.83 -30.22 -9.02
N LEU C 413 -46.70 -29.86 -9.64
CA LEU C 413 -45.47 -29.54 -8.90
C LEU C 413 -45.71 -28.41 -7.90
N VAL C 414 -46.17 -27.29 -8.43
CA VAL C 414 -46.33 -26.05 -7.66
C VAL C 414 -47.36 -26.19 -6.54
N LEU C 415 -48.53 -26.75 -6.87
CA LEU C 415 -49.59 -26.94 -5.88
C LEU C 415 -49.15 -27.94 -4.80
N GLY C 416 -48.45 -29.00 -5.19
CA GLY C 416 -47.86 -29.95 -4.25
C GLY C 416 -46.94 -29.27 -3.25
N MET C 417 -46.05 -28.42 -3.75
CA MET C 417 -45.12 -27.67 -2.90
C MET C 417 -45.85 -26.65 -2.01
N MET C 418 -46.88 -26.00 -2.55
CA MET C 418 -47.69 -25.05 -1.77
C MET C 418 -48.37 -25.69 -0.56
N LEU C 419 -48.98 -26.85 -0.79
CA LEU C 419 -49.67 -27.61 0.25
C LEU C 419 -48.72 -28.24 1.27
N LYS C 420 -47.52 -28.59 0.83
CA LYS C 420 -46.46 -29.08 1.72
C LYS C 420 -46.02 -27.99 2.70
N HIS C 421 -45.70 -26.82 2.18
CA HIS C 421 -44.98 -25.77 2.94
C HIS C 421 -45.86 -24.79 3.73
N PHE C 422 -47.16 -24.69 3.42
CA PHE C 422 -48.04 -23.69 4.04
C PHE C 422 -49.43 -24.21 4.38
N ASP C 423 -50.01 -23.65 5.44
CA ASP C 423 -51.47 -23.68 5.66
C ASP C 423 -52.04 -22.40 5.07
N PHE C 424 -53.28 -22.48 4.57
CA PHE C 424 -53.92 -21.36 3.89
C PHE C 424 -55.18 -20.91 4.61
N GLU C 425 -55.37 -19.59 4.67
CA GLU C 425 -56.54 -18.98 5.29
C GLU C 425 -57.26 -18.09 4.27
N ASP C 426 -58.56 -18.34 4.10
CA ASP C 426 -59.44 -17.48 3.31
C ASP C 426 -59.88 -16.31 4.21
N HIS C 427 -58.95 -15.40 4.48
CA HIS C 427 -59.11 -14.39 5.54
C HIS C 427 -60.17 -13.32 5.26
N THR C 428 -60.38 -13.01 3.98
CA THR C 428 -61.42 -12.05 3.57
C THR C 428 -62.79 -12.69 3.30
N ASN C 429 -62.89 -14.03 3.37
CA ASN C 429 -64.06 -14.78 2.92
C ASN C 429 -64.38 -14.37 1.48
N TYR C 430 -63.40 -14.59 0.61
CA TYR C 430 -63.42 -14.12 -0.79
C TYR C 430 -64.68 -14.53 -1.56
N GLU C 431 -65.29 -13.55 -2.22
CA GLU C 431 -66.43 -13.79 -3.09
C GLU C 431 -65.92 -13.92 -4.53
N LEU C 432 -66.24 -15.03 -5.17
CA LEU C 432 -65.75 -15.33 -6.52
C LEU C 432 -66.17 -14.25 -7.52
N ASP C 433 -65.18 -13.62 -8.13
CA ASP C 433 -65.39 -12.60 -9.16
C ASP C 433 -64.45 -12.94 -10.32
N ILE C 434 -65.01 -13.48 -11.40
CA ILE C 434 -64.21 -14.00 -12.52
C ILE C 434 -64.05 -12.95 -13.62
N LYS C 435 -62.83 -12.42 -13.74
CA LYS C 435 -62.47 -11.47 -14.80
C LYS C 435 -62.12 -12.24 -16.06
N GLU C 436 -62.51 -11.69 -17.21
CA GLU C 436 -62.30 -12.34 -18.50
C GLU C 436 -61.40 -11.52 -19.43
N THR C 437 -60.30 -12.14 -19.87
CA THR C 437 -59.50 -11.68 -21.00
C THR C 437 -59.75 -12.72 -22.09
N LEU C 438 -58.73 -13.35 -22.68
CA LEU C 438 -58.96 -14.59 -23.43
C LEU C 438 -59.21 -15.76 -22.47
N THR C 439 -58.72 -15.63 -21.23
CA THR C 439 -58.88 -16.64 -20.19
C THR C 439 -59.71 -16.16 -19.00
N LEU C 440 -59.98 -17.06 -18.07
CA LEU C 440 -60.73 -16.78 -16.84
C LEU C 440 -59.78 -16.73 -15.64
N LYS C 441 -60.05 -15.82 -14.72
CA LYS C 441 -59.22 -15.60 -13.53
C LYS C 441 -60.09 -15.14 -12.37
N PRO C 442 -59.87 -15.68 -11.14
CA PRO C 442 -60.60 -15.17 -9.98
C PRO C 442 -59.98 -13.87 -9.48
N GLU C 443 -60.50 -12.73 -9.96
CA GLU C 443 -59.93 -11.42 -9.66
C GLU C 443 -60.06 -11.06 -8.19
N GLY C 444 -58.99 -10.49 -7.62
CA GLY C 444 -58.97 -10.10 -6.21
C GLY C 444 -58.91 -11.26 -5.21
N PHE C 445 -58.60 -12.47 -5.68
CA PHE C 445 -58.51 -13.63 -4.80
C PHE C 445 -57.24 -13.51 -3.96
N VAL C 446 -57.42 -13.39 -2.65
CA VAL C 446 -56.31 -13.23 -1.72
C VAL C 446 -56.41 -14.26 -0.60
N VAL C 447 -55.25 -14.70 -0.13
CA VAL C 447 -55.13 -15.63 1.00
C VAL C 447 -53.98 -15.19 1.90
N LYS C 448 -53.94 -15.78 3.10
CA LYS C 448 -52.78 -15.72 3.97
C LYS C 448 -52.17 -17.11 4.03
N ALA C 449 -50.84 -17.17 3.89
CA ALA C 449 -50.10 -18.43 3.96
C ALA C 449 -49.26 -18.44 5.23
N LYS C 450 -49.62 -19.29 6.18
CA LYS C 450 -48.80 -19.49 7.38
C LYS C 450 -47.86 -20.67 7.14
N SER C 451 -46.56 -20.43 7.29
CA SER C 451 -45.54 -21.44 7.02
C SER C 451 -45.56 -22.58 8.04
N LYS C 452 -45.32 -23.79 7.56
CA LYS C 452 -45.15 -24.97 8.41
C LYS C 452 -43.67 -25.20 8.80
N LYS C 453 -42.78 -24.32 8.33
CA LYS C 453 -41.34 -24.33 8.68
C LYS C 453 -40.63 -25.63 8.24
N ILE C 454 -40.83 -25.99 6.98
CA ILE C 454 -40.17 -27.14 6.36
C ILE C 454 -39.12 -26.56 5.39
N PRO C 455 -37.84 -26.99 5.51
CA PRO C 455 -36.78 -26.34 4.72
C PRO C 455 -36.75 -26.77 3.25
N LEU C 456 -36.17 -25.92 2.41
CA LEU C 456 -36.02 -26.18 0.97
C LEU C 456 -34.61 -26.65 0.65
N LYS D 4 91.76 27.03 27.63
CA LYS D 4 91.93 27.12 26.15
C LYS D 4 91.31 25.94 25.41
N GLU D 5 91.49 24.73 25.95
CA GLU D 5 90.94 23.51 25.34
C GLU D 5 89.41 23.52 25.34
N MET D 6 88.83 22.85 24.35
CA MET D 6 87.39 22.85 24.16
C MET D 6 86.73 21.88 25.12
N PRO D 7 85.63 22.30 25.80
CA PRO D 7 84.85 21.36 26.62
C PRO D 7 84.35 20.17 25.82
N GLN D 8 84.30 19.01 26.46
CA GLN D 8 83.86 17.77 25.81
C GLN D 8 83.11 16.90 26.82
N PRO D 9 81.98 16.28 26.41
CA PRO D 9 81.25 15.43 27.35
C PRO D 9 81.96 14.10 27.60
N LYS D 10 81.40 13.32 28.52
CA LYS D 10 81.98 12.05 28.95
C LYS D 10 82.23 11.09 27.79
N THR D 11 83.38 10.40 27.84
CA THR D 11 83.81 9.46 26.81
C THR D 11 83.64 8.02 27.27
N PHE D 12 83.60 7.12 26.29
CA PHE D 12 83.35 5.68 26.51
C PHE D 12 84.52 4.88 25.90
N GLY D 13 85.74 5.23 26.29
CA GLY D 13 86.94 4.56 25.80
C GLY D 13 87.17 4.76 24.30
N GLU D 14 87.38 3.65 23.59
CA GLU D 14 87.58 3.66 22.13
C GLU D 14 86.38 4.20 21.33
N LEU D 15 85.16 4.04 21.86
CA LEU D 15 83.95 4.57 21.21
C LEU D 15 83.79 6.11 21.33
N LYS D 16 84.59 6.75 22.20
CA LYS D 16 84.60 8.21 22.38
C LYS D 16 83.22 8.70 22.89
N ASN D 17 82.62 9.71 22.27
CA ASN D 17 81.31 10.23 22.70
C ASN D 17 80.10 9.55 22.03
N LEU D 18 80.34 8.58 21.15
CA LEU D 18 79.26 8.00 20.33
C LEU D 18 78.10 7.34 21.09
N PRO D 19 78.38 6.66 22.22
CA PRO D 19 77.29 6.09 23.01
C PRO D 19 76.33 7.10 23.67
N LEU D 20 76.69 8.38 23.72
CA LEU D 20 75.77 9.45 24.15
C LEU D 20 74.58 9.59 23.19
N LEU D 21 74.80 9.34 21.90
CA LEU D 21 73.71 9.37 20.91
C LEU D 21 72.88 8.09 20.85
N ASN D 22 73.39 6.99 21.44
CA ASN D 22 72.60 5.75 21.60
C ASN D 22 71.51 5.97 22.66
N THR D 23 70.44 6.65 22.22
CA THR D 23 69.32 7.05 23.06
C THR D 23 68.23 7.51 22.11
N ASP D 24 66.97 7.37 22.52
CA ASP D 24 65.84 7.79 21.65
C ASP D 24 65.60 9.32 21.62
N LYS D 25 66.30 10.09 22.46
CA LYS D 25 66.21 11.56 22.45
C LYS D 25 67.60 12.22 22.40
N PRO D 26 68.33 12.08 21.28
CA PRO D 26 69.70 12.60 21.16
C PRO D 26 69.82 14.13 21.16
N VAL D 27 68.92 14.83 20.47
CA VAL D 27 68.92 16.30 20.44
C VAL D 27 68.73 16.87 21.86
N GLN D 28 67.76 16.32 22.60
CA GLN D 28 67.52 16.73 23.99
C GLN D 28 68.68 16.40 24.93
N ALA D 29 69.39 15.30 24.67
CA ALA D 29 70.62 14.96 25.40
C ALA D 29 71.73 15.97 25.08
N LEU D 30 71.89 16.27 23.79
CA LEU D 30 72.85 17.30 23.35
C LEU D 30 72.53 18.69 23.90
N MET D 31 71.24 18.99 24.05
CA MET D 31 70.80 20.24 24.69
C MET D 31 71.21 20.31 26.16
N LYS D 32 71.01 19.20 26.88
CA LYS D 32 71.44 19.08 28.28
C LYS D 32 72.96 19.20 28.42
N ILE D 33 73.72 18.55 27.52
CA ILE D 33 75.18 18.68 27.48
C ILE D 33 75.59 20.13 27.23
N ALA D 34 74.86 20.82 26.34
CA ALA D 34 75.12 22.24 26.05
C ALA D 34 74.89 23.14 27.26
N ASP D 35 73.86 22.86 28.06
CA ASP D 35 73.62 23.58 29.31
C ASP D 35 74.78 23.40 30.30
N GLU D 36 75.31 22.18 30.39
CA GLU D 36 76.43 21.87 31.28
C GLU D 36 77.75 22.49 30.82
N LEU D 37 78.08 22.31 29.54
CA LEU D 37 79.39 22.71 28.99
C LEU D 37 79.45 24.11 28.38
N GLY D 38 78.30 24.64 27.95
CA GLY D 38 78.20 26.03 27.48
C GLY D 38 78.11 26.17 25.97
N GLU D 39 78.62 27.28 25.47
CA GLU D 39 78.39 27.71 24.07
C GLU D 39 78.99 26.83 22.97
N ILE D 40 80.06 26.11 23.29
CA ILE D 40 80.70 25.19 22.34
C ILE D 40 81.24 23.96 23.06
N PHE D 41 81.01 22.78 22.47
CA PHE D 41 81.67 21.58 22.93
C PHE D 41 82.06 20.65 21.78
N LYS D 42 83.19 19.98 21.95
CA LYS D 42 83.70 19.01 20.99
C LYS D 42 82.90 17.72 21.13
N PHE D 43 82.71 17.01 20.03
CA PHE D 43 82.03 15.71 20.03
C PHE D 43 82.74 14.77 19.05
N GLU D 44 83.31 13.69 19.58
CA GLU D 44 84.10 12.74 18.80
C GLU D 44 83.44 11.37 18.75
N ALA D 45 83.52 10.74 17.59
CA ALA D 45 83.13 9.34 17.40
C ALA D 45 84.31 8.64 16.72
N PRO D 46 84.26 7.30 16.56
CA PRO D 46 85.36 6.64 15.85
C PRO D 46 85.54 7.16 14.42
N GLY D 47 86.70 7.78 14.17
CA GLY D 47 87.04 8.30 12.85
C GLY D 47 86.29 9.54 12.40
N ARG D 48 85.77 10.34 13.34
CA ARG D 48 85.12 11.61 13.01
C ARG D 48 84.92 12.53 14.22
N VAL D 49 84.88 13.82 13.96
CA VAL D 49 84.72 14.84 15.00
C VAL D 49 83.85 16.00 14.51
N THR D 50 83.09 16.59 15.43
CA THR D 50 82.37 17.84 15.19
C THR D 50 82.33 18.71 16.44
N ARG D 51 81.84 19.93 16.28
CA ARG D 51 81.76 20.92 17.35
C ARG D 51 80.33 21.49 17.41
N TYR D 52 79.65 21.29 18.53
CA TYR D 52 78.28 21.75 18.70
C TYR D 52 78.24 23.17 19.22
N LEU D 53 77.57 24.06 18.47
CA LEU D 53 77.47 25.49 18.83
C LEU D 53 76.08 25.79 19.39
N SER D 54 76.04 26.58 20.47
CA SER D 54 74.80 26.91 21.19
C SER D 54 74.51 28.41 21.41
N SER D 55 75.49 29.29 21.16
CA SER D 55 75.33 30.73 21.41
C SER D 55 75.18 31.52 20.11
N GLN D 56 74.44 32.62 20.18
CA GLN D 56 74.30 33.54 19.07
C GLN D 56 75.67 34.12 18.64
N ARG D 57 76.55 34.35 19.62
CA ARG D 57 77.87 34.93 19.37
C ARG D 57 78.72 34.09 18.40
N LEU D 58 78.74 32.78 18.59
CA LEU D 58 79.50 31.87 17.72
C LEU D 58 78.72 31.49 16.46
N ILE D 59 77.40 31.31 16.59
CA ILE D 59 76.56 30.88 15.46
C ILE D 59 76.45 31.96 14.36
N LYS D 60 76.47 33.25 14.74
CA LYS D 60 76.49 34.32 13.73
C LYS D 60 77.74 34.27 12.84
N GLU D 61 78.89 33.90 13.41
CA GLU D 61 80.11 33.65 12.64
C GLU D 61 80.01 32.39 11.78
N ALA D 62 79.46 31.33 12.35
CA ALA D 62 79.19 30.08 11.60
C ALA D 62 78.27 30.32 10.40
N CYS D 63 77.35 31.27 10.53
CA CYS D 63 76.44 31.65 9.46
C CYS D 63 77.01 32.61 8.40
N ASP D 64 78.28 33.00 8.54
CA ASP D 64 78.99 33.78 7.52
C ASP D 64 79.29 32.87 6.32
N GLU D 65 78.56 33.09 5.22
CA GLU D 65 78.64 32.22 4.04
C GLU D 65 79.98 32.26 3.32
N SER D 66 80.75 33.34 3.48
CA SER D 66 82.10 33.43 2.93
C SER D 66 83.12 32.55 3.67
N ARG D 67 82.82 32.18 4.92
CA ARG D 67 83.69 31.33 5.76
C ARG D 67 83.20 29.88 5.92
N PHE D 68 81.88 29.67 5.96
CA PHE D 68 81.31 28.33 6.17
C PHE D 68 80.19 28.05 5.16
N ASP D 69 80.05 26.77 4.81
CA ASP D 69 79.06 26.29 3.84
C ASP D 69 78.33 25.10 4.48
N LYS D 70 77.15 24.77 3.97
CA LYS D 70 76.39 23.61 4.46
C LYS D 70 77.18 22.31 4.32
N ASN D 71 77.18 21.54 5.41
CA ASN D 71 77.72 20.19 5.45
C ASN D 71 76.54 19.23 5.55
N LEU D 72 76.69 18.05 4.95
CA LEU D 72 75.75 16.96 5.15
C LEU D 72 76.21 16.22 6.40
N SER D 73 75.38 16.26 7.44
CA SER D 73 75.62 15.48 8.64
C SER D 73 75.59 13.99 8.30
N GLN D 74 76.01 13.16 9.25
CA GLN D 74 75.96 11.71 9.05
C GLN D 74 74.54 11.20 8.79
N ALA D 75 73.56 11.79 9.47
CA ALA D 75 72.14 11.48 9.25
C ALA D 75 71.69 11.82 7.83
N LEU D 76 72.05 13.02 7.36
CA LEU D 76 71.72 13.45 6.01
C LEU D 76 72.42 12.65 4.91
N LYS D 77 73.64 12.19 5.17
CA LYS D 77 74.33 11.28 4.25
C LYS D 77 73.59 9.94 4.07
N PHE D 78 72.97 9.46 5.15
CA PHE D 78 72.10 8.28 5.07
C PHE D 78 70.77 8.59 4.38
N VAL D 79 70.20 9.78 4.65
CA VAL D 79 68.98 10.24 3.97
C VAL D 79 69.22 10.49 2.47
N ARG D 80 70.45 10.88 2.12
CA ARG D 80 70.87 11.05 0.71
C ARG D 80 70.72 9.77 -0.14
N ASP D 81 70.73 8.59 0.50
CA ASP D 81 70.50 7.32 -0.19
C ASP D 81 69.09 7.16 -0.76
N PHE D 82 68.12 7.95 -0.27
CA PHE D 82 66.79 8.05 -0.92
C PHE D 82 66.35 9.46 -1.33
N ALA D 83 66.93 10.50 -0.73
CA ALA D 83 66.69 11.89 -1.17
C ALA D 83 67.65 12.35 -2.27
N GLY D 84 68.66 11.53 -2.58
CA GLY D 84 69.59 11.79 -3.70
C GLY D 84 70.24 13.16 -3.67
N ASP D 85 70.38 13.77 -4.84
CA ASP D 85 70.87 15.15 -4.94
C ASP D 85 69.73 16.17 -5.07
N GLY D 86 68.65 15.93 -4.33
CA GLY D 86 67.61 16.94 -4.12
C GLY D 86 68.15 18.09 -3.30
N LEU D 87 67.38 19.16 -3.21
CA LEU D 87 67.82 20.40 -2.55
C LEU D 87 68.34 20.22 -1.12
N PHE D 88 67.70 19.33 -0.38
CA PHE D 88 67.98 19.12 1.05
C PHE D 88 69.27 18.34 1.31
N THR D 89 69.53 17.31 0.49
CA THR D 89 70.67 16.41 0.68
C THR D 89 71.81 16.58 -0.33
N SER D 90 71.78 17.66 -1.13
CA SER D 90 72.85 17.97 -2.07
C SER D 90 73.83 18.97 -1.49
N TRP D 91 75.08 18.90 -1.95
CA TRP D 91 76.12 19.87 -1.58
C TRP D 91 75.92 21.13 -2.42
N THR D 92 76.29 22.28 -1.86
CA THR D 92 76.19 23.58 -2.55
C THR D 92 76.92 23.60 -3.90
N HIS D 93 78.07 22.95 -3.94
CA HIS D 93 78.92 22.88 -5.15
C HIS D 93 78.46 21.87 -6.23
N GLU D 94 77.47 21.03 -5.93
CA GLU D 94 76.88 20.16 -6.95
C GLU D 94 76.04 20.98 -7.91
N LYS D 95 76.15 20.67 -9.21
CA LYS D 95 75.43 21.37 -10.28
C LYS D 95 73.92 21.41 -10.03
N ASN D 96 73.36 20.28 -9.60
CA ASN D 96 71.91 20.16 -9.39
C ASN D 96 71.34 20.99 -8.22
N TRP D 97 72.17 21.39 -7.25
CA TRP D 97 71.65 22.24 -6.16
C TRP D 97 71.24 23.60 -6.72
N LYS D 98 72.20 24.28 -7.32
CA LYS D 98 71.98 25.63 -7.86
C LYS D 98 70.92 25.62 -8.96
N LYS D 99 70.94 24.60 -9.82
CA LYS D 99 69.89 24.41 -10.85
C LYS D 99 68.51 24.37 -10.24
N ALA D 100 68.31 23.43 -9.32
CA ALA D 100 67.01 23.23 -8.66
C ALA D 100 66.60 24.44 -7.83
N HIS D 101 67.58 25.05 -7.15
CA HIS D 101 67.35 26.24 -6.33
C HIS D 101 66.81 27.41 -7.16
N ASN D 102 67.46 27.72 -8.27
CA ASN D 102 67.04 28.80 -9.16
C ASN D 102 65.69 28.52 -9.82
N ILE D 103 65.46 27.26 -10.19
CA ILE D 103 64.19 26.83 -10.81
C ILE D 103 63.03 26.90 -9.81
N LEU D 104 63.25 26.43 -8.58
CA LEU D 104 62.17 26.29 -7.59
C LEU D 104 61.90 27.52 -6.72
N LEU D 105 62.85 28.46 -6.62
CA LEU D 105 62.66 29.65 -5.76
C LEU D 105 61.35 30.42 -6.01
N PRO D 106 61.05 30.78 -7.28
CA PRO D 106 59.79 31.48 -7.57
C PRO D 106 58.51 30.67 -7.27
N SER D 107 58.59 29.34 -7.31
CA SER D 107 57.46 28.48 -6.94
C SER D 107 57.18 28.42 -5.44
N PHE D 108 58.15 28.82 -4.61
CA PHE D 108 58.01 28.82 -3.16
C PHE D 108 57.93 30.23 -2.54
N SER D 109 57.82 31.26 -3.38
CA SER D 109 57.79 32.65 -2.91
C SER D 109 56.48 32.99 -2.21
N GLN D 110 56.47 34.16 -1.55
CA GLN D 110 55.26 34.65 -0.90
C GLN D 110 54.12 34.89 -1.90
N GLN D 111 54.46 35.40 -3.09
CA GLN D 111 53.47 35.57 -4.16
C GLN D 111 52.87 34.25 -4.65
N ALA D 112 53.70 33.21 -4.74
CA ALA D 112 53.25 31.88 -5.16
C ALA D 112 52.22 31.25 -4.19
N MET D 113 52.24 31.67 -2.93
CA MET D 113 51.27 31.22 -1.91
C MET D 113 49.81 31.60 -2.26
N LYS D 114 49.63 32.67 -3.02
CA LYS D 114 48.30 33.03 -3.54
C LYS D 114 47.74 31.92 -4.44
N GLY D 115 48.61 31.30 -5.23
CA GLY D 115 48.26 30.16 -6.07
C GLY D 115 47.89 28.90 -5.30
N TYR D 116 48.64 28.58 -4.24
CA TYR D 116 48.39 27.36 -3.44
C TYR D 116 47.24 27.48 -2.44
N HIS D 117 46.83 28.70 -2.13
CA HIS D 117 45.86 28.96 -1.06
C HIS D 117 44.58 28.12 -1.17
N ALA D 118 44.00 28.06 -2.37
CA ALA D 118 42.73 27.34 -2.57
C ALA D 118 42.81 25.86 -2.17
N MET D 119 43.89 25.20 -2.59
N MET D 119 43.87 25.17 -2.57
CA MET D 119 44.16 23.80 -2.26
CA MET D 119 44.03 23.76 -2.19
C MET D 119 44.52 23.59 -0.78
C MET D 119 44.53 23.56 -0.76
N MET D 120 45.17 24.57 -0.17
CA MET D 120 45.49 24.53 1.28
C MET D 120 44.19 24.60 2.10
N VAL D 121 43.26 25.46 1.67
CA VAL D 121 41.93 25.57 2.29
C VAL D 121 41.16 24.25 2.17
N ASP D 122 41.24 23.61 1.01
CA ASP D 122 40.62 22.29 0.76
C ASP D 122 40.96 21.30 1.88
N ILE D 123 42.25 21.19 2.22
CA ILE D 123 42.70 20.25 3.26
C ILE D 123 42.34 20.76 4.66
N ALA D 124 42.48 22.07 4.88
CA ALA D 124 42.16 22.68 6.18
C ALA D 124 40.68 22.50 6.54
N VAL D 125 39.80 22.65 5.56
CA VAL D 125 38.37 22.39 5.75
C VAL D 125 38.11 20.92 6.12
N GLN D 126 38.85 19.99 5.50
CA GLN D 126 38.75 18.56 5.86
C GLN D 126 39.15 18.28 7.31
N LEU D 127 40.16 19.00 7.83
CA LEU D 127 40.51 18.90 9.25
C LEU D 127 39.38 19.43 10.13
N VAL D 128 38.90 20.63 9.82
CA VAL D 128 37.86 21.27 10.63
C VAL D 128 36.60 20.39 10.65
N GLN D 129 36.19 19.88 9.48
CA GLN D 129 35.01 19.02 9.40
C GLN D 129 35.15 17.70 10.15
N LYS D 130 36.35 17.10 10.17
CA LYS D 130 36.61 15.92 11.00
C LYS D 130 36.31 16.20 12.47
N TRP D 131 36.86 17.31 12.96
CA TRP D 131 36.72 17.71 14.36
C TRP D 131 35.29 18.14 14.70
N GLU D 132 34.61 18.83 13.78
CA GLU D 132 33.18 19.14 13.91
C GLU D 132 32.32 17.88 14.08
N ARG D 133 32.70 16.82 13.38
CA ARG D 133 31.94 15.56 13.35
C ARG D 133 32.26 14.57 14.48
N LEU D 134 33.21 14.91 15.36
CA LEU D 134 33.47 14.08 16.54
C LEU D 134 32.31 14.18 17.52
N ASN D 135 32.06 13.07 18.22
CA ASN D 135 31.01 13.01 19.24
C ASN D 135 31.53 13.59 20.54
N ALA D 136 30.62 13.95 21.45
CA ALA D 136 31.00 14.49 22.75
C ALA D 136 31.83 13.47 23.53
N ASP D 137 32.85 13.97 24.23
CA ASP D 137 33.79 13.14 25.01
C ASP D 137 34.80 12.32 24.17
N GLU D 138 34.78 12.46 22.84
CA GLU D 138 35.85 11.94 21.99
C GLU D 138 36.96 12.98 21.95
N HIS D 139 38.20 12.52 21.82
CA HIS D 139 39.36 13.41 21.82
C HIS D 139 40.11 13.35 20.49
N ILE D 140 40.98 14.34 20.30
CA ILE D 140 41.80 14.47 19.11
C ILE D 140 43.22 14.01 19.43
N GLU D 141 43.81 13.26 18.50
CA GLU D 141 45.23 12.92 18.54
C GLU D 141 45.95 13.94 17.65
N VAL D 142 46.59 14.93 18.29
CA VAL D 142 47.01 16.16 17.61
C VAL D 142 48.13 15.93 16.56
N PRO D 143 49.30 15.37 16.96
CA PRO D 143 50.36 15.13 15.96
C PRO D 143 49.89 14.30 14.77
N GLU D 144 49.06 13.30 15.05
CA GLU D 144 48.54 12.40 14.03
C GLU D 144 47.65 13.17 13.03
N ASP D 145 46.73 14.00 13.55
CA ASP D 145 45.84 14.80 12.69
C ASP D 145 46.54 15.95 11.97
N MET D 146 47.52 16.58 12.61
CA MET D 146 48.34 17.62 11.95
C MET D 146 49.15 17.02 10.81
N THR D 147 49.69 15.82 11.01
CA THR D 147 50.43 15.08 9.98
C THR D 147 49.54 14.71 8.78
N ARG D 148 48.30 14.29 9.05
CA ARG D 148 47.31 14.08 7.98
C ARG D 148 47.16 15.33 7.11
N LEU D 149 47.04 16.49 7.76
CA LEU D 149 46.83 17.75 7.06
C LEU D 149 48.04 18.18 6.24
N THR D 150 49.22 18.17 6.85
CA THR D 150 50.41 18.70 6.20
C THR D 150 50.89 17.83 5.03
N LEU D 151 50.87 16.51 5.23
CA LEU D 151 51.13 15.55 4.15
C LEU D 151 50.18 15.73 2.97
N ASP D 152 48.89 15.87 3.26
CA ASP D 152 47.88 16.07 2.21
C ASP D 152 48.09 17.38 1.46
N THR D 153 48.43 18.44 2.19
CA THR D 153 48.62 19.75 1.61
C THR D 153 49.77 19.77 0.59
N ILE D 154 50.93 19.24 0.97
CA ILE D 154 52.08 19.18 0.05
C ILE D 154 51.84 18.25 -1.14
N GLY D 155 51.18 17.12 -0.90
CA GLY D 155 50.78 16.21 -1.97
C GLY D 155 49.89 16.87 -2.99
N LEU D 156 48.90 17.62 -2.50
CA LEU D 156 47.90 18.26 -3.35
C LEU D 156 48.43 19.52 -4.01
N CYS D 157 48.97 20.45 -3.21
CA CYS D 157 49.54 21.70 -3.72
C CYS D 157 50.74 21.47 -4.64
N GLY D 158 51.56 20.48 -4.30
CA GLY D 158 52.81 20.23 -4.99
C GLY D 158 52.70 19.47 -6.29
N PHE D 159 51.95 18.36 -6.27
N PHE D 159 51.98 18.34 -6.30
CA PHE D 159 51.87 17.41 -7.38
CA PHE D 159 51.84 17.54 -7.51
C PHE D 159 50.45 16.99 -7.78
C PHE D 159 50.45 16.96 -7.74
N ASN D 160 49.43 17.70 -7.28
CA ASN D 160 48.02 17.35 -7.52
C ASN D 160 47.65 15.89 -7.22
N TYR D 161 48.23 15.36 -6.14
CA TYR D 161 47.96 14.00 -5.68
C TYR D 161 47.29 14.09 -4.31
N ARG D 162 46.22 13.34 -4.14
CA ARG D 162 45.46 13.30 -2.90
C ARG D 162 45.79 12.03 -2.14
N PHE D 163 46.58 12.17 -1.08
CA PHE D 163 46.86 11.07 -0.16
C PHE D 163 45.61 10.63 0.61
N ASN D 164 44.62 11.52 0.73
CA ASN D 164 43.34 11.24 1.41
C ASN D 164 43.55 10.65 2.81
N SER D 165 44.42 11.31 3.57
CA SER D 165 44.80 10.87 4.91
C SER D 165 43.64 10.95 5.92
N PHE D 166 42.70 11.86 5.69
CA PHE D 166 41.49 11.94 6.53
C PHE D 166 40.46 10.84 6.26
N TYR D 167 40.69 10.01 5.23
CA TYR D 167 39.87 8.82 4.95
C TYR D 167 40.52 7.50 5.41
N ARG D 168 41.64 7.58 6.13
CA ARG D 168 42.46 6.42 6.45
C ARG D 168 42.92 6.41 7.91
N ASP D 169 43.06 5.20 8.47
CA ASP D 169 43.82 4.98 9.72
C ASP D 169 45.26 4.58 9.37
N GLN D 170 45.42 3.66 8.42
CA GLN D 170 46.74 3.20 7.96
C GLN D 170 47.28 4.10 6.85
N PRO D 171 48.55 4.54 6.95
CA PRO D 171 49.07 5.51 6.00
C PRO D 171 49.34 4.93 4.60
N HIS D 172 49.63 5.83 3.67
CA HIS D 172 49.93 5.50 2.27
C HIS D 172 51.18 4.60 2.19
N PRO D 173 51.22 3.63 1.25
CA PRO D 173 52.41 2.78 1.09
C PRO D 173 53.76 3.52 0.98
N PHE D 174 53.75 4.66 0.27
CA PHE D 174 54.89 5.56 0.21
C PHE D 174 55.38 6.00 1.60
N ILE D 175 54.43 6.37 2.46
CA ILE D 175 54.75 6.90 3.79
C ILE D 175 55.28 5.80 4.73
N THR D 176 54.75 4.58 4.62
CA THR D 176 55.27 3.46 5.42
C THR D 176 56.73 3.17 5.09
N SER D 177 57.08 3.26 3.80
CA SER D 177 58.46 3.13 3.36
C SER D 177 59.32 4.34 3.73
N MET D 178 58.76 5.54 3.61
CA MET D 178 59.48 6.79 3.92
C MET D 178 59.78 6.92 5.41
N VAL D 179 58.78 6.65 6.25
CA VAL D 179 58.92 6.67 7.72
C VAL D 179 59.99 5.66 8.16
N ARG D 180 59.90 4.44 7.62
CA ARG D 180 60.84 3.37 7.97
C ARG D 180 62.26 3.61 7.44
N ALA D 181 62.37 4.27 6.29
CA ALA D 181 63.67 4.67 5.74
C ALA D 181 64.36 5.73 6.60
N LEU D 182 63.58 6.71 7.06
CA LEU D 182 64.07 7.74 8.00
C LEU D 182 64.47 7.13 9.36
N ASP D 183 63.68 6.17 9.84
CA ASP D 183 64.02 5.42 11.06
C ASP D 183 65.34 4.67 10.90
N GLU D 184 65.52 4.03 9.75
CA GLU D 184 66.76 3.31 9.43
C GLU D 184 67.98 4.23 9.29
N ALA D 185 67.76 5.45 8.80
CA ALA D 185 68.81 6.49 8.75
C ALA D 185 69.28 6.91 10.15
N MET D 186 68.31 7.13 11.04
N MET D 186 68.34 7.12 11.06
CA MET D 186 68.55 7.49 12.44
CA MET D 186 68.68 7.52 12.43
C MET D 186 69.26 6.37 13.22
C MET D 186 69.27 6.36 13.26
N ASN D 187 68.82 5.13 13.00
CA ASN D 187 69.37 3.95 13.70
C ASN D 187 70.81 3.60 13.28
N LYS D 188 71.20 3.94 12.06
CA LYS D 188 72.59 3.74 11.60
C LYS D 188 73.63 4.64 12.29
N LEU D 189 73.17 5.75 12.89
CA LEU D 189 74.03 6.61 13.71
C LEU D 189 74.43 5.92 15.03
N GLN D 190 73.50 5.16 15.60
CA GLN D 190 73.69 4.47 16.88
C GLN D 190 74.30 3.06 16.74
N ARG D 191 74.75 2.72 15.53
CA ARG D 191 75.11 1.34 15.16
C ARG D 191 76.60 1.05 15.35
N ALA D 192 76.93 -0.23 15.51
CA ALA D 192 78.32 -0.69 15.65
C ALA D 192 78.97 -0.96 14.28
N ASN D 193 78.54 -2.02 13.60
CA ASN D 193 79.16 -2.46 12.33
C ASN D 193 78.12 -2.50 11.18
N PRO D 194 78.55 -2.16 9.94
CA PRO D 194 77.62 -2.12 8.81
C PRO D 194 77.37 -3.47 8.11
N ASP D 195 78.45 -4.16 7.70
CA ASP D 195 78.35 -5.39 6.90
C ASP D 195 78.09 -6.67 7.72
N ASP D 196 77.96 -6.53 9.05
CA ASP D 196 77.53 -7.63 9.93
C ASP D 196 76.20 -8.25 9.43
N PRO D 197 76.16 -9.58 9.19
CA PRO D 197 74.92 -10.24 8.75
C PRO D 197 73.67 -10.09 9.64
N ALA D 198 73.84 -9.66 10.88
CA ALA D 198 72.73 -9.26 11.77
C ALA D 198 71.80 -8.21 11.15
N TYR D 199 72.39 -7.27 10.39
CA TYR D 199 71.64 -6.20 9.73
C TYR D 199 71.34 -6.47 8.24
N ASP D 200 71.24 -7.75 7.86
CA ASP D 200 70.78 -8.12 6.50
C ASP D 200 69.31 -7.76 6.26
N GLU D 201 68.48 -7.89 7.29
CA GLU D 201 67.05 -7.56 7.20
C GLU D 201 66.84 -6.04 7.15
N ASN D 202 67.67 -5.29 7.88
CA ASN D 202 67.63 -3.82 7.88
C ASN D 202 68.00 -3.26 6.49
N LYS D 203 69.04 -3.81 5.89
CA LYS D 203 69.43 -3.46 4.51
C LYS D 203 68.36 -3.82 3.48
N ARG D 204 67.78 -5.03 3.62
CA ARG D 204 66.77 -5.52 2.68
C ARG D 204 65.50 -4.66 2.68
N GLN D 205 65.07 -4.24 3.88
CA GLN D 205 63.92 -3.33 4.02
C GLN D 205 64.19 -1.92 3.49
N PHE D 206 65.39 -1.41 3.76
CA PHE D 206 65.81 -0.07 3.31
C PHE D 206 65.83 0.03 1.79
N GLN D 207 66.40 -0.98 1.12
CA GLN D 207 66.42 -1.05 -0.34
C GLN D 207 65.03 -1.27 -0.95
N GLU D 208 64.19 -2.04 -0.25
CA GLU D 208 62.78 -2.21 -0.63
C GLU D 208 62.01 -0.89 -0.50
N ASP D 209 62.30 -0.15 0.58
CA ASP D 209 61.68 1.16 0.82
C ASP D 209 62.14 2.24 -0.18
N ILE D 210 63.40 2.19 -0.59
CA ILE D 210 63.91 3.07 -1.65
C ILE D 210 63.16 2.80 -2.96
N LYS D 211 63.09 1.52 -3.35
CA LYS D 211 62.37 1.10 -4.56
C LYS D 211 60.89 1.52 -4.54
N VAL D 212 60.23 1.37 -3.39
CA VAL D 212 58.83 1.78 -3.23
C VAL D 212 58.67 3.29 -3.49
N MET D 213 59.50 4.10 -2.85
CA MET D 213 59.45 5.55 -3.01
C MET D 213 59.78 5.98 -4.44
N ASN D 214 60.87 5.43 -5.00
CA ASN D 214 61.29 5.73 -6.37
C ASN D 214 60.24 5.34 -7.41
N ASP D 215 59.74 4.11 -7.34
CA ASP D 215 58.75 3.59 -8.31
C ASP D 215 57.46 4.40 -8.33
N LEU D 216 56.91 4.68 -7.15
CA LEU D 216 55.64 5.42 -7.02
C LEU D 216 55.76 6.88 -7.45
N VAL D 217 56.90 7.51 -7.14
CA VAL D 217 57.18 8.89 -7.53
C VAL D 217 57.50 8.97 -9.04
N ASP D 218 58.31 8.04 -9.55
CA ASP D 218 58.59 7.95 -11.01
C ASP D 218 57.33 7.70 -11.84
N LYS D 219 56.39 6.93 -11.29
CA LYS D 219 55.08 6.71 -11.91
C LYS D 219 54.30 8.04 -11.99
N ILE D 220 54.34 8.82 -10.92
CA ILE D 220 53.72 10.15 -10.89
C ILE D 220 54.34 11.13 -11.91
N ILE D 221 55.66 11.02 -12.14
CA ILE D 221 56.33 11.86 -13.16
C ILE D 221 55.81 11.49 -14.55
N ALA D 222 55.95 10.21 -14.89
CA ALA D 222 55.60 9.70 -16.22
C ALA D 222 54.13 9.92 -16.58
N ASP D 223 53.23 9.72 -15.60
CA ASP D 223 51.79 10.00 -15.78
C ASP D 223 51.53 11.45 -16.16
N ARG D 224 52.20 12.40 -15.51
CA ARG D 224 52.06 13.81 -15.81
C ARG D 224 52.66 14.18 -17.18
N LYS D 225 53.80 13.58 -17.52
CA LYS D 225 54.41 13.79 -18.83
C LYS D 225 53.52 13.27 -19.96
N ALA D 226 52.96 12.09 -19.77
CA ALA D 226 52.05 11.46 -20.74
C ALA D 226 50.69 12.17 -20.85
N SER D 227 50.23 12.81 -19.76
CA SER D 227 48.94 13.51 -19.75
C SER D 227 48.94 14.79 -20.58
N GLY D 228 49.94 15.65 -20.32
CA GLY D 228 49.98 16.99 -20.89
C GLY D 228 49.11 17.99 -20.15
N GLU D 229 48.61 17.61 -18.97
CA GLU D 229 47.78 18.50 -18.15
C GLU D 229 48.70 19.52 -17.49
N GLN D 230 48.34 20.80 -17.62
CA GLN D 230 49.15 21.91 -17.11
C GLN D 230 48.55 22.43 -15.79
N SER D 231 48.29 21.52 -14.85
CA SER D 231 47.79 21.89 -13.53
C SER D 231 48.91 22.59 -12.78
N ASP D 232 48.70 23.87 -12.46
CA ASP D 232 49.76 24.72 -11.92
C ASP D 232 50.18 24.24 -10.52
N ASP D 233 51.33 23.55 -10.48
CA ASP D 233 51.88 23.01 -9.24
C ASP D 233 53.40 22.78 -9.37
N LEU D 234 54.03 22.34 -8.30
CA LEU D 234 55.50 22.08 -8.29
C LEU D 234 55.97 21.14 -9.41
N LEU D 235 55.20 20.10 -9.70
CA LEU D 235 55.58 19.12 -10.73
C LEU D 235 55.56 19.72 -12.15
N THR D 236 54.54 20.53 -12.45
CA THR D 236 54.47 21.24 -13.74
C THR D 236 55.59 22.26 -13.88
N HIS D 237 55.87 23.02 -12.81
CA HIS D 237 56.98 23.98 -12.80
C HIS D 237 58.34 23.31 -13.05
N MET D 238 58.53 22.12 -12.48
CA MET D 238 59.79 21.36 -12.65
C MET D 238 59.93 20.72 -14.04
N LEU D 239 58.82 20.25 -14.60
CA LEU D 239 58.84 19.66 -15.95
C LEU D 239 59.05 20.71 -17.06
N ASN D 240 58.49 21.91 -16.88
CA ASN D 240 58.58 23.00 -17.87
C ASN D 240 59.68 24.03 -17.58
N GLY D 241 60.00 24.24 -16.31
CA GLY D 241 60.93 25.29 -15.90
C GLY D 241 62.37 25.02 -16.29
N LYS D 242 63.10 26.10 -16.58
CA LYS D 242 64.52 26.04 -16.92
C LYS D 242 65.29 26.97 -16.01
N ASP D 243 66.47 26.51 -15.58
CA ASP D 243 67.38 27.31 -14.77
C ASP D 243 67.85 28.52 -15.61
N PRO D 244 67.59 29.76 -15.14
CA PRO D 244 68.06 30.95 -15.88
C PRO D 244 69.59 31.03 -16.08
N GLU D 245 70.34 30.49 -15.13
CA GLU D 245 71.80 30.52 -15.17
C GLU D 245 72.37 29.61 -16.27
N THR D 246 72.09 28.32 -16.19
CA THR D 246 72.60 27.31 -17.14
C THR D 246 71.73 27.13 -18.39
N GLY D 247 70.45 27.49 -18.30
CA GLY D 247 69.48 27.24 -19.38
C GLY D 247 68.94 25.81 -19.42
N GLU D 248 69.29 24.99 -18.44
CA GLU D 248 68.92 23.57 -18.41
C GLU D 248 67.73 23.33 -17.47
N PRO D 249 66.87 22.35 -17.82
CA PRO D 249 65.84 21.89 -16.89
C PRO D 249 66.37 20.79 -15.97
N LEU D 250 65.58 20.42 -14.97
CA LEU D 250 65.89 19.25 -14.14
C LEU D 250 65.52 17.99 -14.91
N ASP D 251 66.40 16.98 -14.89
CA ASP D 251 66.04 15.66 -15.46
C ASP D 251 65.09 14.90 -14.52
N ASP D 252 64.47 13.85 -15.04
CA ASP D 252 63.44 13.10 -14.30
C ASP D 252 63.92 12.44 -13.00
N GLU D 253 65.21 12.08 -12.93
CA GLU D 253 65.77 11.49 -11.71
C GLU D 253 65.83 12.53 -10.59
N ASN D 254 66.33 13.73 -10.90
CA ASN D 254 66.40 14.81 -9.91
C ASN D 254 65.01 15.26 -9.47
N ILE D 255 64.07 15.34 -10.40
CA ILE D 255 62.67 15.70 -10.10
C ILE D 255 62.08 14.78 -9.04
N ARG D 256 62.26 13.48 -9.22
CA ARG D 256 61.84 12.47 -8.24
C ARG D 256 62.43 12.76 -6.86
N TYR D 257 63.73 13.02 -6.81
CA TYR D 257 64.40 13.35 -5.55
C TYR D 257 63.85 14.62 -4.89
N GLN D 258 63.47 15.62 -5.69
CA GLN D 258 62.82 16.83 -5.14
C GLN D 258 61.45 16.52 -4.55
N ILE D 259 60.68 15.66 -5.23
CA ILE D 259 59.36 15.24 -4.75
C ILE D 259 59.47 14.44 -3.46
N ILE D 260 60.41 13.49 -3.41
CA ILE D 260 60.70 12.74 -2.18
C ILE D 260 61.09 13.71 -1.06
N THR D 261 61.92 14.70 -1.39
CA THR D 261 62.36 15.72 -0.43
C THR D 261 61.19 16.55 0.11
N PHE D 262 60.30 17.00 -0.76
CA PHE D 262 59.14 17.80 -0.34
C PHE D 262 58.15 17.01 0.51
N LEU D 263 57.99 15.72 0.19
CA LEU D 263 57.13 14.83 0.99
C LEU D 263 57.69 14.56 2.39
N ILE D 264 59.01 14.40 2.49
CA ILE D 264 59.68 14.30 3.80
C ILE D 264 59.43 15.57 4.62
N ALA D 265 59.62 16.73 3.99
CA ALA D 265 59.46 18.02 4.64
C ALA D 265 58.03 18.28 5.12
N GLY D 266 57.08 18.12 4.21
CA GLY D 266 55.67 18.36 4.51
C GLY D 266 55.00 17.34 5.42
N HIS D 267 55.59 16.17 5.58
CA HIS D 267 55.11 15.15 6.51
C HIS D 267 55.61 15.47 7.92
N GLU D 268 56.93 15.60 8.03
CA GLU D 268 57.61 15.61 9.31
C GLU D 268 57.55 16.96 10.03
N THR D 269 58.24 17.96 9.48
CA THR D 269 58.56 19.19 10.21
C THR D 269 57.40 20.16 10.38
N THR D 270 56.50 20.22 9.40
CA THR D 270 55.40 21.19 9.41
C THR D 270 54.31 20.82 10.43
N SER D 271 53.97 19.54 10.52
CA SER D 271 52.98 19.08 11.51
C SER D 271 53.47 19.28 12.95
N GLY D 272 54.79 19.14 13.16
CA GLY D 272 55.39 19.41 14.46
C GLY D 272 55.14 20.83 14.96
N LEU D 273 55.31 21.81 14.07
CA LEU D 273 55.05 23.22 14.38
C LEU D 273 53.63 23.44 14.88
N LEU D 274 52.66 22.93 14.12
CA LEU D 274 51.25 23.00 14.53
C LEU D 274 50.99 22.26 15.84
N SER D 275 51.62 21.10 16.01
CA SER D 275 51.47 20.29 17.22
C SER D 275 52.03 21.00 18.46
N PHE D 276 53.24 21.54 18.34
CA PHE D 276 53.84 22.33 19.41
C PHE D 276 53.06 23.62 19.68
N ALA D 277 52.59 24.27 18.62
CA ALA D 277 51.83 25.52 18.75
C ALA D 277 50.55 25.32 19.56
N LEU D 278 49.78 24.30 19.22
CA LEU D 278 48.55 23.98 19.97
C LEU D 278 48.85 23.54 21.41
N TYR D 279 49.96 22.82 21.61
CA TYR D 279 50.42 22.47 22.97
C TYR D 279 50.64 23.72 23.82
N PHE D 280 51.41 24.67 23.29
CA PHE D 280 51.68 25.91 24.03
C PHE D 280 50.43 26.77 24.24
N LEU D 281 49.50 26.75 23.28
CA LEU D 281 48.24 27.50 23.43
C LEU D 281 47.37 26.95 24.57
N VAL D 282 47.18 25.63 24.64
CA VAL D 282 46.40 25.02 25.73
C VAL D 282 47.08 25.15 27.11
N LYS D 283 48.42 25.19 27.12
CA LYS D 283 49.19 25.41 28.35
C LYS D 283 49.29 26.88 28.77
N ASN D 284 48.93 27.80 27.88
CA ASN D 284 48.93 29.24 28.18
C ASN D 284 47.60 29.89 27.74
N PRO D 285 46.54 29.77 28.57
CA PRO D 285 45.18 30.22 28.21
C PRO D 285 45.04 31.69 27.80
N HIS D 286 45.84 32.58 28.37
CA HIS D 286 45.81 34.00 27.98
C HIS D 286 46.30 34.19 26.54
N VAL D 287 47.31 33.42 26.15
CA VAL D 287 47.82 33.44 24.77
C VAL D 287 46.80 32.82 23.81
N LEU D 288 46.18 31.72 24.22
CA LEU D 288 45.06 31.12 23.48
C LEU D 288 43.91 32.13 23.26
N GLN D 289 43.54 32.84 24.31
CA GLN D 289 42.49 33.88 24.24
C GLN D 289 42.82 34.96 23.20
N LYS D 290 44.05 35.47 23.22
CA LYS D 290 44.47 36.50 22.26
C LYS D 290 44.41 36.00 20.82
N ALA D 291 44.92 34.80 20.59
CA ALA D 291 44.94 34.20 19.25
C ALA D 291 43.52 33.89 18.74
N ALA D 292 42.66 33.34 19.61
CA ALA D 292 41.27 33.05 19.27
C ALA D 292 40.45 34.33 18.97
N GLU D 293 40.74 35.40 19.71
CA GLU D 293 40.11 36.71 19.46
C GLU D 293 40.47 37.23 18.07
N GLU D 294 41.74 37.12 17.70
CA GLU D 294 42.19 37.54 16.37
C GLU D 294 41.53 36.72 15.26
N ALA D 295 41.48 35.41 15.45
CA ALA D 295 40.85 34.49 14.48
C ALA D 295 39.39 34.85 14.20
N ALA D 296 38.64 35.17 15.27
CA ALA D 296 37.22 35.54 15.14
C ALA D 296 37.03 36.90 14.45
N ARG D 297 37.88 37.86 14.79
CA ARG D 297 37.85 39.19 14.19
C ARG D 297 38.28 39.22 12.72
N VAL D 298 39.29 38.42 12.38
CA VAL D 298 39.91 38.45 11.05
C VAL D 298 39.22 37.51 10.06
N LEU D 299 38.97 36.27 10.47
CA LEU D 299 38.40 35.25 9.58
C LEU D 299 36.87 35.31 9.59
N VAL D 300 36.36 36.35 8.92
CA VAL D 300 34.92 36.66 8.91
C VAL D 300 34.08 35.89 7.86
N ASP D 301 34.77 35.21 6.94
CA ASP D 301 34.11 34.40 5.91
C ASP D 301 34.28 32.91 6.20
N PRO D 302 33.34 32.06 5.74
CA PRO D 302 33.49 30.60 5.93
C PRO D 302 34.73 30.00 5.25
N VAL D 303 35.10 30.55 4.09
CA VAL D 303 36.34 30.18 3.38
C VAL D 303 37.35 31.32 3.57
N PRO D 304 38.42 31.10 4.38
CA PRO D 304 39.46 32.12 4.52
C PRO D 304 40.17 32.46 3.22
N SER D 305 40.34 33.75 2.95
CA SER D 305 41.06 34.24 1.78
C SER D 305 42.54 34.37 2.11
N TYR D 306 43.36 34.56 1.07
CA TYR D 306 44.80 34.75 1.23
C TYR D 306 45.12 35.94 2.13
N LYS D 307 44.49 37.08 1.86
CA LYS D 307 44.79 38.32 2.61
C LYS D 307 44.37 38.26 4.08
N GLN D 308 43.31 37.52 4.37
CA GLN D 308 42.88 37.28 5.77
C GLN D 308 43.91 36.46 6.56
N VAL D 309 44.61 35.54 5.90
CA VAL D 309 45.70 34.79 6.54
C VAL D 309 46.90 35.69 6.84
N LYS D 310 47.23 36.59 5.91
CA LYS D 310 48.31 37.58 6.11
C LYS D 310 47.99 38.54 7.25
N GLN D 311 46.70 38.82 7.44
CA GLN D 311 46.18 39.66 8.52
C GLN D 311 46.30 39.04 9.92
N LEU D 312 46.48 37.72 10.01
CA LEU D 312 46.61 37.03 11.31
C LEU D 312 48.01 37.21 11.92
N LYS D 313 48.28 38.41 12.44
CA LYS D 313 49.61 38.77 12.94
C LYS D 313 49.98 37.99 14.20
N TYR D 314 49.10 38.03 15.20
CA TYR D 314 49.31 37.32 16.46
C TYR D 314 49.43 35.80 16.32
N VAL D 315 48.67 35.20 15.41
CA VAL D 315 48.81 33.77 15.12
C VAL D 315 50.22 33.50 14.55
N GLY D 316 50.72 34.39 13.72
CA GLY D 316 52.10 34.34 13.22
C GLY D 316 53.14 34.44 14.34
N MET D 317 52.89 35.29 15.31
CA MET D 317 53.74 35.42 16.51
C MET D 317 53.75 34.16 17.36
N VAL D 318 52.58 33.54 17.53
CA VAL D 318 52.43 32.25 18.24
C VAL D 318 53.30 31.17 17.58
N LEU D 319 53.23 31.08 16.26
CA LEU D 319 54.00 30.09 15.50
C LEU D 319 55.52 30.30 15.61
N ASN D 320 55.96 31.55 15.54
CA ASN D 320 57.40 31.87 15.71
C ASN D 320 57.92 31.55 17.11
N GLU D 321 57.09 31.75 18.13
CA GLU D 321 57.45 31.37 19.52
C GLU D 321 57.48 29.86 19.70
N ALA D 322 56.59 29.13 19.01
CA ALA D 322 56.66 27.67 18.95
C ALA D 322 57.94 27.21 18.22
N LEU D 323 58.31 27.90 17.15
CA LEU D 323 59.58 27.65 16.44
C LEU D 323 60.81 28.00 17.29
N ARG D 324 60.70 29.03 18.14
CA ARG D 324 61.79 29.39 19.03
C ARG D 324 62.09 28.27 20.03
N LEU D 325 61.07 27.85 20.77
CA LEU D 325 61.25 26.87 21.84
C LEU D 325 61.56 25.45 21.33
N TRP D 326 60.85 25.01 20.28
CA TRP D 326 61.03 23.68 19.72
C TRP D 326 61.05 23.72 18.19
N PRO D 327 62.17 24.22 17.62
CA PRO D 327 62.33 24.21 16.16
C PRO D 327 62.38 22.77 15.68
N THR D 328 61.43 22.41 14.80
CA THR D 328 61.19 21.00 14.49
C THR D 328 62.28 20.31 13.66
N ALA D 329 63.12 21.08 12.97
CA ALA D 329 64.34 20.57 12.35
C ALA D 329 65.53 21.15 13.14
N PRO D 330 65.80 20.56 14.33
CA PRO D 330 66.53 21.27 15.38
C PRO D 330 68.04 21.47 15.18
N ALA D 331 68.65 20.77 14.24
CA ALA D 331 70.09 20.90 14.02
C ALA D 331 70.43 20.93 12.53
N PHE D 332 71.46 21.71 12.18
CA PHE D 332 72.07 21.65 10.86
C PHE D 332 73.59 21.76 10.97
N SER D 333 74.27 21.23 9.95
CA SER D 333 75.71 21.06 9.97
C SER D 333 76.40 22.01 8.98
N LEU D 334 77.61 22.43 9.32
CA LEU D 334 78.42 23.33 8.49
C LEU D 334 79.86 22.82 8.45
N TYR D 335 80.62 23.22 7.42
CA TYR D 335 82.06 22.95 7.34
C TYR D 335 82.83 24.22 7.02
N ALA D 336 84.05 24.33 7.54
CA ALA D 336 84.92 25.48 7.28
C ALA D 336 85.44 25.43 5.85
N LYS D 337 85.18 26.49 5.08
CA LYS D 337 85.63 26.59 3.68
C LYS D 337 87.16 26.75 3.59
N GLU D 338 87.73 27.51 4.52
CA GLU D 338 89.18 27.65 4.67
C GLU D 338 89.54 27.61 6.15
N ASP D 339 90.85 27.64 6.44
CA ASP D 339 91.34 27.83 7.81
C ASP D 339 90.80 29.16 8.35
N THR D 340 90.29 29.14 9.59
CA THR D 340 89.71 30.32 10.20
C THR D 340 89.65 30.18 11.73
N VAL D 341 89.45 31.31 12.40
CA VAL D 341 89.37 31.36 13.86
C VAL D 341 87.94 31.72 14.27
N LEU D 342 87.29 30.83 15.01
CA LEU D 342 85.91 31.02 15.46
C LEU D 342 85.90 31.68 16.84
N GLY D 343 85.27 32.85 16.93
CA GLY D 343 85.08 33.55 18.20
C GLY D 343 86.34 34.15 18.81
N GLY D 344 87.35 34.40 17.97
CA GLY D 344 88.65 34.92 18.42
C GLY D 344 89.44 34.04 19.36
N GLU D 345 89.18 32.72 19.34
CA GLU D 345 89.85 31.78 20.27
C GLU D 345 89.85 30.29 19.90
N TYR D 346 88.89 29.81 19.11
CA TYR D 346 88.87 28.42 18.62
C TYR D 346 89.31 28.32 17.15
N PRO D 347 90.59 27.95 16.90
CA PRO D 347 91.07 27.86 15.52
C PRO D 347 90.57 26.59 14.82
N LEU D 348 90.09 26.76 13.59
CA LEU D 348 89.56 25.65 12.78
C LEU D 348 90.37 25.50 11.50
N GLU D 349 90.59 24.25 11.09
CA GLU D 349 91.23 23.92 9.81
C GLU D 349 90.16 23.79 8.72
N LYS D 350 90.59 23.88 7.47
CA LYS D 350 89.71 23.65 6.31
C LYS D 350 89.08 22.26 6.41
N GLY D 351 87.75 22.21 6.25
CA GLY D 351 86.99 20.97 6.35
C GLY D 351 86.44 20.63 7.73
N ASP D 352 86.89 21.32 8.78
CA ASP D 352 86.38 21.09 10.14
C ASP D 352 84.90 21.41 10.22
N GLU D 353 84.16 20.53 10.91
CA GLU D 353 82.71 20.58 10.93
C GLU D 353 82.17 21.30 12.15
N LEU D 354 80.98 21.88 11.99
CA LEU D 354 80.23 22.52 13.08
C LEU D 354 78.79 22.01 13.04
N MET D 355 78.19 21.82 14.22
CA MET D 355 76.75 21.57 14.34
C MET D 355 76.13 22.77 15.06
N VAL D 356 75.03 23.27 14.53
CA VAL D 356 74.28 24.36 15.14
C VAL D 356 73.07 23.75 15.85
N LEU D 357 73.05 23.85 17.18
CA LEU D 357 71.97 23.31 18.00
C LEU D 357 70.94 24.42 18.18
N ILE D 358 69.89 24.41 17.35
CA ILE D 358 68.98 25.56 17.22
C ILE D 358 68.14 25.81 18.49
N PRO D 359 67.71 24.74 19.19
CA PRO D 359 67.01 24.98 20.45
C PRO D 359 67.84 25.74 21.51
N GLN D 360 69.15 25.52 21.53
CA GLN D 360 70.04 26.23 22.46
C GLN D 360 70.29 27.67 22.05
N LEU D 361 70.51 27.91 20.75
CA LEU D 361 70.54 29.26 20.19
C LEU D 361 69.33 30.08 20.62
N HIS D 362 68.16 29.46 20.52
CA HIS D 362 66.89 30.09 20.87
C HIS D 362 66.66 30.30 22.37
N ARG D 363 67.47 29.67 23.22
CA ARG D 363 67.49 29.90 24.66
C ARG D 363 68.73 30.70 25.13
N ASP D 364 69.37 31.41 24.21
CA ASP D 364 70.54 32.26 24.56
C ASP D 364 70.07 33.47 25.36
N LYS D 365 70.41 33.48 26.65
CA LYS D 365 69.91 34.48 27.58
C LYS D 365 70.44 35.91 27.33
N THR D 366 71.61 36.03 26.71
CA THR D 366 72.15 37.34 26.34
C THR D 366 71.35 38.02 25.21
N ILE D 367 70.66 37.21 24.40
CA ILE D 367 69.77 37.73 23.35
C ILE D 367 68.34 37.89 23.87
N TRP D 368 67.79 36.84 24.48
CA TRP D 368 66.36 36.75 24.78
C TRP D 368 65.96 37.15 26.20
N GLY D 369 66.93 37.35 27.09
CA GLY D 369 66.66 37.63 28.51
C GLY D 369 66.64 36.35 29.32
N ASP D 370 66.26 36.45 30.59
CA ASP D 370 66.33 35.31 31.53
C ASP D 370 65.09 34.40 31.54
N ASP D 371 64.00 34.80 30.87
CA ASP D 371 62.73 34.04 30.86
C ASP D 371 62.57 33.14 29.62
N VAL D 372 63.67 32.53 29.18
CA VAL D 372 63.71 31.85 27.87
C VAL D 372 62.78 30.63 27.72
N GLU D 373 62.44 29.99 28.84
CA GLU D 373 61.54 28.83 28.81
C GLU D 373 60.04 29.17 28.73
N GLU D 374 59.68 30.42 29.02
CA GLU D 374 58.28 30.85 28.95
C GLU D 374 57.82 31.08 27.52
N PHE D 375 56.54 30.79 27.25
CA PHE D 375 55.93 30.99 25.94
C PHE D 375 55.30 32.38 25.86
N ARG D 376 56.05 33.32 25.28
CA ARG D 376 55.58 34.70 25.07
C ARG D 376 55.70 35.08 23.58
N PRO D 377 54.59 34.98 22.82
CA PRO D 377 54.57 35.42 21.40
C PRO D 377 54.94 36.90 21.20
N GLU D 378 54.81 37.70 22.26
CA GLU D 378 55.15 39.13 22.26
C GLU D 378 56.63 39.40 21.91
N ARG D 379 57.50 38.40 22.10
CA ARG D 379 58.89 38.44 21.59
C ARG D 379 59.01 38.74 20.08
N PHE D 380 58.04 38.26 19.29
CA PHE D 380 58.04 38.44 17.83
C PHE D 380 57.05 39.52 17.34
N GLU D 381 56.67 40.43 18.24
CA GLU D 381 55.90 41.64 17.93
C GLU D 381 56.50 42.37 16.73
N ASN D 382 57.77 42.72 16.83
CA ASN D 382 58.51 43.44 15.79
C ASN D 382 59.61 42.53 15.24
N PRO D 383 59.45 42.03 13.98
CA PRO D 383 60.52 41.18 13.40
C PRO D 383 61.90 41.85 13.31
N SER D 384 61.94 43.16 13.08
CA SER D 384 63.20 43.92 13.04
C SER D 384 63.94 43.99 14.39
N ALA D 385 63.23 43.78 15.49
CA ALA D 385 63.84 43.78 16.83
C ALA D 385 64.77 42.59 17.11
N ILE D 386 64.56 41.47 16.41
CA ILE D 386 65.36 40.25 16.62
C ILE D 386 66.71 40.39 15.89
N PRO D 387 67.84 40.30 16.64
CA PRO D 387 69.16 40.42 15.98
C PRO D 387 69.45 39.36 14.92
N GLN D 388 70.41 39.64 14.04
CA GLN D 388 70.74 38.73 12.94
C GLN D 388 71.33 37.42 13.47
N HIS D 389 70.85 36.31 12.93
CA HIS D 389 71.28 34.96 13.29
C HIS D 389 70.95 34.52 14.73
N ALA D 390 70.01 35.23 15.38
CA ALA D 390 69.53 34.86 16.72
C ALA D 390 68.34 33.89 16.64
N PHE D 391 67.58 33.97 15.54
CA PHE D 391 66.38 33.16 15.33
C PHE D 391 66.51 32.46 13.98
N LYS D 392 66.90 31.18 14.01
CA LYS D 392 67.15 30.40 12.80
C LYS D 392 66.42 29.05 12.75
N PRO D 393 65.08 29.06 12.85
CA PRO D 393 64.32 27.81 12.73
C PRO D 393 64.27 27.23 11.31
N PHE D 394 64.55 28.06 10.30
CA PHE D 394 64.58 27.63 8.90
C PHE D 394 66.00 27.62 8.28
N GLY D 395 67.03 27.52 9.13
CA GLY D 395 68.42 27.45 8.66
C GLY D 395 68.97 28.79 8.24
N ASN D 396 70.01 28.75 7.39
CA ASN D 396 70.84 29.93 7.12
C ASN D 396 71.11 30.15 5.63
N GLY D 397 70.95 31.41 5.19
CA GLY D 397 71.47 31.86 3.91
C GLY D 397 70.85 31.20 2.69
N GLN D 398 71.68 30.93 1.69
CA GLN D 398 71.24 30.29 0.46
C GLN D 398 70.77 28.84 0.67
N ARG D 399 71.30 28.19 1.70
CA ARG D 399 70.85 26.84 2.11
C ARG D 399 69.77 26.85 3.20
N ALA D 400 69.07 27.97 3.36
CA ALA D 400 67.91 28.05 4.25
C ALA D 400 66.73 27.31 3.63
N CYS D 401 65.69 27.10 4.44
CA CYS D 401 64.49 26.37 4.01
C CYS D 401 63.80 27.05 2.83
N ILE D 402 63.71 26.34 1.71
CA ILE D 402 62.96 26.84 0.56
C ILE D 402 61.44 26.83 0.82
N GLY D 403 60.98 25.93 1.70
CA GLY D 403 59.56 25.83 2.04
C GLY D 403 59.05 26.70 3.19
N GLN D 404 59.84 27.67 3.63
CA GLN D 404 59.48 28.52 4.78
C GLN D 404 58.11 29.19 4.63
N GLN D 405 57.90 29.85 3.49
CA GLN D 405 56.65 30.59 3.23
C GLN D 405 55.46 29.64 3.04
N PHE D 406 55.72 28.47 2.47
CA PHE D 406 54.72 27.40 2.35
C PHE D 406 54.29 26.90 3.74
N ALA D 407 55.29 26.54 4.55
CA ALA D 407 55.04 26.03 5.90
C ALA D 407 54.26 27.03 6.76
N LEU D 408 54.68 28.29 6.73
CA LEU D 408 54.06 29.33 7.57
C LEU D 408 52.66 29.73 7.11
N HIS D 409 52.42 29.76 5.80
CA HIS D 409 51.08 30.09 5.29
C HIS D 409 50.08 28.99 5.65
N GLU D 410 50.50 27.74 5.45
CA GLU D 410 49.72 26.57 5.83
C GLU D 410 49.38 26.55 7.32
N ALA D 411 50.41 26.67 8.16
CA ALA D 411 50.24 26.62 9.61
C ALA D 411 49.36 27.77 10.13
N THR D 412 49.55 28.97 9.58
CA THR D 412 48.76 30.14 9.97
C THR D 412 47.29 30.02 9.55
N LEU D 413 47.04 29.54 8.33
CA LEU D 413 45.68 29.27 7.85
C LEU D 413 44.97 28.26 8.75
N VAL D 414 45.66 27.14 8.98
CA VAL D 414 45.10 26.01 9.71
C VAL D 414 44.88 26.35 11.18
N LEU D 415 45.88 26.95 11.82
CA LEU D 415 45.77 27.33 13.23
C LEU D 415 44.71 28.42 13.42
N GLY D 416 44.65 29.38 12.49
CA GLY D 416 43.59 30.39 12.46
C GLY D 416 42.19 29.78 12.44
N MET D 417 41.97 28.85 11.53
CA MET D 417 40.68 28.15 11.41
C MET D 417 40.34 27.32 12.65
N MET D 418 41.33 26.59 13.18
CA MET D 418 41.16 25.81 14.41
C MET D 418 40.71 26.66 15.60
N LEU D 419 41.35 27.81 15.80
CA LEU D 419 41.01 28.73 16.88
C LEU D 419 39.66 29.42 16.67
N LYS D 420 39.31 29.70 15.41
CA LYS D 420 38.00 30.24 15.07
C LYS D 420 36.87 29.28 15.42
N HIS D 421 37.03 28.02 15.05
CA HIS D 421 35.92 27.05 15.07
C HIS D 421 35.76 26.24 16.37
N PHE D 422 36.78 26.24 17.24
CA PHE D 422 36.77 25.39 18.44
C PHE D 422 37.34 26.08 19.67
N ASP D 423 36.84 25.65 20.84
CA ASP D 423 37.53 25.84 22.12
C ASP D 423 38.28 24.55 22.43
N PHE D 424 39.44 24.68 23.07
CA PHE D 424 40.31 23.53 23.32
C PHE D 424 40.51 23.27 24.81
N GLU D 425 40.50 21.99 25.16
CA GLU D 425 40.68 21.54 26.55
C GLU D 425 41.88 20.59 26.63
N ASP D 426 42.81 20.89 27.53
CA ASP D 426 43.91 19.99 27.88
C ASP D 426 43.36 18.99 28.92
N HIS D 427 42.52 18.08 28.46
CA HIS D 427 41.72 17.22 29.35
C HIS D 427 42.53 16.21 30.16
N THR D 428 43.69 15.81 29.66
CA THR D 428 44.58 14.88 30.39
C THR D 428 45.68 15.57 31.21
N ASN D 429 45.75 16.91 31.15
CA ASN D 429 46.89 17.67 31.68
C ASN D 429 48.20 17.06 31.14
N TYR D 430 48.29 17.05 29.82
CA TYR D 430 49.37 16.40 29.07
C TYR D 430 50.77 16.82 29.53
N GLU D 431 51.59 15.84 29.92
CA GLU D 431 53.01 16.10 30.22
C GLU D 431 53.80 16.00 28.92
N LEU D 432 54.55 17.05 28.61
CA LEU D 432 55.31 17.12 27.35
C LEU D 432 56.32 15.98 27.25
N ASP D 433 56.21 15.21 26.16
CA ASP D 433 57.08 14.08 25.88
C ASP D 433 57.46 14.15 24.41
N ILE D 434 58.69 14.59 24.14
CA ILE D 434 59.14 14.89 22.78
C ILE D 434 59.85 13.70 22.14
N LYS D 435 59.19 13.06 21.18
CA LYS D 435 59.76 11.96 20.41
C LYS D 435 60.60 12.53 19.28
N GLU D 436 61.79 11.96 19.07
CA GLU D 436 62.72 12.42 18.05
C GLU D 436 62.83 11.42 16.89
N THR D 437 62.64 11.92 15.67
CA THR D 437 63.02 11.24 14.44
C THR D 437 64.14 12.14 13.85
N LEU D 438 64.08 12.52 12.57
CA LEU D 438 64.82 13.72 12.13
C LEU D 438 64.14 14.98 12.69
N THR D 439 62.86 14.84 13.05
CA THR D 439 62.02 15.92 13.55
C THR D 439 61.62 15.66 15.01
N LEU D 440 61.18 16.72 15.69
CA LEU D 440 60.61 16.65 17.04
C LEU D 440 59.07 16.65 17.00
N LYS D 441 58.44 15.88 17.89
CA LYS D 441 56.98 15.81 18.03
C LYS D 441 56.58 15.67 19.50
N PRO D 442 55.51 16.36 19.94
CA PRO D 442 54.96 16.06 21.27
C PRO D 442 54.13 14.77 21.22
N GLU D 443 54.78 13.64 21.49
CA GLU D 443 54.11 12.32 21.39
C GLU D 443 53.01 12.16 22.45
N GLY D 444 51.89 11.59 22.02
CA GLY D 444 50.74 11.38 22.88
C GLY D 444 49.94 12.62 23.24
N PHE D 445 50.19 13.74 22.54
CA PHE D 445 49.50 15.00 22.84
C PHE D 445 48.05 14.90 22.35
N VAL D 446 47.12 15.04 23.29
CA VAL D 446 45.70 14.90 22.99
C VAL D 446 44.90 16.06 23.59
N VAL D 447 43.83 16.45 22.91
CA VAL D 447 42.91 17.49 23.37
C VAL D 447 41.48 17.16 22.99
N LYS D 448 40.53 17.81 23.66
CA LYS D 448 39.13 17.82 23.24
C LYS D 448 38.84 19.17 22.60
N ALA D 449 38.17 19.15 21.45
CA ALA D 449 37.77 20.36 20.74
C ALA D 449 36.25 20.48 20.79
N LYS D 450 35.75 21.41 21.59
CA LYS D 450 34.31 21.69 21.64
C LYS D 450 33.97 22.76 20.61
N SER D 451 32.99 22.47 19.75
CA SER D 451 32.66 23.34 18.63
C SER D 451 31.99 24.64 19.08
N LYS D 452 32.38 25.74 18.45
CA LYS D 452 31.73 27.04 18.61
C LYS D 452 30.56 27.23 17.62
N LYS D 453 30.32 26.23 16.77
CA LYS D 453 29.14 26.15 15.89
C LYS D 453 29.06 27.29 14.86
N ILE D 454 30.19 27.56 14.23
CA ILE D 454 30.29 28.54 13.14
C ILE D 454 30.34 27.76 11.84
N PRO D 455 29.34 27.93 10.94
CA PRO D 455 29.31 27.18 9.67
C PRO D 455 30.52 27.41 8.74
N LEU D 456 30.82 26.39 7.94
CA LEU D 456 31.80 26.47 6.85
C LEU D 456 31.12 26.79 5.52
#